data_8VT3
#
_entry.id   8VT3
#
_cell.length_a   1.00
_cell.length_b   1.00
_cell.length_c   1.00
_cell.angle_alpha   90.00
_cell.angle_beta   90.00
_cell.angle_gamma   90.00
#
_symmetry.space_group_name_H-M   'P 1'
#
loop_
_entity.id
_entity.type
_entity.pdbx_description
1 polymer 'Prefusion of HMPV (MPV-2cREKR), N-fragment'
2 polymer 'Prefusion of HMPV (MPV-2cREKR), C-fragment'
3 branched beta-D-mannopyranose-(1-4)-2-acetamido-2-deoxy-beta-D-glucopyranose-(1-4)-2-acetamido-2-deoxy-beta-D-glucopyranose
4 branched 2-acetamido-2-deoxy-beta-D-glucopyranose-(1-4)-2-acetamido-2-deoxy-beta-D-glucopyranose
5 non-polymer 2-acetamido-2-deoxy-beta-D-glucopyranose
#
loop_
_entity_poly.entity_id
_entity_poly.type
_entity_poly.pdbx_seq_one_letter_code
_entity_poly.pdbx_strand_id
1 'polypeptide(L)' GLKESYLEESCSTITEGYLSVLRTGWYTNVFTLEVGDVENLTCSDGPSLIKTELDLTKSALRELKTVSADQLARE A,B,C
2 'polypeptide(L)'
;FVLGAIALGRATAAAVTAGVAIAKTIRLESEVTAIKNALKTTNEAVSTLGNGVRVLATAVRELKDFVSKNLTRAINKNKC
DIDDLKMAVSFSQFNRRFLNVVRQFSENAGITPAISLDLMTDAELARAISNMPTSAGQIKLMLENRAMVRRKGFGILIGV
YGSSVIYMVQLPIFGVIDTPCWIVKAAPSCSEKKGNYACLLREDQGWYCQNAGSTVYYPNEKDCETRGDHVFCDTAAGIN
VAEQSKECNINISTTNYPCKVSTGRNPISMVALSPLGALVACYKGVSCSIGSNRVGIIKQLNKGCSYITNQDADTVTIDN
TVYQLSKVEGEQHVIKGRPVSSSFDPIKFPPDQFNVALDQVFENIENSQAWVRKFDEILSSIEKG
;
G,H,I
#
# COMPACT_ATOMS: atom_id res chain seq x y z
N LEU A 2 -25.04 -10.59 16.15
CA LEU A 2 -24.06 -11.57 15.73
C LEU A 2 -24.02 -12.66 16.77
N LYS A 3 -23.07 -13.57 16.68
CA LYS A 3 -22.95 -14.64 17.68
C LYS A 3 -21.56 -15.24 17.58
N GLU A 4 -20.83 -15.28 18.69
CA GLU A 4 -19.43 -15.69 18.65
C GLU A 4 -19.20 -16.92 19.52
N SER A 5 -18.47 -17.88 18.97
CA SER A 5 -18.07 -19.07 19.70
C SER A 5 -16.57 -19.04 19.91
N TYR A 6 -16.15 -19.46 21.11
CA TYR A 6 -14.75 -19.66 21.43
C TYR A 6 -14.49 -21.15 21.39
N LEU A 7 -13.71 -21.60 20.40
CA LEU A 7 -13.37 -23.01 20.26
C LEU A 7 -12.11 -23.26 21.07
N GLU A 8 -12.27 -24.03 22.15
CA GLU A 8 -11.15 -24.30 23.05
C GLU A 8 -10.17 -25.27 22.44
N GLU A 9 -10.68 -26.29 21.78
CA GLU A 9 -9.84 -27.39 21.32
C GLU A 9 -8.65 -26.89 20.50
N SER A 10 -8.83 -25.82 19.74
CA SER A 10 -7.77 -25.27 18.91
C SER A 10 -7.39 -23.86 19.26
N CYS A 11 -8.02 -23.26 20.28
CA CYS A 11 -7.82 -21.86 20.66
C CYS A 11 -8.07 -20.94 19.47
N SER A 12 -9.32 -20.90 19.04
CA SER A 12 -9.73 -20.00 17.97
C SER A 12 -11.12 -19.52 18.26
N THR A 13 -11.69 -18.71 17.36
CA THR A 13 -13.03 -18.21 17.59
C THR A 13 -13.70 -17.87 16.27
N ILE A 14 -15.00 -18.13 16.19
CA ILE A 14 -15.78 -17.96 14.96
C ILE A 14 -17.03 -17.12 15.22
N THR A 15 -17.24 -16.09 14.40
CA THR A 15 -18.34 -15.14 14.58
C THR A 15 -19.29 -15.24 13.39
N GLU A 16 -20.55 -15.51 13.66
CA GLU A 16 -21.54 -15.71 12.61
C GLU A 16 -22.66 -14.70 12.73
N GLY A 17 -23.34 -14.46 11.63
CA GLY A 17 -24.48 -13.56 11.64
C GLY A 17 -24.36 -12.41 10.68
N TYR A 18 -23.34 -12.40 9.84
CA TYR A 18 -23.15 -11.33 8.89
C TYR A 18 -24.02 -11.54 7.67
N LEU A 19 -24.01 -10.57 6.77
CA LEU A 19 -24.68 -10.67 5.48
C LEU A 19 -23.75 -10.11 4.42
N SER A 20 -23.90 -10.59 3.19
CA SER A 20 -22.92 -10.32 2.15
C SER A 20 -23.47 -9.34 1.13
N VAL A 21 -22.57 -8.56 0.54
CA VAL A 21 -22.88 -7.66 -0.57
C VAL A 21 -21.74 -7.79 -1.57
N LEU A 22 -21.92 -8.63 -2.59
CA LEU A 22 -20.84 -9.07 -3.46
C LEU A 22 -20.88 -8.36 -4.80
N ARG A 23 -19.71 -7.98 -5.29
CA ARG A 23 -19.60 -7.41 -6.63
C ARG A 23 -19.64 -8.51 -7.68
N THR A 24 -20.35 -8.25 -8.78
CA THR A 24 -20.44 -9.23 -9.86
C THR A 24 -20.21 -8.68 -11.26
N GLY A 25 -19.83 -7.42 -11.44
CA GLY A 25 -19.62 -6.90 -12.77
C GLY A 25 -19.20 -5.46 -12.71
N TRP A 26 -19.11 -4.84 -13.90
CA TRP A 26 -18.75 -3.44 -14.02
C TRP A 26 -19.73 -2.74 -14.95
N TYR A 27 -19.92 -1.43 -14.73
CA TYR A 27 -20.75 -0.60 -15.58
C TYR A 27 -19.97 0.63 -16.01
N THR A 28 -20.19 1.06 -17.25
CA THR A 28 -19.38 2.10 -17.89
C THR A 28 -20.22 3.33 -18.21
N ASN A 29 -19.74 4.49 -17.79
CA ASN A 29 -20.35 5.77 -18.11
C ASN A 29 -19.34 6.60 -18.89
N VAL A 30 -19.74 7.11 -20.06
CA VAL A 30 -18.83 7.80 -20.96
C VAL A 30 -19.19 9.28 -20.98
N PHE A 31 -18.27 10.13 -20.55
CA PHE A 31 -18.52 11.57 -20.44
C PHE A 31 -17.93 12.30 -21.64
N THR A 32 -18.30 13.58 -21.76
CA THR A 32 -17.90 14.41 -22.91
C THR A 32 -17.87 15.86 -22.44
N LEU A 33 -16.72 16.31 -21.95
CA LEU A 33 -16.62 17.58 -21.23
C LEU A 33 -16.27 18.70 -22.20
N GLU A 34 -17.28 19.23 -22.88
CA GLU A 34 -17.04 20.19 -23.94
C GLU A 34 -16.53 21.51 -23.41
N VAL A 35 -15.72 22.20 -24.23
CA VAL A 35 -14.99 23.40 -23.82
C VAL A 35 -15.35 24.61 -24.69
N GLY A 36 -15.27 24.46 -26.00
CA GLY A 36 -15.70 25.56 -26.85
C GLY A 36 -14.64 26.04 -27.79
N ASP A 37 -14.76 27.27 -28.28
CA ASP A 37 -13.74 27.86 -29.14
C ASP A 37 -12.91 28.84 -28.32
N VAL A 38 -11.92 28.30 -27.60
CA VAL A 38 -10.95 29.13 -26.90
C VAL A 38 -9.62 29.22 -27.63
N GLU A 39 -9.55 28.76 -28.87
CA GLU A 39 -8.34 28.88 -29.66
C GLU A 39 -8.35 30.08 -30.59
N ASN A 40 -9.51 30.69 -30.82
CA ASN A 40 -9.61 31.89 -31.63
C ASN A 40 -9.89 33.15 -30.81
N LEU A 41 -9.61 33.12 -29.52
CA LEU A 41 -9.72 34.30 -28.67
C LEU A 41 -8.33 34.78 -28.31
N THR A 42 -8.07 36.06 -28.55
CA THR A 42 -6.76 36.63 -28.29
C THR A 42 -6.89 37.97 -27.58
N CYS A 43 -5.83 38.37 -26.90
CA CYS A 43 -5.82 39.56 -26.07
C CYS A 43 -4.65 40.44 -26.47
N SER A 44 -4.83 41.76 -26.36
CA SER A 44 -3.78 42.69 -26.77
C SER A 44 -3.60 43.87 -25.83
N ASP A 45 -4.38 43.99 -24.76
CA ASP A 45 -4.31 45.17 -23.92
C ASP A 45 -3.30 45.06 -22.80
N GLY A 46 -2.67 43.91 -22.60
CA GLY A 46 -1.72 43.73 -21.53
C GLY A 46 -2.31 42.93 -20.39
N PRO A 47 -1.74 43.07 -19.20
CA PRO A 47 -2.25 42.32 -18.04
C PRO A 47 -3.68 42.71 -17.69
N SER A 48 -4.46 41.72 -17.29
CA SER A 48 -5.83 41.87 -16.82
C SER A 48 -6.23 40.54 -16.18
N LEU A 49 -7.53 40.37 -15.90
CA LEU A 49 -7.99 39.14 -15.27
C LEU A 49 -8.48 38.11 -16.29
N ILE A 50 -9.27 38.57 -17.27
CA ILE A 50 -9.76 37.67 -18.30
C ILE A 50 -8.59 37.07 -19.08
N LYS A 51 -7.54 37.86 -19.30
CA LYS A 51 -6.38 37.33 -20.02
C LYS A 51 -5.74 36.19 -19.26
N THR A 52 -5.59 36.34 -17.95
CA THR A 52 -5.00 35.27 -17.15
C THR A 52 -5.85 34.00 -17.20
N GLU A 53 -7.17 34.15 -17.05
CA GLU A 53 -8.02 32.96 -17.09
C GLU A 53 -8.00 32.30 -18.46
N LEU A 54 -8.02 33.09 -19.53
CA LEU A 54 -7.98 32.55 -20.88
C LEU A 54 -6.69 31.80 -21.13
N ASP A 55 -5.57 32.34 -20.68
CA ASP A 55 -4.29 31.65 -20.87
C ASP A 55 -4.25 30.35 -20.09
N LEU A 56 -4.83 30.33 -18.88
CA LEU A 56 -4.88 29.08 -18.13
C LEU A 56 -5.67 28.01 -18.87
N THR A 57 -6.83 28.37 -19.41
CA THR A 57 -7.65 27.40 -20.12
C THR A 57 -6.95 26.87 -21.37
N LYS A 58 -6.37 27.77 -22.16
CA LYS A 58 -5.66 27.33 -23.37
C LYS A 58 -4.50 26.40 -23.02
N SER A 59 -3.72 26.75 -21.99
CA SER A 59 -2.59 25.91 -21.63
C SER A 59 -3.03 24.53 -21.18
N ALA A 60 -4.16 24.45 -20.45
CA ALA A 60 -4.64 23.14 -20.03
C ALA A 60 -5.02 22.28 -21.24
N LEU A 61 -5.73 22.87 -22.20
CA LEU A 61 -6.07 22.10 -23.40
C LEU A 61 -4.82 21.62 -24.11
N ARG A 62 -3.81 22.48 -24.22
CA ARG A 62 -2.60 22.09 -24.93
C ARG A 62 -1.84 20.98 -24.21
N GLU A 63 -1.80 21.02 -22.88
CA GLU A 63 -1.01 20.00 -22.18
C GLU A 63 -1.75 18.69 -21.99
N LEU A 64 -3.06 18.65 -22.19
CA LEU A 64 -3.74 17.36 -22.07
C LEU A 64 -3.50 16.42 -23.25
N LYS A 65 -2.79 16.86 -24.29
CA LYS A 65 -2.61 16.03 -25.47
C LYS A 65 -1.29 15.26 -25.48
N THR A 66 -0.62 15.15 -24.34
CA THR A 66 0.57 14.32 -24.24
C THR A 66 0.41 13.19 -23.23
N VAL A 67 -0.82 12.91 -22.80
CA VAL A 67 -1.11 11.89 -21.80
C VAL A 67 -1.82 10.75 -22.49
N SER A 68 -1.35 9.53 -22.27
CA SER A 68 -1.93 8.34 -22.88
C SER A 68 -2.24 7.33 -21.80
N ALA A 69 -3.40 6.67 -21.91
CA ALA A 69 -3.75 5.63 -20.95
C ALA A 69 -2.88 4.40 -21.10
N ASP A 70 -2.93 3.71 -22.24
CA ASP A 70 -1.97 2.67 -22.60
C ASP A 70 -1.64 2.77 -24.10
N GLN A 71 -0.60 3.55 -24.39
CA GLN A 71 0.16 3.55 -25.65
C GLN A 71 1.29 4.55 -25.50
N LEU A 72 2.42 4.34 -26.17
CA LEU A 72 3.50 5.32 -26.10
C LEU A 72 3.38 6.30 -27.26
N ALA A 73 3.40 7.59 -26.93
CA ALA A 73 3.18 8.64 -27.92
C ALA A 73 4.39 8.83 -28.81
N ARG A 74 5.52 8.23 -28.45
CA ARG A 74 6.77 8.48 -29.18
C ARG A 74 6.60 8.27 -30.67
N GLU A 75 6.37 7.03 -31.08
CA GLU A 75 6.23 6.68 -32.50
C GLU A 75 7.32 7.29 -33.37
N LEU B 2 26.03 7.74 16.02
CA LEU B 2 25.57 6.37 16.19
C LEU B 2 26.78 5.50 16.28
N LYS B 3 26.64 4.19 16.12
CA LYS B 3 27.81 3.31 16.18
C LYS B 3 27.46 1.98 15.53
N GLU B 4 28.20 1.60 14.49
CA GLU B 4 27.87 0.41 13.73
C GLU B 4 28.95 -0.64 13.86
N SER B 5 28.55 -1.87 14.13
CA SER B 5 29.45 -3.00 14.18
C SER B 5 29.15 -3.92 13.01
N TYR B 6 30.20 -4.48 12.43
CA TYR B 6 30.11 -5.47 11.37
C TYR B 6 30.39 -6.83 12.01
N LEU B 7 29.33 -7.58 12.27
CA LEU B 7 29.43 -8.92 12.81
C LEU B 7 29.87 -9.84 11.69
N GLU B 8 31.12 -10.30 11.76
CA GLU B 8 31.69 -11.08 10.68
C GLU B 8 31.22 -12.52 10.70
N GLU B 9 30.97 -13.07 11.87
CA GLU B 9 30.61 -14.47 11.98
C GLU B 9 29.37 -14.81 11.17
N SER B 10 28.33 -13.99 11.28
CA SER B 10 27.08 -14.25 10.60
C SER B 10 26.85 -13.36 9.40
N CYS B 11 27.81 -12.50 9.06
CA CYS B 11 27.70 -11.54 7.95
C CYS B 11 26.49 -10.64 8.13
N SER B 12 26.55 -9.80 9.17
CA SER B 12 25.46 -8.88 9.43
C SER B 12 26.03 -7.65 10.12
N THR B 13 25.17 -6.67 10.44
CA THR B 13 25.61 -5.47 11.14
C THR B 13 24.58 -5.05 12.15
N ILE B 14 25.03 -4.28 13.15
CA ILE B 14 24.14 -3.78 14.19
C ILE B 14 24.51 -2.32 14.50
N THR B 15 23.52 -1.44 14.49
CA THR B 15 23.76 0.00 14.64
C THR B 15 23.06 0.53 15.88
N GLU B 16 23.83 0.83 16.92
CA GLU B 16 23.28 1.27 18.18
C GLU B 16 23.47 2.76 18.36
N GLY B 17 22.61 3.36 19.17
CA GLY B 17 22.75 4.76 19.51
C GLY B 17 21.51 5.58 19.25
N TYR B 18 20.43 4.95 18.79
CA TYR B 18 19.20 5.66 18.50
C TYR B 18 18.48 6.00 19.80
N LEU B 19 17.34 6.67 19.68
CA LEU B 19 16.46 6.95 20.80
C LEU B 19 15.03 6.78 20.33
N SER B 20 14.13 6.44 21.25
CA SER B 20 12.80 6.01 20.89
C SER B 20 11.77 7.08 21.23
N VAL B 21 10.71 7.14 20.42
CA VAL B 21 9.55 7.98 20.68
C VAL B 21 8.29 7.18 20.40
N LEU B 22 7.69 6.62 21.44
CA LEU B 22 6.67 5.58 21.30
C LEU B 22 5.27 6.15 21.51
N ARG B 23 4.31 5.63 20.76
CA ARG B 23 2.92 5.99 20.93
C ARG B 23 2.28 5.11 21.98
N THR B 24 1.57 5.71 22.94
CA THR B 24 0.91 4.95 23.99
C THR B 24 -0.55 5.36 24.24
N GLY B 25 -1.32 5.69 23.21
CA GLY B 25 -2.72 5.99 23.42
C GLY B 25 -3.21 6.95 22.37
N TRP B 26 -4.48 7.31 22.49
CA TRP B 26 -5.13 8.22 21.55
C TRP B 26 -5.85 9.32 22.32
N TYR B 27 -5.89 10.52 21.73
CA TYR B 27 -6.63 11.65 22.26
C TYR B 27 -7.63 12.13 21.23
N THR B 28 -8.83 12.47 21.67
CA THR B 28 -9.98 12.72 20.82
C THR B 28 -10.42 14.17 20.88
N ASN B 29 -10.64 14.78 19.72
CA ASN B 29 -11.13 16.15 19.61
C ASN B 29 -12.43 16.14 18.82
N VAL B 30 -13.44 16.87 19.28
CA VAL B 30 -14.77 16.86 18.68
C VAL B 30 -15.09 18.27 18.18
N PHE B 31 -15.39 18.38 16.89
CA PHE B 31 -15.64 19.67 16.25
C PHE B 31 -17.11 19.84 15.94
N THR B 32 -17.55 21.09 15.79
CA THR B 32 -18.95 21.42 15.52
C THR B 32 -19.00 22.57 14.52
N LEU B 33 -18.97 22.25 13.23
CA LEU B 33 -18.87 23.26 12.18
C LEU B 33 -20.26 23.74 11.79
N GLU B 34 -20.59 24.96 12.15
CA GLU B 34 -21.93 25.49 11.99
C GLU B 34 -22.08 26.30 10.71
N VAL B 35 -23.25 26.20 10.09
CA VAL B 35 -23.49 26.69 8.75
C VAL B 35 -24.54 27.79 8.70
N GLY B 36 -25.45 27.82 9.66
CA GLY B 36 -26.47 28.85 9.65
C GLY B 36 -27.74 28.37 8.98
N ASP B 37 -28.58 29.34 8.63
CA ASP B 37 -29.86 29.07 7.98
C ASP B 37 -29.78 29.34 6.49
N VAL B 38 -29.03 28.49 5.78
CA VAL B 38 -28.98 28.57 4.33
C VAL B 38 -30.03 27.73 3.65
N GLU B 39 -31.00 27.20 4.40
CA GLU B 39 -32.07 26.43 3.80
C GLU B 39 -33.34 27.24 3.59
N ASN B 40 -33.38 28.49 4.03
CA ASN B 40 -34.55 29.32 3.88
C ASN B 40 -34.39 30.48 2.90
N LEU B 41 -33.19 30.66 2.35
CA LEU B 41 -32.90 31.80 1.48
C LEU B 41 -33.07 31.39 0.02
N THR B 42 -33.73 32.24 -0.75
CA THR B 42 -34.09 31.93 -2.13
C THR B 42 -33.60 33.03 -3.07
N CYS B 43 -33.61 32.71 -4.36
CA CYS B 43 -33.23 33.61 -5.44
C CYS B 43 -34.33 33.63 -6.48
N SER B 44 -34.63 34.81 -7.02
CA SER B 44 -35.71 34.90 -8.01
C SER B 44 -35.41 35.88 -9.14
N ASP B 45 -34.13 36.15 -9.43
CA ASP B 45 -33.80 37.03 -10.55
C ASP B 45 -33.22 36.28 -11.74
N GLY B 46 -32.62 35.12 -11.54
CA GLY B 46 -31.91 34.46 -12.60
C GLY B 46 -30.47 34.25 -12.18
N PRO B 47 -29.59 34.07 -13.16
CA PRO B 47 -28.19 33.78 -12.82
C PRO B 47 -27.49 34.98 -12.20
N SER B 48 -26.59 34.70 -11.27
CA SER B 48 -25.79 35.70 -10.56
C SER B 48 -24.77 34.95 -9.72
N LEU B 49 -23.87 35.70 -9.09
CA LEU B 49 -22.80 35.08 -8.31
C LEU B 49 -23.31 34.54 -6.98
N ILE B 50 -24.13 35.33 -6.29
CA ILE B 50 -24.65 34.91 -4.99
C ILE B 50 -25.51 33.67 -5.15
N LYS B 51 -26.31 33.60 -6.22
CA LYS B 51 -27.16 32.45 -6.42
C LYS B 51 -26.34 31.18 -6.61
N THR B 52 -25.24 31.26 -7.36
CA THR B 52 -24.40 30.09 -7.55
C THR B 52 -23.78 29.64 -6.23
N GLU B 53 -23.28 30.59 -5.44
CA GLU B 53 -22.70 30.19 -4.16
C GLU B 53 -23.74 29.56 -3.24
N LEU B 54 -24.94 30.14 -3.22
CA LEU B 54 -26.01 29.64 -2.36
C LEU B 54 -26.42 28.23 -2.76
N ASP B 55 -26.53 27.98 -4.07
CA ASP B 55 -26.86 26.63 -4.54
C ASP B 55 -25.79 25.64 -4.14
N LEU B 56 -24.51 26.03 -4.24
CA LEU B 56 -23.44 25.14 -3.83
C LEU B 56 -23.54 24.76 -2.35
N THR B 57 -23.78 25.75 -1.49
CA THR B 57 -23.84 25.44 -0.06
C THR B 57 -25.04 24.58 0.29
N LYS B 58 -26.22 24.92 -0.24
CA LYS B 58 -27.39 24.08 0.01
C LYS B 58 -27.16 22.65 -0.45
N SER B 59 -26.60 22.48 -1.65
CA SER B 59 -26.38 21.13 -2.15
C SER B 59 -25.38 20.36 -1.30
N ALA B 60 -24.37 21.04 -0.78
CA ALA B 60 -23.41 20.34 0.08
C ALA B 60 -24.10 19.80 1.32
N LEU B 61 -24.95 20.61 1.97
CA LEU B 61 -25.69 20.08 3.11
C LEU B 61 -26.55 18.90 2.72
N ARG B 62 -27.28 19.00 1.61
CA ARG B 62 -28.19 17.91 1.27
C ARG B 62 -27.45 16.64 0.87
N GLU B 63 -26.20 16.77 0.42
CA GLU B 63 -25.42 15.59 0.07
C GLU B 63 -24.81 14.92 1.29
N LEU B 64 -24.41 15.69 2.30
CA LEU B 64 -23.73 15.06 3.43
C LEU B 64 -24.65 14.20 4.30
N LYS B 65 -25.91 14.00 3.94
CA LYS B 65 -26.79 13.19 4.77
C LYS B 65 -26.98 11.77 4.26
N THR B 66 -26.27 11.37 3.21
CA THR B 66 -26.30 10.00 2.73
C THR B 66 -25.01 9.24 3.05
N VAL B 67 -24.13 9.83 3.84
CA VAL B 67 -22.86 9.23 4.20
C VAL B 67 -22.95 8.74 5.63
N SER B 68 -22.57 7.49 5.86
CA SER B 68 -22.58 6.90 7.19
C SER B 68 -21.22 6.28 7.45
N ALA B 69 -20.66 6.58 8.62
CA ALA B 69 -19.31 6.13 8.92
C ALA B 69 -19.25 4.61 9.07
N ASP B 70 -20.02 4.06 9.98
CA ASP B 70 -20.01 2.61 10.19
C ASP B 70 -21.41 2.10 10.52
N GLN B 71 -22.38 2.41 9.66
CA GLN B 71 -23.68 1.76 9.69
C GLN B 71 -24.30 1.87 8.29
N LEU B 72 -25.16 0.93 7.94
CA LEU B 72 -25.87 1.04 6.68
C LEU B 72 -27.26 1.62 6.90
N ALA B 73 -27.91 1.97 5.79
CA ALA B 73 -29.25 2.54 5.83
C ALA B 73 -30.20 1.60 5.12
N ARG B 74 -31.24 1.16 5.84
CA ARG B 74 -32.30 0.34 5.28
C ARG B 74 -33.63 0.99 5.62
N GLU B 75 -34.67 0.54 4.93
CA GLU B 75 -36.03 1.04 5.15
C GLU B 75 -36.12 2.55 4.95
N LEU C 2 3.66 -9.38 -30.19
CA LEU C 2 4.00 -10.17 -29.03
C LEU C 2 3.86 -11.62 -29.44
N LYS C 3 4.19 -12.56 -28.56
CA LYS C 3 4.13 -13.97 -28.93
C LYS C 3 4.09 -14.81 -27.68
N GLU C 4 3.03 -15.59 -27.50
CA GLU C 4 2.83 -16.33 -26.27
C GLU C 4 2.86 -17.83 -26.51
N SER C 5 3.68 -18.53 -25.75
CA SER C 5 3.76 -19.98 -25.80
C SER C 5 3.11 -20.57 -24.56
N TYR C 6 2.33 -21.63 -24.76
CA TYR C 6 1.74 -22.41 -23.68
C TYR C 6 2.64 -23.60 -23.45
N LEU C 7 3.47 -23.54 -22.41
CA LEU C 7 4.36 -24.61 -22.02
C LEU C 7 3.52 -25.66 -21.32
N GLU C 8 3.31 -26.80 -21.99
CA GLU C 8 2.39 -27.80 -21.49
C GLU C 8 2.98 -28.62 -20.37
N GLU C 9 4.27 -28.93 -20.46
CA GLU C 9 4.89 -29.83 -19.50
C GLU C 9 4.77 -29.30 -18.08
N SER C 10 5.00 -28.01 -17.90
CA SER C 10 4.97 -27.40 -16.59
C SER C 10 3.70 -26.61 -16.33
N CYS C 11 2.80 -26.54 -17.30
CA CYS C 11 1.55 -25.79 -17.19
C CYS C 11 1.82 -24.32 -16.89
N SER C 12 2.43 -23.64 -17.85
CA SER C 12 2.75 -22.23 -17.70
C SER C 12 2.74 -21.59 -19.07
N THR C 13 2.98 -20.27 -19.12
CA THR C 13 3.06 -19.57 -20.40
C THR C 13 4.18 -18.56 -20.36
N ILE C 14 4.76 -18.29 -21.52
CA ILE C 14 5.83 -17.31 -21.65
C ILE C 14 5.51 -16.37 -22.82
N THR C 15 5.53 -15.06 -22.56
CA THR C 15 5.15 -14.06 -23.54
C THR C 15 6.34 -13.19 -23.88
N GLU C 16 6.72 -13.16 -25.15
CA GLU C 16 7.93 -12.49 -25.59
C GLU C 16 7.61 -11.41 -26.61
N GLY C 17 8.46 -10.40 -26.67
CA GLY C 17 8.30 -9.36 -27.66
C GLY C 17 8.19 -7.97 -27.08
N TYR C 18 8.52 -7.81 -25.82
CA TYR C 18 8.45 -6.52 -25.16
C TYR C 18 9.77 -5.76 -25.35
N LEU C 19 9.79 -4.52 -24.88
CA LEU C 19 10.98 -3.69 -24.92
C LEU C 19 11.08 -2.95 -23.59
N SER C 20 12.30 -2.72 -23.12
CA SER C 20 12.51 -2.24 -21.77
C SER C 20 12.86 -0.76 -21.75
N VAL C 21 12.45 -0.08 -20.68
CA VAL C 21 12.82 1.31 -20.43
C VAL C 21 13.20 1.42 -18.96
N LEU C 22 14.50 1.35 -18.66
CA LEU C 22 15.01 1.15 -17.31
C LEU C 22 15.55 2.44 -16.73
N ARG C 23 15.27 2.66 -15.44
CA ARG C 23 15.84 3.79 -14.72
C ARG C 23 17.27 3.47 -14.30
N THR C 24 18.16 4.45 -14.43
CA THR C 24 19.56 4.26 -14.05
C THR C 24 20.14 5.34 -13.15
N GLY C 25 19.41 6.36 -12.78
CA GLY C 25 19.96 7.40 -11.93
C GLY C 25 18.90 8.40 -11.56
N TRP C 26 19.32 9.49 -10.91
CA TRP C 26 18.42 10.56 -10.52
C TRP C 26 18.98 11.89 -10.96
N TYR C 27 18.10 12.87 -11.14
CA TYR C 27 18.48 14.24 -11.47
C TYR C 27 17.77 15.19 -10.53
N THR C 28 18.49 16.17 -10.01
CA THR C 28 18.01 17.05 -8.96
C THR C 28 17.80 18.46 -9.48
N ASN C 29 16.61 18.99 -9.26
CA ASN C 29 16.25 20.36 -9.62
C ASN C 29 15.96 21.13 -8.34
N VAL C 30 16.56 22.31 -8.18
CA VAL C 30 16.45 23.09 -6.96
C VAL C 30 15.67 24.36 -7.28
N PHE C 31 14.58 24.60 -6.55
CA PHE C 31 13.70 25.73 -6.78
C PHE C 31 13.93 26.78 -5.72
N THR C 32 13.29 27.94 -5.89
CA THR C 32 13.45 29.07 -4.96
C THR C 32 12.22 29.95 -5.11
N LEU C 33 11.22 29.77 -4.27
CA LEU C 33 9.91 30.38 -4.46
C LEU C 33 9.82 31.62 -3.57
N GLU C 34 10.07 32.79 -4.16
CA GLU C 34 10.18 34.02 -3.40
C GLU C 34 8.82 34.67 -3.13
N VAL C 35 8.74 35.39 -2.02
CA VAL C 35 7.48 35.90 -1.51
C VAL C 35 7.47 37.41 -1.30
N GLY C 36 8.61 38.07 -1.21
CA GLY C 36 8.61 39.51 -1.02
C GLY C 36 8.53 39.86 0.45
N ASP C 37 8.23 41.14 0.73
CA ASP C 37 8.15 41.61 2.11
C ASP C 37 6.69 41.74 2.54
N VAL C 38 6.08 40.59 2.82
CA VAL C 38 4.73 40.62 3.39
C VAL C 38 4.74 40.77 4.89
N GLU C 39 5.90 40.76 5.53
CA GLU C 39 5.98 40.93 6.97
C GLU C 39 5.92 42.38 7.42
N ASN C 40 6.07 43.33 6.51
CA ASN C 40 6.11 44.75 6.87
C ASN C 40 4.85 45.49 6.49
N LEU C 41 3.79 44.80 6.10
CA LEU C 41 2.53 45.43 5.71
C LEU C 41 1.48 45.11 6.76
N THR C 42 0.87 46.15 7.32
CA THR C 42 -0.13 46.00 8.37
C THR C 42 -1.47 46.56 7.91
N CYS C 43 -2.49 46.35 8.73
CA CYS C 43 -3.87 46.66 8.38
C CYS C 43 -4.53 47.35 9.56
N SER C 44 -5.19 48.48 9.33
CA SER C 44 -5.75 49.24 10.45
C SER C 44 -7.16 49.76 10.19
N ASP C 45 -7.95 49.11 9.35
CA ASP C 45 -9.34 49.50 9.14
C ASP C 45 -10.31 48.54 9.82
N GLY C 46 -10.24 47.26 9.46
CA GLY C 46 -11.24 46.29 9.84
C GLY C 46 -11.37 45.26 8.75
N PRO C 47 -12.45 44.50 8.74
CA PRO C 47 -12.58 43.41 7.78
C PRO C 47 -12.68 43.91 6.35
N SER C 48 -11.89 43.31 5.48
CA SER C 48 -11.91 43.60 4.05
C SER C 48 -11.40 42.36 3.31
N LEU C 49 -11.06 42.53 2.04
CA LEU C 49 -10.58 41.39 1.26
C LEU C 49 -9.05 41.30 1.26
N ILE C 50 -8.38 42.43 1.05
CA ILE C 50 -6.92 42.43 1.06
C ILE C 50 -6.41 41.99 2.41
N LYS C 51 -7.08 42.39 3.49
CA LYS C 51 -6.63 41.99 4.82
C LYS C 51 -6.69 40.50 5.01
N THR C 52 -7.78 39.87 4.55
CA THR C 52 -7.90 38.42 4.68
C THR C 52 -6.81 37.70 3.89
N GLU C 53 -6.58 38.14 2.66
CA GLU C 53 -5.54 37.50 1.86
C GLU C 53 -4.16 37.66 2.50
N LEU C 54 -3.86 38.87 2.99
CA LEU C 54 -2.57 39.14 3.58
C LEU C 54 -2.35 38.32 4.84
N ASP C 55 -3.40 38.16 5.66
CA ASP C 55 -3.27 37.34 6.85
C ASP C 55 -3.01 35.89 6.51
N LEU C 56 -3.67 35.36 5.46
CA LEU C 56 -3.34 34.01 5.01
C LEU C 56 -1.88 33.88 4.63
N THR C 57 -1.34 34.85 3.87
CA THR C 57 0.04 34.71 3.41
C THR C 57 1.03 34.77 4.57
N LYS C 58 0.85 35.73 5.48
CA LYS C 58 1.75 35.80 6.63
C LYS C 58 1.68 34.53 7.47
N SER C 59 0.47 34.01 7.71
CA SER C 59 0.36 32.80 8.51
C SER C 59 1.04 31.61 7.83
N ALA C 60 0.96 31.54 6.51
CA ALA C 60 1.62 30.42 5.83
C ALA C 60 3.13 30.48 6.01
N LEU C 61 3.73 31.66 5.86
CA LEU C 61 5.16 31.76 6.14
C LEU C 61 5.47 31.33 7.57
N ARG C 62 4.74 31.86 8.54
CA ARG C 62 5.07 31.56 9.93
C ARG C 62 4.89 30.07 10.24
N GLU C 63 3.96 29.41 9.55
CA GLU C 63 3.71 27.98 9.77
C GLU C 63 4.81 27.12 9.18
N LEU C 64 5.30 27.47 7.99
CA LEU C 64 6.24 26.57 7.32
C LEU C 64 7.58 26.44 8.04
N LYS C 65 7.87 27.26 9.04
CA LYS C 65 9.18 27.27 9.67
C LYS C 65 9.31 26.27 10.80
N THR C 66 8.33 25.39 11.01
CA THR C 66 8.43 24.35 12.02
C THR C 66 8.30 22.95 11.41
N VAL C 67 8.58 22.81 10.12
CA VAL C 67 8.51 21.54 9.42
C VAL C 67 9.92 21.15 9.02
N SER C 68 10.32 19.93 9.36
CA SER C 68 11.67 19.46 9.11
C SER C 68 11.61 18.11 8.42
N ALA C 69 12.43 17.94 7.38
CA ALA C 69 12.55 16.66 6.71
C ALA C 69 13.60 15.76 7.34
N ASP C 70 14.29 16.23 8.38
CA ASP C 70 15.27 15.47 9.11
C ASP C 70 15.68 16.29 10.32
N GLN C 71 16.34 15.65 11.30
CA GLN C 71 16.84 16.36 12.47
C GLN C 71 15.74 17.05 13.29
N LEU C 72 14.95 16.29 14.03
CA LEU C 72 13.92 16.84 14.91
C LEU C 72 14.40 18.10 15.62
N ALA C 73 13.53 19.11 15.67
CA ALA C 73 13.89 20.43 16.15
C ALA C 73 13.92 20.54 17.67
N ARG C 74 13.88 19.43 18.39
CA ARG C 74 13.95 19.48 19.85
C ARG C 74 15.23 20.18 20.29
N GLU C 75 15.10 21.39 20.79
CA GLU C 75 16.26 22.18 21.17
C GLU C 75 15.86 23.26 22.18
N PHE D 1 0.76 -25.82 -0.70
CA PHE D 1 0.26 -24.57 -1.23
C PHE D 1 -0.08 -23.62 -0.10
N VAL D 2 0.38 -22.38 -0.22
CA VAL D 2 0.07 -21.32 0.73
C VAL D 2 -1.01 -20.48 0.09
N LEU D 3 -2.26 -20.65 0.55
CA LEU D 3 -3.39 -20.00 -0.09
C LEU D 3 -3.37 -18.49 0.06
N GLY D 4 -2.68 -17.96 1.06
CA GLY D 4 -2.68 -16.53 1.23
C GLY D 4 -1.85 -15.78 0.22
N ALA D 5 -0.94 -16.49 -0.47
CA ALA D 5 -0.03 -15.88 -1.44
C ALA D 5 -0.37 -16.20 -2.88
N ILE D 6 -1.14 -17.26 -3.14
CA ILE D 6 -1.64 -17.50 -4.48
C ILE D 6 -2.58 -16.38 -4.91
N ALA D 7 -3.38 -15.88 -3.97
CA ALA D 7 -4.15 -14.65 -4.10
C ALA D 7 -3.19 -13.49 -3.92
N LEU D 8 -3.67 -12.33 -3.46
CA LEU D 8 -2.80 -11.18 -3.30
C LEU D 8 -2.31 -10.64 -4.63
N GLY D 9 -3.22 -10.05 -5.38
CA GLY D 9 -2.90 -9.34 -6.60
C GLY D 9 -3.94 -9.56 -7.66
N ARG D 10 -4.83 -10.52 -7.45
CA ARG D 10 -5.83 -10.85 -8.45
C ARG D 10 -6.94 -9.83 -8.52
N ALA D 11 -7.26 -9.17 -7.39
CA ALA D 11 -8.41 -8.29 -7.37
C ALA D 11 -8.17 -7.04 -8.19
N THR D 12 -7.00 -6.43 -8.03
CA THR D 12 -6.66 -5.20 -8.73
C THR D 12 -6.20 -5.47 -10.16
N ALA D 13 -5.53 -6.59 -10.39
CA ALA D 13 -5.08 -6.90 -11.74
C ALA D 13 -6.23 -7.27 -12.65
N ALA D 14 -7.26 -7.92 -12.13
CA ALA D 14 -8.40 -8.29 -12.95
C ALA D 14 -9.36 -7.14 -13.19
N ALA D 15 -9.24 -6.04 -12.44
CA ALA D 15 -10.09 -4.89 -12.66
C ALA D 15 -9.54 -3.97 -13.73
N VAL D 16 -8.23 -3.74 -13.72
CA VAL D 16 -7.59 -2.90 -14.72
C VAL D 16 -7.55 -3.58 -16.08
N THR D 17 -7.43 -4.91 -16.11
CA THR D 17 -7.45 -5.63 -17.38
C THR D 17 -8.78 -5.47 -18.11
N ALA D 18 -9.89 -5.51 -17.36
CA ALA D 18 -11.20 -5.31 -17.95
C ALA D 18 -11.48 -3.85 -18.27
N GLY D 19 -10.83 -2.93 -17.56
CA GLY D 19 -11.02 -1.52 -17.87
C GLY D 19 -10.38 -1.10 -19.18
N VAL D 20 -9.17 -1.58 -19.45
CA VAL D 20 -8.45 -1.15 -20.65
C VAL D 20 -8.92 -1.89 -21.90
N ALA D 21 -9.48 -3.09 -21.76
CA ALA D 21 -9.98 -3.81 -22.92
C ALA D 21 -11.25 -3.22 -23.49
N ILE D 22 -11.90 -2.29 -22.79
CA ILE D 22 -13.12 -1.64 -23.26
C ILE D 22 -12.81 -0.20 -23.68
N ALA D 23 -11.73 0.37 -23.16
CA ALA D 23 -11.30 1.66 -23.68
C ALA D 23 -10.76 1.53 -25.08
N LYS D 24 -10.15 0.39 -25.40
CA LYS D 24 -9.60 0.11 -26.72
C LYS D 24 -10.67 0.07 -27.80
N THR D 25 -11.95 -0.02 -27.44
CA THR D 25 -13.04 0.03 -28.40
C THR D 25 -13.65 1.42 -28.56
N ILE D 26 -13.82 2.15 -27.46
CA ILE D 26 -14.36 3.51 -27.54
C ILE D 26 -13.34 4.47 -28.14
N ARG D 27 -12.07 4.12 -28.15
CA ARG D 27 -11.04 5.01 -28.67
C ARG D 27 -11.00 5.04 -30.19
N LEU D 28 -11.70 4.14 -30.87
CA LEU D 28 -11.72 4.17 -32.32
C LEU D 28 -12.32 5.48 -32.81
N GLU D 29 -12.15 5.75 -34.10
CA GLU D 29 -12.83 6.87 -34.70
C GLU D 29 -14.25 6.52 -35.14
N SER D 30 -14.57 5.24 -35.24
CA SER D 30 -15.90 4.83 -35.62
C SER D 30 -16.88 4.94 -34.46
N GLU D 31 -16.44 4.73 -33.23
CA GLU D 31 -17.33 4.76 -32.08
C GLU D 31 -17.49 6.14 -31.50
N VAL D 32 -16.46 6.98 -31.54
CA VAL D 32 -16.59 8.34 -31.03
C VAL D 32 -17.52 9.16 -31.90
N THR D 33 -17.49 8.97 -33.21
CA THR D 33 -18.46 9.64 -34.05
C THR D 33 -19.87 9.16 -33.77
N ALA D 34 -20.02 7.92 -33.32
CA ALA D 34 -21.35 7.40 -33.03
C ALA D 34 -21.87 7.85 -31.69
N ILE D 35 -20.97 7.99 -30.70
CA ILE D 35 -21.38 8.48 -29.39
C ILE D 35 -21.83 9.93 -29.47
N LYS D 36 -21.02 10.78 -30.09
CA LYS D 36 -21.29 12.20 -30.16
C LYS D 36 -22.47 12.54 -31.07
N ASN D 37 -23.01 11.57 -31.81
CA ASN D 37 -24.23 11.76 -32.55
C ASN D 37 -25.48 11.39 -31.74
N ALA D 38 -25.31 10.70 -30.61
CA ALA D 38 -26.44 10.46 -29.72
C ALA D 38 -26.78 11.69 -28.89
N LEU D 39 -25.78 12.45 -28.47
CA LEU D 39 -25.94 13.60 -27.60
C LEU D 39 -26.12 14.90 -28.35
N LYS D 40 -26.42 14.84 -29.64
CA LYS D 40 -26.60 16.08 -30.39
C LYS D 40 -27.86 16.82 -29.98
N THR D 41 -28.82 16.13 -29.38
CA THR D 41 -30.10 16.71 -28.99
C THR D 41 -30.31 16.74 -27.48
N THR D 42 -30.04 15.64 -26.79
CA THR D 42 -30.25 15.51 -25.36
C THR D 42 -28.91 15.52 -24.65
N ASN D 43 -28.94 15.26 -23.34
CA ASN D 43 -27.72 15.20 -22.54
C ASN D 43 -27.51 13.84 -21.91
N GLU D 44 -28.18 12.80 -22.40
CA GLU D 44 -27.98 11.45 -21.90
C GLU D 44 -28.70 10.45 -22.77
N ALA D 45 -28.02 9.38 -23.18
CA ALA D 45 -28.64 8.37 -24.02
C ALA D 45 -27.86 7.08 -23.87
N VAL D 46 -28.58 5.96 -23.82
CA VAL D 46 -27.97 4.66 -23.59
C VAL D 46 -27.64 4.04 -24.94
N SER D 47 -26.35 3.92 -25.24
CA SER D 47 -25.88 3.49 -26.54
C SER D 47 -25.15 2.16 -26.43
N THR D 48 -25.18 1.38 -27.51
CA THR D 48 -24.52 0.09 -27.59
C THR D 48 -23.27 0.21 -28.44
N LEU D 49 -22.16 -0.36 -27.98
CA LEU D 49 -20.91 -0.25 -28.71
C LEU D 49 -20.91 -1.22 -29.89
N GLY D 50 -19.75 -1.38 -30.51
CA GLY D 50 -19.63 -2.25 -31.66
C GLY D 50 -19.34 -3.69 -31.34
N ASN D 51 -19.06 -4.03 -30.09
CA ASN D 51 -18.83 -5.42 -29.71
C ASN D 51 -19.92 -5.94 -28.78
N GLY D 52 -21.07 -5.28 -28.71
CA GLY D 52 -22.22 -5.79 -28.02
C GLY D 52 -22.47 -5.20 -26.64
N VAL D 53 -21.48 -4.57 -26.03
CA VAL D 53 -21.61 -4.03 -24.69
C VAL D 53 -22.40 -2.74 -24.75
N ARG D 54 -23.16 -2.45 -23.69
CA ARG D 54 -23.95 -1.22 -23.58
C ARG D 54 -23.29 -0.26 -22.60
N VAL D 55 -23.18 1.00 -22.99
CA VAL D 55 -22.62 2.05 -22.15
C VAL D 55 -23.69 3.11 -21.98
N LEU D 56 -23.43 4.06 -21.09
CA LEU D 56 -24.28 5.22 -20.92
C LEU D 56 -23.47 6.46 -21.25
N ALA D 57 -23.99 7.29 -22.15
CA ALA D 57 -23.27 8.48 -22.61
C ALA D 57 -23.90 9.72 -22.01
N THR D 58 -23.08 10.56 -21.38
CA THR D 58 -23.55 11.81 -20.79
C THR D 58 -22.65 12.96 -21.21
N ALA D 59 -23.25 14.13 -21.40
CA ALA D 59 -22.55 15.30 -21.92
C ALA D 59 -22.56 16.44 -20.92
N VAL D 60 -21.47 17.19 -20.87
CA VAL D 60 -21.29 18.30 -19.93
C VAL D 60 -21.07 19.58 -20.75
N ARG D 61 -22.01 20.51 -20.69
CA ARG D 61 -21.96 21.65 -21.60
C ARG D 61 -22.04 23.00 -20.88
N GLU D 62 -21.67 23.08 -19.61
CA GLU D 62 -21.83 24.35 -18.90
C GLU D 62 -20.78 25.37 -19.34
N LEU D 63 -19.55 24.94 -19.61
CA LEU D 63 -18.53 25.90 -20.03
C LEU D 63 -18.72 26.35 -21.47
N LYS D 64 -19.06 25.44 -22.38
CA LYS D 64 -19.20 25.80 -23.78
C LYS D 64 -20.30 26.83 -24.00
N ASP D 65 -21.32 26.84 -23.15
CA ASP D 65 -22.39 27.81 -23.30
C ASP D 65 -21.97 29.19 -22.85
N PHE D 66 -21.07 29.28 -21.88
CA PHE D 66 -20.55 30.59 -21.46
C PHE D 66 -19.67 31.19 -22.55
N VAL D 67 -18.73 30.40 -23.07
CA VAL D 67 -17.80 30.92 -24.06
C VAL D 67 -18.53 31.30 -25.35
N SER D 68 -19.56 30.55 -25.71
CA SER D 68 -20.27 30.84 -26.95
C SER D 68 -21.14 32.08 -26.85
N LYS D 69 -21.89 32.23 -25.76
CA LYS D 69 -22.89 33.29 -25.66
C LYS D 69 -22.39 34.52 -24.91
N ASN D 70 -21.98 34.34 -23.65
CA ASN D 70 -21.63 35.48 -22.82
C ASN D 70 -20.27 36.07 -23.17
N LEU D 71 -19.28 35.23 -23.46
CA LEU D 71 -17.90 35.70 -23.51
C LEU D 71 -17.54 36.28 -24.87
N THR D 72 -17.59 35.49 -25.93
CA THR D 72 -17.05 35.98 -27.20
C THR D 72 -18.00 36.98 -27.83
N ARG D 73 -18.49 37.89 -27.00
CA ARG D 73 -19.19 39.09 -27.45
C ARG D 73 -18.75 40.32 -26.70
N ALA D 74 -18.17 40.17 -25.50
CA ALA D 74 -17.49 41.25 -24.81
C ALA D 74 -16.06 41.43 -25.28
N ILE D 75 -15.54 40.52 -26.09
CA ILE D 75 -14.20 40.65 -26.65
C ILE D 75 -14.31 40.82 -28.16
N ASN D 76 -14.40 42.06 -28.62
CA ASN D 76 -14.54 42.34 -30.05
C ASN D 76 -13.30 42.95 -30.68
N LYS D 77 -12.67 43.93 -30.02
CA LYS D 77 -11.48 44.56 -30.54
C LYS D 77 -10.20 43.92 -30.00
N ASN D 78 -10.26 42.64 -29.64
CA ASN D 78 -9.15 41.96 -28.99
C ASN D 78 -8.68 42.72 -27.75
N LYS D 79 -9.65 43.26 -27.01
CA LYS D 79 -9.37 44.01 -25.80
C LYS D 79 -10.01 43.29 -24.63
N CYS D 80 -9.21 42.95 -23.64
CA CYS D 80 -9.71 42.24 -22.46
C CYS D 80 -9.59 43.07 -21.18
N ASP D 81 -9.26 44.35 -21.30
CA ASP D 81 -9.22 45.24 -20.13
C ASP D 81 -10.49 46.07 -20.10
N ILE D 82 -11.57 45.44 -19.65
CA ILE D 82 -12.86 46.10 -19.51
C ILE D 82 -13.12 46.36 -18.05
N ASP D 83 -14.11 47.22 -17.77
CA ASP D 83 -14.47 47.60 -16.41
C ASP D 83 -15.67 46.81 -15.91
N ASP D 84 -15.72 45.52 -16.20
CA ASP D 84 -16.91 44.73 -15.91
C ASP D 84 -16.83 44.06 -14.54
N LEU D 85 -15.81 43.23 -14.33
CA LEU D 85 -15.55 42.48 -13.10
C LEU D 85 -16.59 41.40 -12.81
N LYS D 86 -17.65 41.30 -13.60
CA LYS D 86 -18.57 40.17 -13.46
C LYS D 86 -18.25 39.03 -14.40
N MET D 87 -17.72 39.31 -15.59
CA MET D 87 -17.20 38.24 -16.42
C MET D 87 -15.89 37.71 -15.88
N ALA D 88 -15.06 38.58 -15.32
CA ALA D 88 -13.77 38.14 -14.81
C ALA D 88 -13.92 37.21 -13.62
N VAL D 89 -15.04 37.27 -12.91
CA VAL D 89 -15.31 36.40 -11.78
C VAL D 89 -16.22 35.23 -12.15
N SER D 90 -17.20 35.46 -13.03
CA SER D 90 -18.01 34.35 -13.50
C SER D 90 -17.17 33.32 -14.25
N PHE D 91 -16.24 33.79 -15.07
CA PHE D 91 -15.43 32.89 -15.87
C PHE D 91 -14.38 32.16 -15.04
N SER D 92 -14.19 32.56 -13.80
CA SER D 92 -13.33 31.79 -12.91
C SER D 92 -14.11 30.75 -12.11
N GLN D 93 -15.43 30.75 -12.21
CA GLN D 93 -16.27 29.74 -11.61
C GLN D 93 -16.67 28.65 -12.58
N PHE D 94 -16.79 28.97 -13.87
CA PHE D 94 -17.22 27.99 -14.85
C PHE D 94 -16.11 27.04 -15.25
N ASN D 95 -14.85 27.47 -15.24
CA ASN D 95 -13.76 26.59 -15.62
C ASN D 95 -13.00 26.05 -14.43
N ARG D 96 -13.69 25.79 -13.32
CA ARG D 96 -13.03 25.12 -12.21
C ARG D 96 -13.24 23.62 -12.22
N ARG D 97 -14.30 23.15 -12.88
CA ARG D 97 -14.42 21.70 -13.08
C ARG D 97 -13.49 21.23 -14.19
N PHE D 98 -13.37 22.01 -15.26
CA PHE D 98 -12.51 21.61 -16.36
C PHE D 98 -11.05 21.55 -15.94
N LEU D 99 -10.60 22.50 -15.14
CA LEU D 99 -9.19 22.54 -14.74
C LEU D 99 -8.85 21.54 -13.66
N ASN D 100 -9.84 20.89 -13.05
CA ASN D 100 -9.58 19.87 -12.04
C ASN D 100 -9.60 18.46 -12.60
N VAL D 101 -10.20 18.26 -13.77
CA VAL D 101 -10.03 17.01 -14.49
C VAL D 101 -8.63 16.90 -15.07
N VAL D 102 -8.14 17.98 -15.69
CA VAL D 102 -6.82 18.01 -16.31
C VAL D 102 -5.72 17.81 -15.28
N ARG D 103 -5.97 18.18 -14.03
CA ARG D 103 -4.97 17.98 -12.99
C ARG D 103 -4.89 16.53 -12.52
N GLN D 104 -6.01 15.80 -12.56
CA GLN D 104 -6.00 14.43 -12.05
C GLN D 104 -5.53 13.43 -13.08
N PHE D 105 -5.85 13.66 -14.36
CA PHE D 105 -5.41 12.76 -15.40
C PHE D 105 -3.96 12.98 -15.78
N SER D 106 -3.38 14.10 -15.37
CA SER D 106 -2.02 14.45 -15.76
C SER D 106 -0.97 14.10 -14.71
N GLU D 107 -1.37 13.88 -13.48
CA GLU D 107 -0.46 13.42 -12.44
C GLU D 107 -0.53 11.93 -12.21
N ASN D 108 -1.62 11.28 -12.60
CA ASN D 108 -1.78 9.84 -12.47
C ASN D 108 -1.52 9.11 -13.78
N ALA D 109 -0.89 9.78 -14.75
CA ALA D 109 -0.43 9.19 -16.00
C ALA D 109 -1.56 8.73 -16.90
N GLY D 110 -2.80 9.08 -16.59
CA GLY D 110 -3.93 8.75 -17.43
C GLY D 110 -4.93 7.77 -16.84
N ILE D 111 -4.66 7.21 -15.66
CA ILE D 111 -5.55 6.24 -15.02
C ILE D 111 -5.67 6.61 -13.54
N THR D 112 -6.76 7.27 -13.15
CA THR D 112 -6.84 7.61 -11.74
C THR D 112 -7.40 6.45 -10.93
N PRO D 113 -7.01 6.30 -9.68
CA PRO D 113 -7.47 5.15 -8.87
C PRO D 113 -8.75 5.38 -8.07
N ALA D 114 -9.38 6.54 -8.14
CA ALA D 114 -10.66 6.73 -7.46
C ALA D 114 -11.45 7.81 -8.17
N ILE D 115 -12.76 7.77 -8.00
CA ILE D 115 -13.67 8.73 -8.61
C ILE D 115 -13.79 9.92 -7.67
N SER D 116 -13.49 11.11 -8.16
CA SER D 116 -13.62 12.31 -7.36
C SER D 116 -14.91 13.03 -7.73
N LEU D 117 -15.24 14.08 -6.97
CA LEU D 117 -16.44 14.85 -7.30
C LEU D 117 -16.27 15.67 -8.56
N ASP D 118 -15.05 15.75 -9.10
CA ASP D 118 -14.77 16.49 -10.32
C ASP D 118 -14.97 15.66 -11.57
N LEU D 119 -14.69 14.36 -11.53
CA LEU D 119 -15.04 13.50 -12.65
C LEU D 119 -16.54 13.25 -12.70
N MET D 120 -17.08 12.61 -11.67
CA MET D 120 -18.49 12.25 -11.62
C MET D 120 -19.11 12.84 -10.35
N THR D 121 -20.00 13.81 -10.52
CA THR D 121 -20.59 14.50 -9.40
C THR D 121 -21.59 13.59 -8.70
N ASP D 122 -22.46 14.15 -7.86
CA ASP D 122 -23.38 13.31 -7.11
C ASP D 122 -24.75 13.15 -7.76
N ALA D 123 -25.16 14.08 -8.62
CA ALA D 123 -26.41 13.91 -9.32
C ALA D 123 -26.25 13.07 -10.57
N GLU D 124 -25.02 12.80 -10.99
CA GLU D 124 -24.72 11.91 -12.11
C GLU D 124 -24.24 10.56 -11.63
N LEU D 125 -24.18 10.34 -10.32
CA LEU D 125 -23.91 9.02 -9.77
C LEU D 125 -25.19 8.28 -9.43
N ALA D 126 -26.26 8.99 -9.12
CA ALA D 126 -27.55 8.39 -8.88
C ALA D 126 -28.37 8.26 -10.15
N ARG D 127 -27.85 8.72 -11.29
CA ARG D 127 -28.45 8.41 -12.59
C ARG D 127 -27.79 7.20 -13.24
N ALA D 128 -26.55 6.89 -12.87
CA ALA D 128 -25.95 5.64 -13.32
C ALA D 128 -26.56 4.45 -12.61
N ILE D 129 -26.71 4.54 -11.29
CA ILE D 129 -27.21 3.42 -10.50
C ILE D 129 -28.64 3.09 -10.87
N SER D 130 -29.44 4.09 -11.27
CA SER D 130 -30.80 3.81 -11.68
C SER D 130 -30.88 3.01 -12.97
N ASN D 131 -29.77 2.86 -13.70
CA ASN D 131 -29.78 2.19 -15.01
C ASN D 131 -29.09 0.84 -15.01
N MET D 132 -28.44 0.44 -13.92
CA MET D 132 -27.60 -0.74 -13.95
C MET D 132 -28.45 -1.97 -14.27
N PRO D 133 -27.86 -2.97 -14.92
CA PRO D 133 -28.62 -4.16 -15.32
C PRO D 133 -28.74 -5.20 -14.21
N THR D 134 -29.59 -4.91 -13.23
CA THR D 134 -29.83 -5.83 -12.13
C THR D 134 -31.25 -5.62 -11.61
N SER D 135 -31.64 -6.41 -10.62
CA SER D 135 -33.02 -6.45 -10.16
C SER D 135 -33.33 -5.25 -9.29
N ALA D 136 -34.60 -5.10 -8.91
CA ALA D 136 -35.04 -3.92 -8.18
C ALA D 136 -34.65 -3.95 -6.72
N GLY D 137 -34.49 -5.14 -6.13
CA GLY D 137 -34.07 -5.21 -4.75
C GLY D 137 -32.64 -4.76 -4.54
N GLN D 138 -31.78 -5.01 -5.52
CA GLN D 138 -30.38 -4.58 -5.44
C GLN D 138 -30.22 -3.09 -5.69
N ILE D 139 -31.04 -2.52 -6.58
CA ILE D 139 -30.93 -1.10 -6.88
C ILE D 139 -31.25 -0.26 -5.66
N LYS D 140 -32.29 -0.63 -4.91
CA LYS D 140 -32.67 0.12 -3.73
C LYS D 140 -31.56 0.12 -2.69
N LEU D 141 -30.75 -0.95 -2.65
CA LEU D 141 -29.65 -0.98 -1.69
C LEU D 141 -28.52 -0.05 -2.10
N MET D 142 -28.25 0.05 -3.39
CA MET D 142 -27.16 0.89 -3.87
C MET D 142 -27.53 2.36 -3.87
N LEU D 143 -28.80 2.69 -4.09
CA LEU D 143 -29.20 4.09 -4.16
C LEU D 143 -29.13 4.78 -2.81
N GLU D 144 -29.20 4.02 -1.73
CA GLU D 144 -29.13 4.58 -0.39
C GLU D 144 -27.73 4.59 0.19
N ASN D 145 -26.77 3.95 -0.49
CA ASN D 145 -25.39 3.81 -0.04
C ASN D 145 -24.44 4.18 -1.16
N ARG D 146 -24.69 5.32 -1.80
CA ARG D 146 -23.91 5.70 -2.96
C ARG D 146 -22.44 5.93 -2.64
N ALA D 147 -22.10 6.16 -1.38
CA ALA D 147 -20.71 6.44 -1.04
C ALA D 147 -19.84 5.20 -1.09
N MET D 148 -20.43 4.01 -1.03
CA MET D 148 -19.71 2.75 -1.09
C MET D 148 -19.69 2.14 -2.48
N VAL D 149 -20.29 2.81 -3.45
CA VAL D 149 -20.18 2.44 -4.85
C VAL D 149 -19.12 3.27 -5.57
N ARG D 150 -19.05 4.56 -5.25
CA ARG D 150 -17.94 5.41 -5.68
C ARG D 150 -16.61 4.91 -5.17
N ARG D 151 -16.60 4.23 -4.04
CA ARG D 151 -15.34 3.89 -3.39
C ARG D 151 -14.54 2.85 -4.17
N LYS D 152 -15.16 2.15 -5.11
CA LYS D 152 -14.54 1.04 -5.82
C LYS D 152 -14.58 1.22 -7.34
N GLY D 153 -14.33 2.42 -7.83
CA GLY D 153 -14.30 2.68 -9.25
C GLY D 153 -12.98 3.27 -9.68
N PHE D 154 -12.86 3.73 -10.92
CA PHE D 154 -11.68 4.43 -11.39
C PHE D 154 -12.03 5.10 -12.71
N GLY D 155 -11.10 5.90 -13.21
CA GLY D 155 -11.31 6.60 -14.47
C GLY D 155 -10.17 6.35 -15.43
N ILE D 156 -10.47 6.46 -16.71
CA ILE D 156 -9.49 6.24 -17.78
C ILE D 156 -9.71 7.29 -18.86
N LEU D 157 -8.63 7.80 -19.43
CA LEU D 157 -8.71 8.90 -20.38
C LEU D 157 -8.75 8.37 -21.80
N ILE D 158 -9.66 8.89 -22.61
CA ILE D 158 -9.83 8.44 -23.99
C ILE D 158 -9.13 9.38 -24.97
N GLY D 159 -9.24 10.68 -24.79
CA GLY D 159 -8.50 11.58 -25.65
C GLY D 159 -9.03 13.00 -25.58
N VAL D 160 -8.48 13.83 -26.45
CA VAL D 160 -8.97 15.18 -26.70
C VAL D 160 -9.34 15.24 -28.17
N TYR D 161 -10.62 15.10 -28.49
CA TYR D 161 -11.06 14.96 -29.88
C TYR D 161 -11.55 16.31 -30.39
N GLY D 162 -10.60 17.19 -30.71
CA GLY D 162 -10.94 18.50 -31.19
C GLY D 162 -10.84 19.54 -30.09
N SER D 163 -11.98 19.90 -29.52
CA SER D 163 -12.03 20.74 -28.32
C SER D 163 -13.05 20.19 -27.35
N SER D 164 -12.89 18.93 -26.95
CA SER D 164 -13.77 18.32 -25.97
C SER D 164 -13.09 17.10 -25.38
N VAL D 165 -12.93 17.09 -24.08
CA VAL D 165 -12.30 15.97 -23.37
C VAL D 165 -13.31 14.83 -23.29
N ILE D 166 -12.85 13.61 -23.54
CA ILE D 166 -13.66 12.41 -23.41
C ILE D 166 -12.98 11.49 -22.42
N TYR D 167 -13.74 10.96 -21.46
CA TYR D 167 -13.18 9.99 -20.53
C TYR D 167 -14.27 8.97 -20.19
N MET D 168 -13.96 8.07 -19.27
CA MET D 168 -14.87 6.98 -18.94
C MET D 168 -14.71 6.62 -17.47
N VAL D 169 -15.77 6.08 -16.88
CA VAL D 169 -15.81 5.76 -15.46
C VAL D 169 -16.40 4.36 -15.29
N GLN D 170 -15.68 3.49 -14.58
CA GLN D 170 -16.11 2.11 -14.30
C GLN D 170 -16.70 2.01 -12.90
N LEU D 171 -17.92 1.50 -12.80
CA LEU D 171 -18.63 1.38 -11.53
C LEU D 171 -18.98 -0.07 -11.25
N PRO D 172 -18.95 -0.50 -9.99
CA PRO D 172 -19.25 -1.89 -9.67
C PRO D 172 -20.73 -2.17 -9.56
N ILE D 173 -21.11 -3.40 -9.89
CA ILE D 173 -22.48 -3.86 -9.80
C ILE D 173 -22.55 -4.85 -8.66
N PHE D 174 -23.26 -4.51 -7.59
CA PHE D 174 -23.41 -5.41 -6.45
C PHE D 174 -24.65 -6.25 -6.69
N GLY D 175 -24.46 -7.37 -7.38
CA GLY D 175 -25.58 -8.16 -7.87
C GLY D 175 -26.11 -9.26 -6.98
N VAL D 176 -25.36 -9.62 -5.94
CA VAL D 176 -25.78 -10.65 -4.98
C VAL D 176 -25.77 -10.04 -3.59
N ILE D 177 -26.89 -10.12 -2.89
CA ILE D 177 -27.00 -9.54 -1.55
C ILE D 177 -27.66 -10.54 -0.63
N ASP D 178 -27.37 -10.40 0.67
CA ASP D 178 -27.97 -11.17 1.75
C ASP D 178 -27.73 -12.68 1.59
N THR D 179 -26.47 -13.06 1.79
CA THR D 179 -26.01 -14.44 1.80
C THR D 179 -25.10 -14.63 3.00
N PRO D 180 -25.17 -15.78 3.69
CA PRO D 180 -24.42 -15.92 4.96
C PRO D 180 -22.92 -15.74 4.83
N CYS D 181 -22.31 -15.22 5.90
CA CYS D 181 -20.86 -15.11 6.01
C CYS D 181 -20.44 -15.44 7.44
N TRP D 182 -19.13 -15.47 7.67
CA TRP D 182 -18.57 -15.65 9.01
C TRP D 182 -17.09 -15.33 8.93
N ILE D 183 -16.40 -15.40 10.07
CA ILE D 183 -14.99 -15.02 10.17
C ILE D 183 -14.31 -15.91 11.20
N VAL D 184 -13.01 -16.15 11.03
CA VAL D 184 -12.25 -17.03 11.91
C VAL D 184 -10.99 -16.31 12.38
N LYS D 185 -10.65 -16.47 13.66
CA LYS D 185 -9.45 -15.88 14.25
C LYS D 185 -8.73 -16.91 15.11
N ALA D 186 -7.44 -16.68 15.37
CA ALA D 186 -6.66 -17.69 16.06
C ALA D 186 -5.45 -17.07 16.73
N ALA D 187 -4.85 -17.84 17.63
CA ALA D 187 -3.66 -17.45 18.40
C ALA D 187 -2.90 -18.70 18.74
N PRO D 188 -1.62 -18.59 19.12
CA PRO D 188 -0.83 -19.78 19.42
C PRO D 188 -1.39 -20.59 20.58
N SER D 189 -1.17 -21.89 20.56
CA SER D 189 -1.70 -22.82 21.55
C SER D 189 -0.59 -23.74 22.02
N CYS D 190 0.15 -23.33 23.04
CA CYS D 190 1.37 -24.02 23.48
C CYS D 190 1.09 -24.98 24.62
N SER D 191 2.09 -25.81 24.91
CA SER D 191 2.04 -26.77 26.00
C SER D 191 3.40 -26.79 26.68
N GLU D 192 3.53 -27.58 27.74
CA GLU D 192 4.82 -27.69 28.40
C GLU D 192 4.92 -28.99 29.18
N LYS D 193 6.14 -29.52 29.25
CA LYS D 193 6.45 -30.65 30.13
C LYS D 193 7.90 -30.52 30.55
N LYS D 194 8.11 -30.28 31.84
CA LYS D 194 9.44 -30.04 32.43
C LYS D 194 10.31 -29.15 31.55
N GLY D 195 9.77 -28.00 31.17
CA GLY D 195 10.54 -26.95 30.54
C GLY D 195 10.54 -26.90 29.03
N ASN D 196 10.03 -27.94 28.36
CA ASN D 196 9.98 -27.97 26.91
C ASN D 196 8.57 -27.66 26.42
N TYR D 197 8.47 -27.07 25.23
CA TYR D 197 7.20 -26.61 24.70
C TYR D 197 6.86 -27.32 23.40
N ALA D 198 5.60 -27.19 22.98
CA ALA D 198 5.09 -27.80 21.75
C ALA D 198 3.97 -26.92 21.24
N CYS D 199 4.30 -25.96 20.39
CA CYS D 199 3.34 -24.96 19.96
C CYS D 199 2.49 -25.50 18.81
N LEU D 200 1.60 -24.65 18.30
CA LEU D 200 0.69 -25.00 17.22
C LEU D 200 -0.10 -23.75 16.87
N LEU D 201 -0.57 -23.59 15.64
CA LEU D 201 -1.31 -22.39 15.27
C LEU D 201 -2.10 -22.65 13.99
N ARG D 202 -3.35 -22.21 13.96
CA ARG D 202 -4.14 -22.37 12.75
C ARG D 202 -3.67 -21.41 11.67
N GLU D 203 -4.01 -21.72 10.43
CA GLU D 203 -3.61 -20.85 9.31
C GLU D 203 -4.73 -20.58 8.34
N ASP D 204 -5.96 -20.92 8.67
CA ASP D 204 -7.12 -20.57 7.86
C ASP D 204 -7.93 -19.47 8.55
N GLN D 205 -7.48 -18.23 8.35
CA GLN D 205 -8.10 -17.07 8.97
C GLN D 205 -8.55 -16.07 7.92
N GLY D 206 -9.80 -15.67 7.97
CA GLY D 206 -10.35 -14.79 6.96
C GLY D 206 -11.86 -14.96 6.87
N TRP D 207 -12.40 -14.50 5.75
CA TRP D 207 -13.84 -14.45 5.54
C TRP D 207 -14.30 -15.56 4.63
N TYR D 208 -15.41 -16.19 4.95
CA TYR D 208 -16.00 -17.22 4.12
C TYR D 208 -17.40 -16.79 3.73
N CYS D 209 -17.90 -17.30 2.61
CA CYS D 209 -19.25 -16.94 2.16
C CYS D 209 -19.93 -18.11 1.47
N GLN D 210 -21.18 -18.35 1.81
CA GLN D 210 -22.00 -19.11 0.88
C GLN D 210 -22.27 -18.27 -0.35
N ASN D 211 -22.63 -18.93 -1.45
CA ASN D 211 -23.18 -18.25 -2.61
C ASN D 211 -23.91 -19.30 -3.45
N ALA D 212 -25.22 -19.38 -3.27
CA ALA D 212 -26.05 -20.33 -4.02
C ALA D 212 -25.48 -21.75 -3.94
N GLY D 213 -24.97 -22.12 -2.77
CA GLY D 213 -24.46 -23.47 -2.55
C GLY D 213 -23.01 -23.69 -2.91
N SER D 214 -22.14 -22.72 -2.67
CA SER D 214 -20.72 -22.90 -2.94
C SER D 214 -19.90 -21.98 -2.06
N THR D 215 -19.15 -22.54 -1.13
CA THR D 215 -18.35 -21.75 -0.21
C THR D 215 -17.18 -21.11 -0.95
N VAL D 216 -16.78 -19.93 -0.49
CA VAL D 216 -15.61 -19.22 -1.00
C VAL D 216 -14.82 -18.75 0.20
N TYR D 217 -13.55 -18.42 -0.01
CA TYR D 217 -12.66 -18.10 1.10
C TYR D 217 -11.77 -16.94 0.68
N TYR D 218 -11.80 -15.83 1.41
CA TYR D 218 -11.02 -14.64 1.06
C TYR D 218 -9.85 -14.50 2.02
N PRO D 219 -8.64 -14.89 1.62
CA PRO D 219 -7.55 -15.04 2.61
C PRO D 219 -6.89 -13.75 3.02
N ASN D 220 -6.84 -12.75 2.14
CA ASN D 220 -6.21 -11.46 2.45
C ASN D 220 -7.30 -10.48 2.89
N GLU D 221 -7.16 -9.95 4.10
CA GLU D 221 -8.23 -9.17 4.72
C GLU D 221 -8.31 -7.73 4.22
N LYS D 222 -7.54 -7.37 3.21
CA LYS D 222 -7.73 -6.09 2.54
C LYS D 222 -8.89 -6.12 1.55
N ASP D 223 -9.49 -7.29 1.34
CA ASP D 223 -10.48 -7.48 0.29
C ASP D 223 -11.91 -7.25 0.77
N CYS D 224 -12.15 -7.26 2.07
CA CYS D 224 -13.50 -7.20 2.61
C CYS D 224 -13.58 -6.12 3.69
N GLU D 225 -14.75 -5.51 3.80
CA GLU D 225 -14.92 -4.32 4.62
C GLU D 225 -16.35 -4.24 5.12
N THR D 226 -16.53 -4.30 6.43
CA THR D 226 -17.86 -4.36 7.01
C THR D 226 -18.41 -2.97 7.27
N ARG D 227 -19.73 -2.86 7.26
CA ARG D 227 -20.46 -1.69 7.72
C ARG D 227 -21.66 -2.20 8.49
N GLY D 228 -21.51 -2.39 9.79
CA GLY D 228 -22.59 -2.92 10.59
C GLY D 228 -22.62 -4.43 10.56
N ASP D 229 -23.56 -5.00 9.81
CA ASP D 229 -23.57 -6.42 9.51
C ASP D 229 -23.10 -6.75 8.11
N HIS D 230 -23.40 -5.92 7.13
CA HIS D 230 -23.07 -6.26 5.77
C HIS D 230 -21.57 -6.12 5.54
N VAL D 231 -21.03 -7.02 4.73
CA VAL D 231 -19.62 -7.02 4.39
C VAL D 231 -19.47 -6.96 2.87
N PHE D 232 -18.65 -6.04 2.39
CA PHE D 232 -18.57 -5.70 0.97
C PHE D 232 -17.37 -6.39 0.34
N CYS D 233 -17.57 -7.63 -0.10
CA CYS D 233 -16.50 -8.45 -0.65
C CYS D 233 -16.35 -8.26 -2.16
N ASP D 234 -15.23 -8.74 -2.68
CA ASP D 234 -14.93 -8.72 -4.11
C ASP D 234 -14.78 -10.15 -4.58
N THR D 235 -15.54 -10.53 -5.60
CA THR D 235 -15.59 -11.93 -5.97
C THR D 235 -14.43 -12.38 -6.85
N ALA D 236 -13.52 -11.50 -7.22
CA ALA D 236 -12.38 -11.90 -8.03
C ALA D 236 -11.14 -12.21 -7.22
N ALA D 237 -11.22 -12.13 -5.89
CA ALA D 237 -10.06 -12.36 -5.03
C ALA D 237 -10.27 -13.51 -4.06
N GLY D 238 -11.17 -14.43 -4.36
CA GLY D 238 -11.46 -15.53 -3.46
C GLY D 238 -11.25 -16.88 -4.10
N ILE D 239 -11.07 -17.91 -3.27
CA ILE D 239 -10.69 -19.25 -3.73
C ILE D 239 -11.76 -20.24 -3.29
N ASN D 240 -12.38 -20.93 -4.25
CA ASN D 240 -13.42 -21.88 -3.93
C ASN D 240 -12.87 -23.00 -3.08
N VAL D 241 -13.55 -23.32 -1.97
CA VAL D 241 -13.12 -24.37 -1.06
C VAL D 241 -14.26 -25.36 -0.90
N ALA D 242 -13.90 -26.58 -0.49
CA ALA D 242 -14.88 -27.64 -0.41
C ALA D 242 -15.87 -27.38 0.73
N GLU D 243 -17.04 -27.99 0.62
CA GLU D 243 -18.11 -27.74 1.58
C GLU D 243 -17.78 -28.29 2.97
N GLN D 244 -16.88 -29.25 3.08
CA GLN D 244 -16.49 -29.82 4.37
C GLN D 244 -15.51 -28.95 5.13
N SER D 245 -15.09 -27.82 4.56
CA SER D 245 -14.11 -26.99 5.23
C SER D 245 -14.62 -26.36 6.50
N LYS D 246 -15.93 -26.42 6.76
CA LYS D 246 -16.50 -25.95 8.02
C LYS D 246 -16.47 -27.02 9.10
N GLU D 247 -15.89 -28.18 8.81
CA GLU D 247 -15.70 -29.20 9.83
C GLU D 247 -14.51 -28.92 10.71
N CYS D 248 -13.62 -28.01 10.29
CA CYS D 248 -12.47 -27.65 11.10
C CYS D 248 -12.88 -26.94 12.38
N ASN D 249 -14.12 -26.45 12.46
CA ASN D 249 -14.61 -25.73 13.62
C ASN D 249 -15.39 -26.60 14.58
N ILE D 250 -15.38 -27.91 14.40
CA ILE D 250 -16.08 -28.84 15.27
C ILE D 250 -15.13 -29.85 15.90
N ASN D 251 -14.25 -30.45 15.10
CA ASN D 251 -13.13 -31.19 15.66
C ASN D 251 -12.00 -31.18 14.63
N ILE D 252 -10.97 -30.37 14.91
CA ILE D 252 -9.78 -30.31 14.07
C ILE D 252 -8.96 -31.57 14.19
N SER D 253 -9.18 -32.38 15.22
CA SER D 253 -8.24 -33.43 15.56
C SER D 253 -8.44 -34.67 14.71
N THR D 254 -9.62 -35.26 14.76
CA THR D 254 -9.88 -36.57 14.17
C THR D 254 -10.71 -36.47 12.88
N THR D 255 -10.57 -35.38 12.14
CA THR D 255 -11.39 -35.17 10.95
C THR D 255 -10.74 -35.84 9.75
N ASN D 256 -11.31 -35.62 8.57
CA ASN D 256 -10.77 -36.15 7.32
C ASN D 256 -10.31 -35.07 6.35
N TYR D 257 -10.80 -33.85 6.46
CA TYR D 257 -10.28 -32.73 5.68
C TYR D 257 -8.85 -32.43 6.11
N PRO D 258 -8.04 -31.83 5.23
CA PRO D 258 -6.70 -31.40 5.65
C PRO D 258 -6.63 -30.02 6.31
N CYS D 259 -6.79 -29.97 7.63
CA CYS D 259 -6.73 -28.70 8.35
C CYS D 259 -5.31 -28.17 8.38
N LYS D 260 -5.13 -26.89 8.06
CA LYS D 260 -3.80 -26.29 7.97
C LYS D 260 -3.35 -25.75 9.31
N VAL D 261 -2.09 -26.01 9.67
CA VAL D 261 -1.49 -25.51 10.91
C VAL D 261 -0.06 -25.09 10.65
N SER D 262 0.52 -24.41 11.63
CA SER D 262 1.95 -24.07 11.66
C SER D 262 2.47 -24.36 13.06
N THR D 263 3.55 -25.11 13.17
CA THR D 263 4.04 -25.53 14.46
C THR D 263 5.28 -24.72 14.85
N GLY D 264 5.84 -25.05 16.00
CA GLY D 264 6.97 -24.32 16.53
C GLY D 264 7.55 -25.03 17.73
N ARG D 265 8.43 -24.33 18.43
CA ARG D 265 8.98 -24.84 19.69
C ARG D 265 9.25 -23.74 20.70
N ASN D 266 8.92 -22.48 20.41
CA ASN D 266 9.17 -21.39 21.32
C ASN D 266 7.89 -20.57 21.44
N PRO D 267 7.44 -20.27 22.65
CA PRO D 267 6.14 -19.59 22.82
C PRO D 267 6.15 -18.19 22.25
N ILE D 268 4.96 -17.74 21.84
CA ILE D 268 4.72 -16.35 21.49
C ILE D 268 3.56 -15.86 22.35
N SER D 269 3.67 -14.62 22.84
CA SER D 269 2.64 -14.01 23.64
C SER D 269 2.09 -12.79 22.91
N MET D 270 0.76 -12.74 22.77
CA MET D 270 0.13 -11.72 21.95
C MET D 270 -1.33 -11.60 22.33
N VAL D 271 -2.01 -10.60 21.74
CA VAL D 271 -3.46 -10.43 21.84
C VAL D 271 -4.03 -10.28 20.44
N ALA D 272 -5.00 -11.13 20.10
CA ALA D 272 -5.63 -11.12 18.79
C ALA D 272 -7.09 -10.69 18.96
N LEU D 273 -7.38 -9.44 18.64
CA LEU D 273 -8.71 -8.90 18.87
C LEU D 273 -9.70 -9.48 17.87
N SER D 274 -10.84 -9.93 18.37
CA SER D 274 -11.93 -10.48 17.59
C SER D 274 -13.16 -9.58 17.75
N PRO D 275 -14.17 -9.71 16.87
CA PRO D 275 -15.24 -8.69 16.82
C PRO D 275 -16.02 -8.51 18.11
N LEU D 276 -16.11 -9.50 18.99
CA LEU D 276 -16.88 -9.37 20.21
C LEU D 276 -16.07 -9.80 21.42
N GLY D 277 -14.80 -9.44 21.48
CA GLY D 277 -13.96 -9.90 22.58
C GLY D 277 -12.49 -9.77 22.23
N ALA D 278 -11.68 -10.63 22.87
CA ALA D 278 -10.25 -10.70 22.60
C ALA D 278 -9.72 -12.06 23.01
N LEU D 279 -8.59 -12.45 22.42
CA LEU D 279 -7.93 -13.71 22.73
C LEU D 279 -6.53 -13.39 23.24
N VAL D 280 -6.25 -13.78 24.49
CA VAL D 280 -5.02 -13.38 25.16
C VAL D 280 -4.20 -14.63 25.46
N ALA D 281 -2.99 -14.68 24.92
CA ALA D 281 -2.05 -15.77 25.16
C ALA D 281 -0.93 -15.25 26.05
N CYS D 282 -0.84 -15.79 27.27
CA CYS D 282 0.18 -15.39 28.22
C CYS D 282 1.07 -16.58 28.52
N TYR D 283 2.38 -16.39 28.45
CA TYR D 283 3.32 -17.51 28.53
C TYR D 283 4.49 -17.10 29.41
N LYS D 284 5.62 -17.80 29.27
CA LYS D 284 6.58 -17.94 30.35
C LYS D 284 7.18 -16.62 30.81
N GLY D 285 7.11 -15.57 30.00
CA GLY D 285 7.81 -14.35 30.41
C GLY D 285 6.98 -13.10 30.57
N VAL D 286 5.69 -13.17 30.26
CA VAL D 286 4.87 -11.98 30.11
C VAL D 286 3.85 -11.94 31.23
N SER D 287 3.49 -10.73 31.65
CA SER D 287 2.49 -10.52 32.69
C SER D 287 1.28 -9.80 32.09
N CYS D 288 0.10 -10.40 32.25
CA CYS D 288 -1.12 -9.91 31.63
C CYS D 288 -2.16 -9.57 32.67
N SER D 289 -2.98 -8.56 32.37
CA SER D 289 -4.08 -8.16 33.23
C SER D 289 -5.10 -7.40 32.38
N ILE D 290 -6.29 -7.22 32.94
CA ILE D 290 -7.37 -6.51 32.25
C ILE D 290 -7.87 -5.39 33.16
N GLY D 291 -8.64 -4.48 32.57
CA GLY D 291 -9.16 -3.38 33.34
C GLY D 291 -10.29 -2.69 32.62
N SER D 292 -10.81 -1.64 33.26
CA SER D 292 -11.94 -0.87 32.76
C SER D 292 -11.60 0.61 32.80
N ASN D 293 -12.40 1.40 32.09
CA ASN D 293 -12.12 2.83 31.94
C ASN D 293 -12.24 3.59 33.25
N ARG D 294 -13.18 3.21 34.10
CA ARG D 294 -13.49 4.01 35.28
C ARG D 294 -12.72 3.58 36.53
N VAL D 295 -12.56 2.28 36.75
CA VAL D 295 -12.06 1.79 38.03
C VAL D 295 -10.64 1.25 37.96
N GLY D 296 -10.07 1.06 36.77
CA GLY D 296 -8.71 0.59 36.68
C GLY D 296 -8.56 -0.91 36.60
N ILE D 297 -7.52 -1.46 37.22
CA ILE D 297 -7.24 -2.89 37.12
C ILE D 297 -8.32 -3.68 37.82
N ILE D 298 -8.78 -4.75 37.19
CA ILE D 298 -9.87 -5.57 37.69
C ILE D 298 -9.37 -6.93 38.16
N LYS D 299 -8.57 -7.61 37.35
CA LYS D 299 -8.00 -8.89 37.75
C LYS D 299 -6.82 -9.22 36.85
N GLN D 300 -6.02 -10.18 37.27
CA GLN D 300 -4.86 -10.62 36.53
C GLN D 300 -5.06 -12.03 35.99
N LEU D 301 -4.70 -12.24 34.72
CA LEU D 301 -4.97 -13.49 34.04
C LEU D 301 -3.96 -14.56 34.43
N ASN D 302 -4.25 -15.79 34.01
CA ASN D 302 -3.41 -16.95 34.27
C ASN D 302 -2.58 -17.28 33.03
N LYS D 303 -1.73 -18.30 33.17
CA LYS D 303 -0.90 -18.75 32.07
C LYS D 303 -1.70 -19.62 31.11
N GLY D 304 -1.54 -19.37 29.83
CA GLY D 304 -2.31 -20.05 28.81
C GLY D 304 -3.23 -19.09 28.08
N CYS D 305 -4.13 -19.65 27.29
CA CYS D 305 -5.05 -18.85 26.50
C CYS D 305 -6.39 -18.71 27.22
N SER D 306 -7.04 -17.58 26.99
CA SER D 306 -8.32 -17.31 27.62
C SER D 306 -9.09 -16.30 26.77
N TYR D 307 -10.40 -16.30 26.92
CA TYR D 307 -11.31 -15.51 26.09
C TYR D 307 -11.97 -14.46 26.96
N ILE D 308 -11.87 -13.21 26.54
CA ILE D 308 -12.29 -12.06 27.33
C ILE D 308 -13.44 -11.38 26.64
N THR D 309 -14.63 -11.59 27.16
CA THR D 309 -15.84 -10.97 26.61
C THR D 309 -15.76 -9.46 26.73
N ASN D 310 -16.25 -8.75 25.72
CA ASN D 310 -16.18 -7.30 25.81
C ASN D 310 -17.22 -6.72 26.76
N GLN D 311 -18.07 -7.55 27.35
CA GLN D 311 -18.91 -7.11 28.46
C GLN D 311 -18.21 -7.24 29.80
N ASP D 312 -17.02 -7.84 29.84
CA ASP D 312 -16.28 -7.99 31.08
C ASP D 312 -15.13 -7.01 31.23
N ALA D 313 -14.67 -6.40 30.14
CA ALA D 313 -13.50 -5.55 30.22
C ALA D 313 -13.64 -4.42 29.21
N ASP D 314 -12.68 -3.51 29.22
CA ASP D 314 -12.64 -2.44 28.24
C ASP D 314 -11.25 -2.31 27.64
N THR D 315 -10.22 -2.75 28.38
CA THR D 315 -8.85 -2.76 27.89
C THR D 315 -8.14 -4.00 28.41
N VAL D 316 -7.15 -4.46 27.65
CA VAL D 316 -6.33 -5.63 27.99
C VAL D 316 -4.86 -5.23 27.85
N THR D 317 -4.03 -5.69 28.79
CA THR D 317 -2.65 -5.24 28.91
C THR D 317 -1.68 -6.40 28.75
N ILE D 318 -0.71 -6.26 27.83
CA ILE D 318 0.36 -7.26 27.69
C ILE D 318 1.69 -6.66 28.12
N ASP D 319 1.97 -6.77 29.41
CA ASP D 319 3.24 -6.46 30.04
C ASP D 319 3.62 -4.98 29.99
N ASN D 320 3.14 -4.23 29.00
CA ASN D 320 3.18 -2.77 29.08
C ASN D 320 2.13 -2.09 28.22
N THR D 321 1.41 -2.86 27.40
CA THR D 321 0.68 -2.33 26.27
C THR D 321 -0.83 -2.49 26.46
N VAL D 322 -1.58 -1.44 26.14
CA VAL D 322 -3.02 -1.41 26.38
C VAL D 322 -3.75 -1.49 25.05
N TYR D 323 -4.61 -2.49 24.91
CA TYR D 323 -5.44 -2.68 23.73
C TYR D 323 -6.88 -2.37 24.07
N GLN D 324 -7.58 -1.68 23.16
CA GLN D 324 -8.96 -1.25 23.38
C GLN D 324 -9.92 -2.18 22.66
N LEU D 325 -10.80 -2.82 23.43
CA LEU D 325 -11.78 -3.73 22.88
C LEU D 325 -12.85 -2.95 22.10
N SER D 326 -13.63 -3.67 21.31
CA SER D 326 -14.72 -3.08 20.56
C SER D 326 -16.05 -3.33 21.26
N LYS D 327 -16.96 -2.38 21.14
CA LYS D 327 -18.21 -2.39 21.88
C LYS D 327 -19.42 -2.74 20.99
N VAL D 328 -19.23 -3.63 20.03
CA VAL D 328 -20.35 -4.20 19.31
C VAL D 328 -21.13 -5.12 20.23
N GLU D 329 -22.43 -5.24 19.99
CA GLU D 329 -23.31 -6.03 20.82
C GLU D 329 -23.72 -7.31 20.10
N GLY D 330 -23.67 -8.43 20.82
CA GLY D 330 -24.01 -9.72 20.25
C GLY D 330 -24.22 -10.77 21.31
N GLU D 331 -23.72 -11.99 21.08
CA GLU D 331 -23.78 -13.08 22.05
C GLU D 331 -22.39 -13.67 22.20
N GLN D 332 -22.27 -14.63 23.11
CA GLN D 332 -21.04 -15.38 23.28
C GLN D 332 -21.36 -16.78 23.77
N HIS D 333 -20.58 -17.75 23.32
CA HIS D 333 -20.65 -19.12 23.81
C HIS D 333 -19.24 -19.66 23.93
N VAL D 334 -19.04 -20.63 24.81
CA VAL D 334 -17.76 -21.29 24.97
C VAL D 334 -17.96 -22.78 24.76
N ILE D 335 -17.12 -23.38 23.92
CA ILE D 335 -17.23 -24.78 23.53
C ILE D 335 -16.07 -25.52 24.16
N LYS D 336 -16.36 -26.41 25.11
CA LYS D 336 -15.34 -27.04 25.92
C LYS D 336 -14.53 -28.05 25.12
N GLY D 337 -13.37 -28.39 25.67
CA GLY D 337 -12.52 -29.38 25.05
C GLY D 337 -11.14 -29.36 25.66
N ARG D 338 -10.33 -30.31 25.22
CA ARG D 338 -8.94 -30.44 25.64
C ARG D 338 -8.05 -30.07 24.48
N PRO D 339 -7.13 -29.10 24.63
CA PRO D 339 -6.42 -28.57 23.47
C PRO D 339 -5.65 -29.65 22.74
N VAL D 340 -5.45 -29.44 21.44
CA VAL D 340 -4.71 -30.42 20.64
C VAL D 340 -3.26 -30.51 21.11
N SER D 341 -2.68 -29.37 21.48
CA SER D 341 -1.27 -29.34 21.87
C SER D 341 -0.97 -30.21 23.09
N SER D 342 -1.98 -30.57 23.87
CA SER D 342 -1.74 -31.46 24.99
C SER D 342 -1.52 -32.90 24.56
N SER D 343 -1.70 -33.22 23.30
CA SER D 343 -1.55 -34.58 22.81
C SER D 343 -0.15 -34.87 22.27
N PHE D 344 0.74 -33.90 22.28
CA PHE D 344 2.08 -34.06 21.73
C PHE D 344 3.09 -34.23 22.85
N ASP D 345 4.15 -34.97 22.56
CA ASP D 345 5.28 -35.08 23.47
C ASP D 345 6.26 -33.96 23.16
N PRO D 346 6.60 -33.09 24.11
CA PRO D 346 7.46 -31.96 23.78
C PRO D 346 8.80 -32.37 23.22
N ILE D 347 9.36 -33.46 23.70
CA ILE D 347 10.46 -34.13 23.04
C ILE D 347 9.88 -35.02 21.95
N LYS D 348 10.59 -35.17 20.84
CA LYS D 348 10.11 -35.91 19.67
C LYS D 348 8.95 -35.22 18.99
N PHE D 349 8.98 -33.89 18.91
CA PHE D 349 8.12 -33.03 18.13
C PHE D 349 8.83 -32.66 16.83
N PRO D 350 8.14 -32.69 15.69
CA PRO D 350 8.79 -32.39 14.41
C PRO D 350 9.38 -30.99 14.39
N PRO D 351 10.34 -30.73 13.51
CA PRO D 351 10.89 -29.38 13.41
C PRO D 351 9.85 -28.37 12.96
N ASP D 352 10.25 -27.11 12.83
CA ASP D 352 9.30 -26.06 12.50
C ASP D 352 8.73 -26.27 11.09
N GLN D 353 7.41 -26.15 10.97
CA GLN D 353 6.70 -26.31 9.70
C GLN D 353 5.99 -25.01 9.35
N PHE D 354 5.61 -24.88 8.10
CA PHE D 354 4.94 -23.66 7.64
C PHE D 354 3.82 -24.09 6.70
N ASN D 355 2.58 -24.02 7.18
CA ASN D 355 1.39 -24.34 6.41
C ASN D 355 1.41 -25.79 5.90
N VAL D 356 1.43 -26.71 6.84
CA VAL D 356 1.25 -28.12 6.52
C VAL D 356 -0.07 -28.57 7.15
N ALA D 357 -0.72 -29.53 6.51
CA ALA D 357 -1.95 -30.07 7.05
C ALA D 357 -1.69 -30.80 8.35
N LEU D 358 -2.61 -30.68 9.31
CA LEU D 358 -2.41 -31.36 10.58
C LEU D 358 -2.36 -32.86 10.43
N ASP D 359 -2.85 -33.39 9.32
CA ASP D 359 -2.82 -34.82 9.09
C ASP D 359 -1.39 -35.33 8.94
N GLN D 360 -0.44 -34.46 8.61
CA GLN D 360 0.93 -34.85 8.34
C GLN D 360 1.84 -34.72 9.55
N VAL D 361 1.48 -33.90 10.52
CA VAL D 361 2.27 -33.81 11.74
C VAL D 361 2.15 -35.09 12.55
N PHE D 362 0.97 -35.71 12.56
CA PHE D 362 0.83 -36.99 13.22
C PHE D 362 1.48 -38.12 12.44
N GLU D 363 1.51 -38.01 11.11
CA GLU D 363 2.17 -39.01 10.29
C GLU D 363 3.69 -38.91 10.40
N ASN D 364 4.21 -37.70 10.58
CA ASN D 364 5.64 -37.53 10.76
C ASN D 364 6.13 -38.17 12.06
N ILE D 365 5.35 -38.03 13.13
CA ILE D 365 5.74 -38.62 14.41
C ILE D 365 5.59 -40.12 14.38
N GLU D 366 4.55 -40.63 13.72
CA GLU D 366 4.29 -42.06 13.73
C GLU D 366 5.28 -42.83 12.85
N ASN D 367 5.75 -42.23 11.76
CA ASN D 367 6.74 -42.89 10.93
C ASN D 367 8.03 -43.11 11.68
N SER D 368 8.48 -42.11 12.44
CA SER D 368 9.77 -42.20 13.09
C SER D 368 9.77 -43.26 14.20
N GLN D 369 8.66 -43.40 14.92
CA GLN D 369 8.58 -44.43 15.94
C GLN D 369 8.69 -45.82 15.34
N ALA D 370 8.07 -46.03 14.18
CA ALA D 370 8.01 -47.37 13.60
C ALA D 370 9.39 -47.88 13.20
N TRP D 371 10.26 -46.98 12.74
CA TRP D 371 11.60 -47.41 12.34
C TRP D 371 12.41 -47.85 13.55
N VAL D 372 12.26 -47.16 14.67
CA VAL D 372 12.99 -47.55 15.88
C VAL D 372 12.56 -48.94 16.33
N ARG D 373 11.26 -49.21 16.33
CA ARG D 373 10.78 -50.54 16.68
C ARG D 373 11.22 -51.58 15.66
N LYS D 374 11.22 -51.22 14.38
CA LYS D 374 11.65 -52.15 13.34
C LYS D 374 13.12 -52.48 13.48
N PHE D 375 13.96 -51.46 13.73
CA PHE D 375 15.39 -51.72 13.89
C PHE D 375 15.68 -52.48 15.16
N ASP D 376 14.94 -52.21 16.23
CA ASP D 376 15.19 -52.87 17.50
C ASP D 376 14.97 -54.37 17.39
N GLU D 377 13.92 -54.79 16.68
CA GLU D 377 13.62 -56.21 16.59
C GLU D 377 14.77 -57.00 15.97
N ILE D 378 15.54 -56.38 15.07
CA ILE D 378 16.68 -57.07 14.49
C ILE D 378 17.75 -57.32 15.53
N LEU D 379 18.05 -56.32 16.36
CA LEU D 379 19.17 -56.42 17.29
C LEU D 379 19.00 -57.59 18.23
N SER D 380 17.77 -57.87 18.66
CA SER D 380 17.53 -59.00 19.55
C SER D 380 17.62 -60.34 18.84
N SER D 381 17.36 -60.36 17.53
CA SER D 381 17.24 -61.61 16.79
C SER D 381 18.54 -62.07 16.13
N ILE D 382 19.59 -61.26 16.13
CA ILE D 382 20.82 -61.66 15.48
C ILE D 382 21.75 -62.42 16.42
N GLU D 383 21.62 -62.19 17.73
CA GLU D 383 22.42 -62.92 18.72
C GLU D 383 21.55 -63.79 19.60
N LYS D 384 20.55 -63.22 20.27
CA LYS D 384 19.75 -63.99 21.22
C LYS D 384 18.85 -64.99 20.49
N GLY D 385 18.42 -64.66 19.28
CA GLY D 385 17.58 -65.56 18.51
C GLY D 385 18.34 -66.34 17.46
N PHE E 1 6.69 -20.77 13.07
CA PHE E 1 6.27 -19.44 13.47
C PHE E 1 7.09 -18.38 12.77
N VAL E 2 6.57 -17.84 11.68
CA VAL E 2 7.20 -16.76 10.94
C VAL E 2 6.71 -15.45 11.53
N LEU E 3 7.56 -14.78 12.32
CA LEU E 3 7.14 -13.58 13.03
C LEU E 3 6.78 -12.43 12.10
N GLY E 4 7.14 -12.49 10.84
CA GLY E 4 6.78 -11.42 9.94
C GLY E 4 5.37 -11.47 9.42
N ALA E 5 4.69 -12.60 9.59
CA ALA E 5 3.32 -12.78 9.14
C ALA E 5 2.31 -12.75 10.27
N ILE E 6 2.71 -13.08 11.48
CA ILE E 6 1.84 -12.94 12.64
C ILE E 6 1.49 -11.48 12.86
N ALA E 7 2.47 -10.58 12.71
CA ALA E 7 2.26 -9.15 12.65
C ALA E 7 1.73 -8.82 11.27
N LEU E 8 1.94 -7.60 10.77
CA LEU E 8 1.43 -7.21 9.46
C LEU E 8 -0.08 -7.16 9.45
N GLY E 9 -0.63 -6.18 10.14
CA GLY E 9 -2.05 -5.89 10.10
C GLY E 9 -2.56 -5.52 11.47
N ARG E 10 -1.72 -5.68 12.48
CA ARG E 10 -2.15 -5.43 13.85
C ARG E 10 -2.27 -3.94 14.14
N ALA E 11 -1.39 -3.13 13.57
CA ALA E 11 -1.33 -1.73 13.96
C ALA E 11 -2.48 -0.93 13.39
N THR E 12 -2.87 -1.22 12.14
CA THR E 12 -3.98 -0.52 11.52
C THR E 12 -5.33 -1.03 11.99
N ALA E 13 -5.47 -2.33 12.20
CA ALA E 13 -6.74 -2.88 12.64
C ALA E 13 -7.07 -2.44 14.05
N ALA E 14 -6.07 -2.29 14.91
CA ALA E 14 -6.31 -1.90 16.29
C ALA E 14 -6.45 -0.39 16.47
N ALA E 15 -6.30 0.38 15.40
CA ALA E 15 -6.45 1.83 15.47
C ALA E 15 -7.82 2.28 14.99
N VAL E 16 -8.37 1.63 13.96
CA VAL E 16 -9.74 1.89 13.55
C VAL E 16 -10.72 1.35 14.58
N THR E 17 -10.46 0.14 15.09
CA THR E 17 -11.35 -0.47 16.08
C THR E 17 -11.49 0.36 17.34
N ALA E 18 -10.44 1.07 17.73
CA ALA E 18 -10.51 1.92 18.90
C ALA E 18 -11.13 3.27 18.60
N GLY E 19 -11.28 3.63 17.34
CA GLY E 19 -11.86 4.90 16.97
C GLY E 19 -13.34 4.82 16.71
N VAL E 20 -13.79 3.71 16.13
CA VAL E 20 -15.22 3.52 15.91
C VAL E 20 -15.91 3.14 17.22
N ALA E 21 -15.16 2.66 18.21
CA ALA E 21 -15.74 2.27 19.48
C ALA E 21 -16.14 3.45 20.33
N ILE E 22 -15.65 4.65 20.02
CA ILE E 22 -16.03 5.86 20.74
C ILE E 22 -16.88 6.79 19.90
N ALA E 23 -16.85 6.68 18.57
CA ALA E 23 -17.85 7.39 17.79
C ALA E 23 -19.23 6.80 18.03
N LYS E 24 -19.29 5.53 18.41
CA LYS E 24 -20.54 4.90 18.78
C LYS E 24 -21.16 5.49 20.03
N THR E 25 -20.39 6.21 20.84
CA THR E 25 -20.89 6.86 22.05
C THR E 25 -21.26 8.32 21.83
N ILE E 26 -20.46 9.09 21.11
CA ILE E 26 -20.81 10.48 20.83
C ILE E 26 -21.97 10.58 19.87
N ARG E 27 -22.22 9.55 19.07
CA ARG E 27 -23.28 9.59 18.07
C ARG E 27 -24.68 9.62 18.67
N LEU E 28 -24.83 9.34 19.96
CA LEU E 28 -26.15 9.35 20.56
C LEU E 28 -26.75 10.75 20.54
N GLU E 29 -28.00 10.84 20.96
CA GLU E 29 -28.65 12.13 21.12
C GLU E 29 -28.50 12.69 22.53
N SER E 30 -28.10 11.86 23.49
CA SER E 30 -27.84 12.35 24.83
C SER E 30 -26.53 13.12 24.89
N GLU E 31 -25.48 12.61 24.22
CA GLU E 31 -24.18 13.27 24.28
C GLU E 31 -24.17 14.53 23.44
N VAL E 32 -24.73 14.48 22.24
CA VAL E 32 -24.69 15.62 21.34
C VAL E 32 -25.45 16.80 21.92
N THR E 33 -26.53 16.55 22.64
CA THR E 33 -27.19 17.62 23.37
C THR E 33 -26.28 18.17 24.46
N ALA E 34 -25.53 17.29 25.12
CA ALA E 34 -24.66 17.70 26.22
C ALA E 34 -23.40 18.40 25.74
N ILE E 35 -22.89 18.02 24.56
CA ILE E 35 -21.71 18.69 24.02
C ILE E 35 -22.03 20.11 23.63
N LYS E 36 -23.12 20.32 22.90
CA LYS E 36 -23.48 21.63 22.39
C LYS E 36 -24.03 22.56 23.46
N ASN E 37 -24.23 22.08 24.69
CA ASN E 37 -24.55 22.96 25.81
C ASN E 37 -23.31 23.44 26.53
N ALA E 38 -22.14 22.87 26.26
CA ALA E 38 -20.88 23.40 26.77
C ALA E 38 -20.30 24.47 25.86
N LEU E 39 -20.84 24.64 24.66
CA LEU E 39 -20.28 25.52 23.65
C LEU E 39 -21.25 26.64 23.29
N LYS E 40 -22.24 26.92 24.13
CA LYS E 40 -23.16 28.00 23.82
C LYS E 40 -22.61 29.37 24.19
N THR E 41 -21.57 29.42 25.00
CA THR E 41 -20.99 30.70 25.42
C THR E 41 -19.49 30.82 25.20
N THR E 42 -18.81 29.75 24.78
CA THR E 42 -17.38 29.80 24.55
C THR E 42 -17.04 28.90 23.37
N ASN E 43 -15.86 29.09 22.81
CA ASN E 43 -15.45 28.37 21.60
C ASN E 43 -14.66 27.13 21.89
N GLU E 44 -14.54 26.70 23.13
CA GLU E 44 -13.80 25.49 23.44
C GLU E 44 -14.05 25.12 24.89
N ALA E 45 -14.28 23.83 25.14
CA ALA E 45 -14.55 23.40 26.50
C ALA E 45 -14.29 21.91 26.60
N VAL E 46 -13.72 21.49 27.72
CA VAL E 46 -13.39 20.10 27.97
C VAL E 46 -14.59 19.42 28.62
N SER E 47 -15.02 18.30 28.06
CA SER E 47 -16.20 17.60 28.53
C SER E 47 -15.88 16.13 28.77
N THR E 48 -16.64 15.50 29.65
CA THR E 48 -16.51 14.08 29.96
C THR E 48 -17.71 13.33 29.41
N LEU E 49 -17.46 12.28 28.64
CA LEU E 49 -18.53 11.54 28.01
C LEU E 49 -19.25 10.68 29.04
N GLY E 50 -20.15 9.81 28.59
CA GLY E 50 -20.90 8.97 29.50
C GLY E 50 -20.16 7.74 29.94
N ASN E 51 -19.25 7.23 29.12
CA ASN E 51 -18.49 6.04 29.48
C ASN E 51 -17.18 6.37 30.18
N GLY E 52 -17.04 7.59 30.70
CA GLY E 52 -15.89 7.98 31.49
C GLY E 52 -14.77 8.65 30.72
N VAL E 53 -14.75 8.54 29.40
CA VAL E 53 -13.66 9.09 28.59
C VAL E 53 -13.82 10.59 28.46
N ARG E 54 -12.72 11.34 28.63
CA ARG E 54 -12.73 12.78 28.44
C ARG E 54 -12.29 13.15 27.03
N VAL E 55 -12.93 14.17 26.48
CA VAL E 55 -12.65 14.68 25.15
C VAL E 55 -12.48 16.18 25.24
N LEU E 56 -12.19 16.81 24.11
CA LEU E 56 -12.11 18.26 24.01
C LEU E 56 -13.04 18.71 22.90
N ALA E 57 -13.97 19.61 23.22
CA ALA E 57 -14.96 20.06 22.26
C ALA E 57 -14.59 21.45 21.79
N THR E 58 -14.62 21.66 20.47
CA THR E 58 -14.28 22.96 19.90
C THR E 58 -15.27 23.32 18.80
N ALA E 59 -15.58 24.61 18.69
CA ALA E 59 -16.64 25.09 17.82
C ALA E 59 -16.10 26.07 16.79
N VAL E 60 -16.75 26.07 15.62
CA VAL E 60 -16.36 26.90 14.49
C VAL E 60 -17.56 27.73 14.07
N ARG E 61 -17.42 29.04 14.06
CA ARG E 61 -18.55 29.92 13.79
C ARG E 61 -18.18 31.04 12.84
N GLU E 62 -17.43 30.74 11.80
CA GLU E 62 -17.10 31.79 10.83
C GLU E 62 -18.19 31.94 9.79
N LEU E 63 -18.71 30.83 9.27
CA LEU E 63 -19.73 30.91 8.23
C LEU E 63 -21.09 31.29 8.78
N LYS E 64 -21.41 30.84 10.00
CA LYS E 64 -22.71 31.17 10.57
C LYS E 64 -22.84 32.65 10.85
N ASP E 65 -21.76 33.30 11.28
CA ASP E 65 -21.83 34.72 11.57
C ASP E 65 -22.03 35.54 10.30
N PHE E 66 -21.37 35.16 9.21
CA PHE E 66 -21.56 35.89 7.96
C PHE E 66 -23.00 35.75 7.45
N VAL E 67 -23.51 34.53 7.42
CA VAL E 67 -24.85 34.29 6.89
C VAL E 67 -25.90 34.99 7.72
N SER E 68 -25.71 35.03 9.03
CA SER E 68 -26.74 35.56 9.91
C SER E 68 -26.83 37.08 9.84
N LYS E 69 -25.68 37.77 9.81
CA LYS E 69 -25.65 39.22 9.92
C LYS E 69 -25.48 39.93 8.59
N ASN E 70 -24.58 39.46 7.73
CA ASN E 70 -24.29 40.16 6.49
C ASN E 70 -25.17 39.72 5.33
N LEU E 71 -25.23 38.42 5.07
CA LEU E 71 -25.97 37.95 3.91
C LEU E 71 -27.47 38.17 4.07
N THR E 72 -28.03 37.77 5.20
CA THR E 72 -29.49 37.82 5.32
C THR E 72 -29.89 39.25 5.66
N ARG E 73 -29.30 40.19 4.98
CA ARG E 73 -29.70 41.59 5.11
C ARG E 73 -29.62 42.35 3.79
N ALA E 74 -29.13 41.72 2.74
CA ALA E 74 -29.22 42.23 1.39
C ALA E 74 -30.11 41.38 0.50
N ILE E 75 -30.29 40.11 0.83
CA ILE E 75 -31.25 39.25 0.14
C ILE E 75 -32.57 39.45 0.88
N ASN E 76 -33.27 40.52 0.52
CA ASN E 76 -34.55 40.82 1.17
C ASN E 76 -35.75 40.37 0.36
N LYS E 77 -35.88 40.85 -0.86
CA LYS E 77 -37.03 40.51 -1.71
C LYS E 77 -36.75 39.32 -2.60
N ASN E 78 -35.93 38.38 -2.14
CA ASN E 78 -35.49 37.23 -2.93
C ASN E 78 -34.77 37.68 -4.20
N LYS E 79 -34.05 38.80 -4.12
CA LYS E 79 -33.32 39.35 -5.26
C LYS E 79 -31.83 39.25 -4.98
N CYS E 80 -31.16 38.32 -5.65
CA CYS E 80 -29.73 38.13 -5.49
C CYS E 80 -28.92 38.70 -6.64
N ASP E 81 -29.53 39.47 -7.53
CA ASP E 81 -28.80 40.13 -8.61
C ASP E 81 -28.52 41.58 -8.21
N ILE E 82 -27.78 41.73 -7.12
CA ILE E 82 -27.38 43.04 -6.62
C ILE E 82 -26.01 43.37 -7.17
N ASP E 83 -25.72 44.66 -7.27
CA ASP E 83 -24.48 45.15 -7.85
C ASP E 83 -23.42 45.50 -6.81
N ASP E 84 -23.41 44.78 -5.68
CA ASP E 84 -22.42 45.05 -4.65
C ASP E 84 -21.05 44.51 -5.02
N LEU E 85 -20.98 43.25 -5.47
CA LEU E 85 -19.78 42.55 -5.88
C LEU E 85 -18.79 42.32 -4.75
N LYS E 86 -19.07 42.79 -3.54
CA LYS E 86 -18.22 42.48 -2.40
C LYS E 86 -18.80 41.38 -1.53
N MET E 87 -20.12 41.29 -1.41
CA MET E 87 -20.72 40.15 -0.74
C MET E 87 -20.52 38.88 -1.55
N ALA E 88 -20.64 38.97 -2.87
CA ALA E 88 -20.51 37.78 -3.70
C ALA E 88 -19.08 37.27 -3.76
N VAL E 89 -18.11 38.08 -3.34
CA VAL E 89 -16.71 37.67 -3.32
C VAL E 89 -16.32 37.28 -1.90
N SER E 90 -16.92 37.95 -0.90
CA SER E 90 -16.72 37.53 0.48
C SER E 90 -17.38 36.20 0.76
N PHE E 91 -18.52 35.93 0.13
CA PHE E 91 -19.21 34.67 0.36
C PHE E 91 -18.42 33.48 -0.15
N SER E 92 -17.54 33.69 -1.12
CA SER E 92 -16.74 32.60 -1.67
C SER E 92 -15.43 32.41 -0.94
N GLN E 93 -15.16 33.21 0.09
CA GLN E 93 -14.02 32.99 0.98
C GLN E 93 -14.44 32.33 2.28
N PHE E 94 -15.64 32.59 2.76
CA PHE E 94 -16.07 32.05 4.05
C PHE E 94 -16.44 30.57 3.93
N ASN E 95 -17.09 30.16 2.84
CA ASN E 95 -17.52 28.78 2.70
C ASN E 95 -16.50 27.94 1.95
N ARG E 96 -15.24 28.33 1.95
CA ARG E 96 -14.21 27.51 1.32
C ARG E 96 -13.81 26.34 2.21
N ARG E 97 -13.87 26.50 3.53
CA ARG E 97 -13.55 25.39 4.43
C ARG E 97 -14.71 24.43 4.59
N PHE E 98 -15.94 24.94 4.56
CA PHE E 98 -17.08 24.04 4.69
C PHE E 98 -17.17 23.09 3.50
N LEU E 99 -16.93 23.58 2.30
CA LEU E 99 -17.05 22.74 1.12
C LEU E 99 -15.88 21.78 0.95
N ASN E 100 -14.79 21.99 1.67
CA ASN E 100 -13.64 21.10 1.58
C ASN E 100 -13.70 19.95 2.57
N VAL E 101 -14.42 20.11 3.68
CA VAL E 101 -14.69 18.98 4.56
C VAL E 101 -15.68 18.04 3.92
N VAL E 102 -16.75 18.58 3.33
CA VAL E 102 -17.81 17.78 2.72
C VAL E 102 -17.27 16.93 1.57
N ARG E 103 -16.21 17.39 0.91
CA ARG E 103 -15.61 16.62 -0.17
C ARG E 103 -14.75 15.47 0.37
N GLN E 104 -14.11 15.66 1.52
CA GLN E 104 -13.21 14.63 2.04
C GLN E 104 -13.96 13.46 2.64
N PHE E 105 -15.08 13.71 3.29
CA PHE E 105 -15.88 12.63 3.85
C PHE E 105 -16.71 11.93 2.80
N SER E 106 -17.12 12.65 1.75
CA SER E 106 -18.00 12.07 0.75
C SER E 106 -17.25 11.19 -0.23
N GLU E 107 -15.94 11.35 -0.34
CA GLU E 107 -15.13 10.54 -1.23
C GLU E 107 -14.46 9.37 -0.53
N ASN E 108 -14.21 9.48 0.76
CA ASN E 108 -13.59 8.43 1.56
C ASN E 108 -14.59 7.59 2.33
N ALA E 109 -15.88 7.77 2.04
CA ALA E 109 -16.96 6.95 2.60
C ALA E 109 -17.15 7.16 4.09
N GLY E 110 -16.77 8.30 4.62
CA GLY E 110 -17.02 8.64 6.00
C GLY E 110 -15.84 8.56 6.93
N ILE E 111 -14.72 7.96 6.52
CA ILE E 111 -13.52 7.84 7.34
C ILE E 111 -12.32 8.29 6.54
N THR E 112 -11.68 9.37 6.94
CA THR E 112 -10.52 9.70 6.13
C THR E 112 -9.25 9.21 6.79
N PRO E 113 -8.23 8.80 6.02
CA PRO E 113 -7.00 8.28 6.62
C PRO E 113 -5.95 9.32 6.99
N ALA E 114 -6.24 10.61 6.91
CA ALA E 114 -5.28 11.62 7.36
C ALA E 114 -6.01 12.92 7.65
N ILE E 115 -5.38 13.78 8.44
CA ILE E 115 -5.98 15.02 8.92
C ILE E 115 -5.52 16.15 8.02
N SER E 116 -6.33 16.52 7.04
CA SER E 116 -5.96 17.64 6.18
C SER E 116 -6.07 18.94 6.95
N LEU E 117 -5.58 20.03 6.35
CA LEU E 117 -5.59 21.32 7.02
C LEU E 117 -6.99 21.90 7.14
N ASP E 118 -7.99 21.27 6.53
CA ASP E 118 -9.37 21.73 6.64
C ASP E 118 -10.11 21.11 7.81
N LEU E 119 -9.81 19.86 8.16
CA LEU E 119 -10.39 19.30 9.37
C LEU E 119 -9.84 20.00 10.61
N MET E 120 -8.52 20.13 10.71
CA MET E 120 -7.87 20.63 11.91
C MET E 120 -6.74 21.56 11.51
N THR E 121 -6.93 22.87 11.66
CA THR E 121 -5.92 23.83 11.26
C THR E 121 -4.74 23.79 12.23
N ASP E 122 -3.70 24.56 11.91
CA ASP E 122 -2.48 24.48 12.72
C ASP E 122 -2.61 25.22 14.04
N ALA E 123 -3.52 26.17 14.16
CA ALA E 123 -3.70 26.83 15.44
C ALA E 123 -4.48 25.96 16.41
N GLU E 124 -5.30 25.05 15.90
CA GLU E 124 -6.05 24.10 16.73
C GLU E 124 -5.29 22.81 16.96
N LEU E 125 -4.19 22.57 16.26
CA LEU E 125 -3.36 21.41 16.54
C LEU E 125 -2.41 21.65 17.69
N ALA E 126 -2.15 22.90 18.05
CA ALA E 126 -1.33 23.23 19.20
C ALA E 126 -2.14 23.50 20.45
N ARG E 127 -3.46 23.57 20.36
CA ARG E 127 -4.32 23.59 21.53
C ARG E 127 -4.75 22.22 21.97
N ALA E 128 -4.75 21.23 21.07
CA ALA E 128 -4.98 19.86 21.47
C ALA E 128 -3.76 19.27 22.16
N ILE E 129 -2.56 19.56 21.64
CA ILE E 129 -1.34 19.00 22.20
C ILE E 129 -1.07 19.57 23.58
N SER E 130 -1.46 20.81 23.84
CA SER E 130 -1.25 21.41 25.15
C SER E 130 -2.16 20.83 26.22
N ASN E 131 -3.14 20.01 25.85
CA ASN E 131 -4.10 19.47 26.78
C ASN E 131 -3.93 17.98 27.05
N MET E 132 -3.09 17.28 26.29
CA MET E 132 -3.06 15.84 26.36
C MET E 132 -2.69 15.38 27.76
N PRO E 133 -3.19 14.24 28.19
CA PRO E 133 -2.91 13.75 29.54
C PRO E 133 -1.59 13.00 29.67
N THR E 134 -0.50 13.76 29.73
CA THR E 134 0.83 13.19 29.84
C THR E 134 1.74 14.19 30.54
N SER E 135 2.99 13.81 30.75
CA SER E 135 3.90 14.59 31.57
C SER E 135 4.26 15.89 30.87
N ALA E 136 5.10 16.70 31.53
CA ALA E 136 5.44 18.01 30.99
C ALA E 136 6.57 17.94 29.98
N GLY E 137 7.43 16.92 30.05
CA GLY E 137 8.54 16.83 29.12
C GLY E 137 8.15 16.21 27.79
N GLN E 138 7.08 15.42 27.78
CA GLN E 138 6.55 14.89 26.52
C GLN E 138 5.76 15.94 25.76
N ILE E 139 5.09 16.85 26.46
CA ILE E 139 4.34 17.91 25.80
C ILE E 139 5.28 18.82 25.04
N LYS E 140 6.41 19.19 25.64
CA LYS E 140 7.34 20.09 24.99
C LYS E 140 7.90 19.48 23.71
N LEU E 141 8.20 18.19 23.72
CA LEU E 141 8.72 17.56 22.51
C LEU E 141 7.69 17.57 21.40
N MET E 142 6.42 17.34 21.73
CA MET E 142 5.40 17.26 20.68
C MET E 142 5.12 18.62 20.07
N LEU E 143 5.26 19.69 20.83
CA LEU E 143 4.87 21.00 20.33
C LEU E 143 5.79 21.52 19.26
N GLU E 144 7.08 21.16 19.27
CA GLU E 144 7.95 21.61 18.20
C GLU E 144 7.96 20.68 17.00
N ASN E 145 7.35 19.51 17.09
CA ASN E 145 7.32 18.56 15.99
C ASN E 145 5.90 18.19 15.64
N ARG E 146 5.04 19.20 15.52
CA ARG E 146 3.62 18.94 15.32
C ARG E 146 3.36 18.21 14.01
N ALA E 147 4.21 18.38 13.02
CA ALA E 147 3.98 17.74 11.73
C ALA E 147 4.09 16.23 11.80
N MET E 148 4.69 15.69 12.86
CA MET E 148 4.78 14.25 13.08
C MET E 148 3.71 13.73 14.01
N VAL E 149 2.86 14.61 14.54
CA VAL E 149 1.67 14.23 15.28
C VAL E 149 0.44 14.24 14.40
N ARG E 150 0.35 15.21 13.50
CA ARG E 150 -0.70 15.20 12.48
C ARG E 150 -0.56 14.02 11.56
N ARG E 151 0.66 13.52 11.37
CA ARG E 151 0.91 12.47 10.39
C ARG E 151 0.33 11.13 10.80
N LYS E 152 -0.01 10.95 12.08
CA LYS E 152 -0.53 9.67 12.55
C LYS E 152 -1.91 9.81 13.18
N GLY E 153 -2.85 10.45 12.49
CA GLY E 153 -4.21 10.57 12.97
C GLY E 153 -5.20 10.17 11.90
N PHE E 154 -6.50 10.36 12.15
CA PHE E 154 -7.52 10.17 11.15
C PHE E 154 -8.80 10.82 11.65
N GLY E 155 -9.81 10.89 10.78
CA GLY E 155 -11.07 11.51 11.13
C GLY E 155 -12.23 10.58 10.88
N ILE E 156 -13.33 10.83 11.60
CA ILE E 156 -14.55 10.03 11.49
C ILE E 156 -15.74 10.98 11.53
N LEU E 157 -16.77 10.70 10.73
CA LEU E 157 -17.93 11.57 10.65
C LEU E 157 -19.00 11.12 11.62
N ILE E 158 -19.52 12.05 12.42
CA ILE E 158 -20.53 11.72 13.41
C ILE E 158 -21.93 11.98 12.89
N GLY E 159 -22.19 13.07 12.16
CA GLY E 159 -23.51 13.27 11.63
C GLY E 159 -23.69 14.69 11.11
N VAL E 160 -24.96 15.02 10.84
CA VAL E 160 -25.39 16.36 10.48
C VAL E 160 -26.64 16.64 11.29
N TYR E 161 -26.50 17.36 12.40
CA TYR E 161 -27.57 17.52 13.39
C TYR E 161 -28.17 18.91 13.25
N GLY E 162 -29.17 19.05 12.40
CA GLY E 162 -29.78 20.34 12.18
C GLY E 162 -29.14 21.07 11.02
N SER E 163 -28.16 21.91 11.32
CA SER E 163 -27.38 22.58 10.28
C SER E 163 -25.92 22.70 10.68
N SER E 164 -25.37 21.70 11.38
CA SER E 164 -24.01 21.78 11.88
C SER E 164 -23.33 20.44 11.76
N VAL E 165 -22.31 20.37 10.91
CA VAL E 165 -21.55 19.15 10.71
C VAL E 165 -20.71 18.85 11.94
N ILE E 166 -20.80 17.63 12.45
CA ILE E 166 -20.03 17.20 13.62
C ILE E 166 -19.07 16.10 13.18
N TYR E 167 -17.83 16.17 13.65
CA TYR E 167 -16.86 15.13 13.34
C TYR E 167 -15.82 15.10 14.45
N MET E 168 -14.98 14.07 14.43
CA MET E 168 -13.99 13.89 15.50
C MET E 168 -12.65 13.55 14.89
N VAL E 169 -11.58 13.85 15.64
CA VAL E 169 -10.22 13.70 15.18
C VAL E 169 -9.42 12.97 16.25
N GLN E 170 -8.79 11.85 15.89
CA GLN E 170 -7.99 11.04 16.79
C GLN E 170 -6.53 11.40 16.65
N LEU E 171 -5.87 11.70 17.77
CA LEU E 171 -4.46 12.09 17.78
C LEU E 171 -3.66 11.17 18.70
N PRO E 172 -2.41 10.85 18.36
CA PRO E 172 -1.64 9.95 19.21
C PRO E 172 -1.00 10.67 20.37
N ILE E 173 -0.75 9.93 21.45
CA ILE E 173 -0.07 10.44 22.63
C ILE E 173 1.29 9.75 22.71
N PHE E 174 2.36 10.51 22.57
CA PHE E 174 3.71 9.97 22.62
C PHE E 174 4.19 10.00 24.07
N GLY E 175 3.85 8.95 24.81
CA GLY E 175 4.05 8.95 26.23
C GLY E 175 5.39 8.51 26.76
N VAL E 176 6.17 7.77 25.95
CA VAL E 176 7.48 7.28 26.35
C VAL E 176 8.51 7.78 25.36
N ILE E 177 9.54 8.47 25.84
CA ILE E 177 10.57 9.04 25.00
C ILE E 177 11.94 8.73 25.57
N ASP E 178 12.94 8.73 24.71
CA ASP E 178 14.35 8.58 25.08
C ASP E 178 14.62 7.24 25.77
N THR E 179 14.49 6.16 25.00
CA THR E 179 14.75 4.82 25.48
C THR E 179 15.47 4.07 24.35
N PRO E 180 16.52 3.29 24.63
CA PRO E 180 17.43 2.85 23.58
C PRO E 180 16.78 2.00 22.50
N CYS E 181 17.35 2.05 21.29
CA CYS E 181 16.95 1.21 20.17
C CYS E 181 18.18 0.76 19.40
N TRP E 182 17.97 -0.08 18.38
CA TRP E 182 19.02 -0.50 17.46
C TRP E 182 18.36 -1.23 16.29
N ILE E 183 19.15 -1.54 15.27
CA ILE E 183 18.65 -2.15 14.02
C ILE E 183 19.67 -3.15 13.51
N VAL E 184 19.17 -4.24 12.92
CA VAL E 184 20.00 -5.36 12.47
C VAL E 184 19.76 -5.60 10.99
N LYS E 185 20.84 -5.73 10.21
CA LYS E 185 20.77 -5.96 8.77
C LYS E 185 21.60 -7.18 8.40
N ALA E 186 21.24 -7.85 7.31
CA ALA E 186 21.81 -9.15 7.00
C ALA E 186 21.98 -9.34 5.50
N ALA E 187 22.79 -10.34 5.15
CA ALA E 187 23.06 -10.71 3.76
C ALA E 187 23.49 -12.17 3.75
N PRO E 188 23.38 -12.85 2.61
CA PRO E 188 23.73 -14.28 2.56
C PRO E 188 25.20 -14.53 2.79
N SER E 189 25.52 -15.67 3.40
CA SER E 189 26.90 -16.06 3.66
C SER E 189 27.11 -17.49 3.19
N CYS E 190 27.95 -17.66 2.17
CA CYS E 190 28.10 -18.92 1.47
C CYS E 190 29.52 -19.43 1.55
N SER E 191 29.70 -20.72 1.27
CA SER E 191 31.02 -21.34 1.18
C SER E 191 31.08 -22.14 -0.10
N GLU E 192 32.20 -22.82 -0.32
CA GLU E 192 32.38 -23.56 -1.56
C GLU E 192 33.50 -24.57 -1.39
N LYS E 193 33.25 -25.82 -1.77
CA LYS E 193 34.28 -26.86 -1.79
C LYS E 193 34.06 -27.71 -3.02
N LYS E 194 34.95 -27.57 -4.00
CA LYS E 194 34.88 -28.33 -5.25
C LYS E 194 33.58 -28.08 -6.00
N GLY E 195 33.12 -26.83 -5.99
CA GLY E 195 32.00 -26.42 -6.80
C GLY E 195 30.64 -26.49 -6.14
N ASN E 196 30.56 -27.02 -4.91
CA ASN E 196 29.30 -27.10 -4.19
C ASN E 196 29.21 -25.99 -3.15
N TYR E 197 28.01 -25.44 -2.97
CA TYR E 197 27.78 -24.33 -2.09
C TYR E 197 26.93 -24.73 -0.90
N ALA E 198 26.98 -23.91 0.16
CA ALA E 198 26.24 -24.17 1.39
C ALA E 198 25.88 -22.82 2.00
N CYS E 199 24.71 -22.30 1.66
CA CYS E 199 24.36 -20.93 1.98
C CYS E 199 23.76 -20.83 3.38
N LEU E 200 23.44 -19.60 3.80
CA LEU E 200 22.86 -19.35 5.11
C LEU E 200 22.50 -17.87 5.18
N LEU E 201 21.45 -17.53 5.92
CA LEU E 201 20.97 -16.16 5.99
C LEU E 201 20.17 -15.96 7.27
N ARG E 202 20.37 -14.83 7.94
CA ARG E 202 19.63 -14.51 9.16
C ARG E 202 18.24 -14.02 8.82
N GLU E 203 17.32 -14.17 9.77
CA GLU E 203 15.94 -13.77 9.54
C GLU E 203 15.38 -12.88 10.64
N ASP E 204 16.16 -12.53 11.65
CA ASP E 204 15.73 -11.62 12.69
C ASP E 204 16.26 -10.22 12.42
N GLN E 205 15.64 -9.56 11.44
CA GLN E 205 15.97 -8.20 11.05
C GLN E 205 14.84 -7.25 11.41
N GLY E 206 15.19 -5.99 11.68
CA GLY E 206 14.21 -5.00 12.05
C GLY E 206 14.67 -4.22 13.26
N TRP E 207 13.74 -3.53 13.90
CA TRP E 207 14.03 -2.63 15.00
C TRP E 207 13.74 -3.29 16.33
N TYR E 208 14.56 -3.01 17.32
CA TYR E 208 14.34 -3.48 18.68
C TYR E 208 14.28 -2.28 19.59
N CYS E 209 13.49 -2.35 20.65
CA CYS E 209 13.42 -1.27 21.62
C CYS E 209 13.50 -1.85 23.01
N GLN E 210 13.86 -0.99 23.95
CA GLN E 210 13.75 -1.30 25.37
C GLN E 210 12.64 -0.42 25.95
N ASN E 211 12.04 -0.89 27.04
CA ASN E 211 11.03 -0.09 27.71
C ASN E 211 10.87 -0.63 29.13
N ALA E 212 11.55 -0.02 30.08
CA ALA E 212 11.47 -0.44 31.48
C ALA E 212 11.78 -1.93 31.63
N GLY E 213 12.81 -2.39 30.92
CA GLY E 213 13.36 -3.71 31.13
C GLY E 213 12.88 -4.81 30.21
N SER E 214 11.89 -4.55 29.36
CA SER E 214 11.35 -5.56 28.48
C SER E 214 11.58 -5.17 27.02
N THR E 215 12.25 -6.04 26.27
CA THR E 215 12.60 -5.78 24.89
C THR E 215 11.41 -6.09 23.99
N VAL E 216 11.28 -5.34 22.91
CA VAL E 216 10.21 -5.52 21.93
C VAL E 216 10.86 -5.54 20.56
N TYR E 217 10.20 -6.15 19.58
CA TYR E 217 10.81 -6.38 18.26
C TYR E 217 9.79 -6.04 17.18
N TYR E 218 10.11 -5.06 16.33
CA TYR E 218 9.16 -4.61 15.31
C TYR E 218 9.58 -5.16 13.96
N PRO E 219 8.97 -6.23 13.48
CA PRO E 219 9.54 -6.96 12.33
C PRO E 219 9.32 -6.29 10.98
N ASN E 220 8.17 -5.67 10.77
CA ASN E 220 7.82 -5.04 9.51
C ASN E 220 8.22 -3.57 9.59
N GLU E 221 9.21 -3.17 8.79
CA GLU E 221 9.81 -1.84 8.90
C GLU E 221 8.93 -0.74 8.29
N LYS E 222 7.68 -1.03 7.95
CA LYS E 222 6.73 0.03 7.68
C LYS E 222 6.14 0.62 8.96
N ASP E 223 6.39 -0.02 10.10
CA ASP E 223 5.91 0.48 11.37
C ASP E 223 6.69 1.68 11.87
N CYS E 224 8.01 1.69 11.69
CA CYS E 224 8.90 2.66 12.30
C CYS E 224 9.46 3.62 11.27
N GLU E 225 10.01 4.72 11.75
CA GLU E 225 10.43 5.83 10.91
C GLU E 225 11.31 6.77 11.71
N THR E 226 12.48 7.10 11.18
CA THR E 226 13.45 7.90 11.91
C THR E 226 13.47 9.33 11.39
N ARG E 227 13.81 10.25 12.28
CA ARG E 227 14.10 11.65 11.94
C ARG E 227 15.33 12.04 12.75
N GLY E 228 16.50 11.88 12.18
CA GLY E 228 17.73 12.20 12.89
C GLY E 228 18.25 11.00 13.69
N ASP E 229 18.18 11.10 15.01
CA ASP E 229 18.41 9.95 15.88
C ASP E 229 17.12 9.30 16.36
N HIS E 230 16.05 10.06 16.52
CA HIS E 230 14.86 9.53 17.15
C HIS E 230 14.11 8.62 16.21
N VAL E 231 13.38 7.66 16.78
CA VAL E 231 12.62 6.67 16.02
C VAL E 231 11.16 6.75 16.47
N PHE E 232 10.25 6.87 15.52
CA PHE E 232 8.82 7.04 15.81
C PHE E 232 8.09 5.72 15.58
N CYS E 233 7.91 4.94 16.65
CA CYS E 233 7.34 3.60 16.60
C CYS E 233 5.89 3.58 17.06
N ASP E 234 5.26 2.42 16.91
CA ASP E 234 3.86 2.20 17.23
C ASP E 234 3.74 0.94 18.05
N THR E 235 3.40 1.06 19.33
CA THR E 235 3.55 -0.06 20.25
C THR E 235 2.57 -1.19 20.01
N ALA E 236 1.58 -1.02 19.15
CA ALA E 236 0.60 -2.08 18.91
C ALA E 236 1.05 -3.06 17.84
N ALA E 237 2.24 -2.89 17.28
CA ALA E 237 2.73 -3.76 16.21
C ALA E 237 4.00 -4.51 16.57
N GLY E 238 4.36 -4.61 17.85
CA GLY E 238 5.56 -5.30 18.26
C GLY E 238 5.25 -6.62 18.93
N ILE E 239 6.30 -7.41 19.14
CA ILE E 239 6.21 -8.73 19.74
C ILE E 239 7.26 -8.84 20.83
N ASN E 240 6.83 -9.05 22.07
CA ASN E 240 7.78 -9.16 23.18
C ASN E 240 8.72 -10.33 22.94
N VAL E 241 10.02 -10.09 23.08
CA VAL E 241 11.02 -11.13 22.95
C VAL E 241 11.83 -11.20 24.23
N ALA E 242 12.46 -12.33 24.45
CA ALA E 242 13.17 -12.56 25.70
C ALA E 242 14.37 -11.62 25.81
N GLU E 243 14.90 -11.53 27.04
CA GLU E 243 16.02 -10.62 27.29
C GLU E 243 17.29 -11.09 26.60
N GLN E 244 17.54 -12.39 26.59
CA GLN E 244 18.78 -12.88 25.98
C GLN E 244 18.66 -13.12 24.49
N SER E 245 17.75 -12.43 23.82
CA SER E 245 17.73 -12.47 22.36
C SER E 245 18.85 -11.65 21.75
N LYS E 246 19.64 -10.97 22.56
CA LYS E 246 20.80 -10.24 22.09
C LYS E 246 22.08 -11.06 22.15
N GLU E 247 21.98 -12.35 22.48
CA GLU E 247 23.13 -13.23 22.36
C GLU E 247 23.29 -13.77 20.95
N CYS E 248 22.37 -13.44 20.04
CA CYS E 248 22.55 -13.80 18.65
C CYS E 248 23.58 -12.91 17.96
N ASN E 249 23.88 -11.75 18.52
CA ASN E 249 24.82 -10.80 17.95
C ASN E 249 26.22 -10.95 18.52
N ILE E 250 26.45 -11.93 19.38
CA ILE E 250 27.73 -12.13 20.03
C ILE E 250 28.31 -13.51 19.74
N ASN E 251 27.48 -14.55 19.83
CA ASN E 251 27.94 -15.90 19.54
C ASN E 251 26.74 -16.67 18.98
N ILE E 252 26.56 -16.60 17.67
CA ILE E 252 25.34 -17.16 17.07
C ILE E 252 25.35 -18.67 17.13
N SER E 253 26.50 -19.30 16.94
CA SER E 253 26.54 -20.74 16.73
C SER E 253 26.21 -21.52 18.00
N THR E 254 26.68 -21.06 19.16
CA THR E 254 26.68 -21.86 20.38
C THR E 254 25.99 -21.13 21.52
N THR E 255 24.79 -20.60 21.30
CA THR E 255 23.96 -20.17 22.41
C THR E 255 22.93 -21.23 22.73
N ASN E 256 21.99 -20.87 23.60
CA ASN E 256 20.81 -21.69 23.87
C ASN E 256 19.53 -21.06 23.36
N TYR E 257 19.57 -19.79 22.97
CA TYR E 257 18.44 -19.19 22.27
C TYR E 257 18.30 -19.80 20.88
N PRO E 258 17.09 -19.87 20.35
CA PRO E 258 16.91 -20.31 18.96
C PRO E 258 17.09 -19.22 17.91
N CYS E 259 18.31 -18.98 17.45
CA CYS E 259 18.54 -18.00 16.40
C CYS E 259 17.91 -18.50 15.10
N LYS E 260 17.23 -17.61 14.37
CA LYS E 260 16.46 -18.01 13.19
C LYS E 260 17.26 -17.76 11.92
N VAL E 261 17.38 -18.79 11.08
CA VAL E 261 18.12 -18.70 9.83
C VAL E 261 17.30 -19.32 8.72
N SER E 262 17.67 -18.99 7.48
CA SER E 262 17.15 -19.61 6.28
C SER E 262 18.30 -20.11 5.45
N THR E 263 18.26 -21.36 5.01
CA THR E 263 19.37 -21.96 4.30
C THR E 263 19.01 -22.14 2.84
N GLY E 264 19.95 -22.75 2.10
CA GLY E 264 19.80 -22.89 0.67
C GLY E 264 20.99 -23.65 0.12
N ARG E 265 21.07 -23.71 -1.20
CA ARG E 265 22.23 -24.30 -1.86
C ARG E 265 22.64 -23.55 -3.12
N ASN E 266 22.08 -22.38 -3.38
CA ASN E 266 22.38 -21.63 -4.60
C ASN E 266 22.73 -20.21 -4.19
N PRO E 267 23.87 -19.68 -4.60
CA PRO E 267 24.28 -18.34 -4.16
C PRO E 267 23.36 -17.25 -4.68
N ILE E 268 23.31 -16.16 -3.93
CA ILE E 268 22.66 -14.93 -4.34
C ILE E 268 23.65 -13.79 -4.17
N SER E 269 23.66 -12.86 -5.11
CA SER E 269 24.51 -11.68 -5.07
C SER E 269 23.64 -10.43 -4.95
N MET E 270 23.95 -9.59 -3.97
CA MET E 270 23.09 -8.45 -3.66
C MET E 270 23.88 -7.44 -2.83
N VAL E 271 23.32 -6.24 -2.71
CA VAL E 271 23.82 -5.20 -1.81
C VAL E 271 22.71 -4.83 -0.84
N ALA E 272 23.01 -4.87 0.45
CA ALA E 272 22.04 -4.56 1.50
C ALA E 272 22.51 -3.33 2.27
N LEU E 273 21.99 -2.16 1.90
CA LEU E 273 22.47 -0.91 2.48
C LEU E 273 22.12 -0.83 3.95
N SER E 274 23.09 -0.41 4.76
CA SER E 274 22.96 -0.21 6.18
C SER E 274 23.07 1.27 6.51
N PRO E 275 22.72 1.69 7.73
CA PRO E 275 22.69 3.13 8.03
C PRO E 275 24.01 3.86 7.85
N LEU E 276 25.15 3.20 8.01
CA LEU E 276 26.46 3.85 7.90
C LEU E 276 27.38 3.09 6.96
N GLY E 277 26.86 2.57 5.87
CA GLY E 277 27.68 1.76 4.97
C GLY E 277 26.80 0.88 4.10
N ALA E 278 27.36 -0.25 3.68
CA ALA E 278 26.64 -1.24 2.88
C ALA E 278 27.36 -2.57 2.94
N LEU E 279 26.62 -3.65 2.83
CA LEU E 279 27.19 -5.00 2.82
C LEU E 279 27.08 -5.54 1.40
N VAL E 280 28.22 -5.88 0.81
CA VAL E 280 28.29 -6.31 -0.57
C VAL E 280 28.61 -7.79 -0.58
N ALA E 281 27.74 -8.60 -1.18
CA ALA E 281 27.95 -10.04 -1.31
C ALA E 281 28.17 -10.36 -2.78
N CYS E 282 29.41 -10.63 -3.15
CA CYS E 282 29.77 -10.91 -4.54
C CYS E 282 30.19 -12.36 -4.67
N TYR E 283 29.59 -13.07 -5.62
CA TYR E 283 29.80 -14.50 -5.76
C TYR E 283 30.18 -14.83 -7.21
N LYS E 284 30.02 -16.09 -7.59
CA LYS E 284 30.75 -16.67 -8.73
C LYS E 284 30.61 -15.85 -10.01
N GLY E 285 29.38 -15.53 -10.41
CA GLY E 285 29.15 -14.97 -11.73
C GLY E 285 28.98 -13.47 -11.82
N VAL E 286 29.31 -12.72 -10.78
CA VAL E 286 29.02 -11.29 -10.72
C VAL E 286 30.32 -10.54 -10.48
N SER E 287 30.38 -9.30 -10.96
CA SER E 287 31.53 -8.42 -10.77
C SER E 287 31.10 -7.13 -10.09
N CYS E 288 31.89 -6.71 -9.09
CA CYS E 288 31.56 -5.53 -8.29
C CYS E 288 32.75 -4.61 -8.22
N SER E 289 32.47 -3.35 -7.89
CA SER E 289 33.50 -2.35 -7.66
C SER E 289 32.87 -1.18 -6.94
N ILE E 290 33.71 -0.29 -6.43
CA ILE E 290 33.26 0.88 -5.68
C ILE E 290 33.87 2.13 -6.29
N GLY E 291 33.26 3.27 -6.01
CA GLY E 291 33.77 4.50 -6.58
C GLY E 291 33.28 5.71 -5.83
N SER E 292 33.76 6.87 -6.25
CA SER E 292 33.38 8.14 -5.67
C SER E 292 32.60 8.96 -6.70
N ASN E 293 32.30 10.20 -6.35
CA ASN E 293 31.51 11.08 -7.21
C ASN E 293 32.37 11.97 -8.10
N ARG E 294 33.47 12.49 -7.57
CA ARG E 294 34.35 13.34 -8.38
C ARG E 294 35.17 12.50 -9.35
N VAL E 295 35.95 11.56 -8.81
CA VAL E 295 36.91 10.82 -9.62
C VAL E 295 36.23 9.70 -10.40
N GLY E 296 35.70 8.71 -9.69
CA GLY E 296 35.12 7.55 -10.34
C GLY E 296 35.56 6.26 -9.71
N ILE E 297 35.86 5.24 -10.52
CA ILE E 297 36.26 3.94 -9.98
C ILE E 297 37.49 4.09 -9.11
N ILE E 298 37.49 3.41 -7.97
CA ILE E 298 38.56 3.49 -6.99
C ILE E 298 39.26 2.15 -6.81
N LYS E 299 38.50 1.09 -6.59
CA LYS E 299 39.07 -0.24 -6.50
C LYS E 299 37.95 -1.26 -6.73
N GLN E 300 38.34 -2.51 -6.90
CA GLN E 300 37.40 -3.59 -7.18
C GLN E 300 37.47 -4.65 -6.09
N LEU E 301 36.30 -5.14 -5.68
CA LEU E 301 36.16 -6.04 -4.56
C LEU E 301 36.44 -7.49 -4.96
N ASN E 302 36.55 -8.36 -3.96
CA ASN E 302 36.83 -9.77 -4.13
C ASN E 302 35.57 -10.61 -3.93
N LYS E 303 35.69 -11.90 -4.20
CA LYS E 303 34.57 -12.81 -3.99
C LYS E 303 34.33 -13.00 -2.49
N GLY E 304 33.07 -13.01 -2.10
CA GLY E 304 32.69 -13.12 -0.72
C GLY E 304 31.92 -11.90 -0.25
N CYS E 305 31.80 -11.78 1.07
CA CYS E 305 31.12 -10.65 1.69
C CYS E 305 32.13 -9.67 2.24
N SER E 306 31.79 -8.39 2.20
CA SER E 306 32.70 -7.35 2.67
C SER E 306 31.91 -6.14 3.11
N TYR E 307 32.54 -5.30 3.93
CA TYR E 307 31.89 -4.16 4.56
C TYR E 307 32.51 -2.89 3.99
N ILE E 308 31.68 -2.04 3.40
CA ILE E 308 32.12 -0.83 2.72
C ILE E 308 31.67 0.35 3.55
N THR E 309 32.61 0.96 4.27
CA THR E 309 32.29 2.12 5.09
C THR E 309 31.82 3.27 4.22
N ASN E 310 30.93 4.11 4.75
CA ASN E 310 30.52 5.21 3.90
C ASN E 310 31.54 6.33 3.88
N GLN E 311 32.67 6.17 4.56
CA GLN E 311 33.79 7.10 4.45
C GLN E 311 34.84 6.62 3.46
N ASP E 312 34.59 5.52 2.76
CA ASP E 312 35.46 5.03 1.70
C ASP E 312 34.93 5.33 0.31
N ALA E 313 33.63 5.25 0.11
CA ALA E 313 33.09 5.32 -1.24
C ALA E 313 31.75 6.04 -1.22
N ASP E 314 31.27 6.37 -2.41
CA ASP E 314 29.95 6.98 -2.58
C ASP E 314 29.02 6.20 -3.48
N THR E 315 29.52 5.22 -4.23
CA THR E 315 28.69 4.35 -5.04
C THR E 315 29.22 2.94 -4.93
N VAL E 316 28.32 1.96 -5.06
CA VAL E 316 28.69 0.55 -5.09
C VAL E 316 27.98 -0.09 -6.27
N THR E 317 28.70 -0.90 -7.04
CA THR E 317 28.24 -1.39 -8.34
C THR E 317 28.12 -2.91 -8.33
N ILE E 318 26.96 -3.43 -8.75
CA ILE E 318 26.79 -4.87 -8.93
C ILE E 318 26.56 -5.17 -10.40
N ASP E 319 27.64 -5.40 -11.12
CA ASP E 319 27.68 -5.94 -12.47
C ASP E 319 27.10 -5.00 -13.54
N ASN E 320 26.18 -4.11 -13.17
CA ASN E 320 25.83 -3.00 -14.04
C ASN E 320 25.21 -1.82 -13.31
N THR E 321 25.02 -1.91 -12.00
CA THR E 321 24.13 -1.02 -11.28
C THR E 321 24.92 -0.06 -10.39
N VAL E 322 24.29 1.00 -9.91
CA VAL E 322 24.92 1.97 -9.04
C VAL E 322 23.97 2.27 -7.88
N TYR E 323 24.44 2.07 -6.67
CA TYR E 323 23.71 2.41 -5.45
C TYR E 323 24.42 3.57 -4.77
N GLN E 324 23.71 4.67 -4.52
CA GLN E 324 24.29 5.79 -3.81
C GLN E 324 24.20 5.51 -2.31
N LEU E 325 25.34 5.61 -1.62
CA LEU E 325 25.36 5.41 -0.17
C LEU E 325 24.76 6.62 0.53
N SER E 326 24.60 6.48 1.85
CA SER E 326 24.06 7.53 2.69
C SER E 326 25.18 8.21 3.46
N LYS E 327 25.18 9.54 3.45
CA LYS E 327 26.20 10.31 4.14
C LYS E 327 25.66 10.67 5.53
N VAL E 328 26.06 9.87 6.52
CA VAL E 328 25.69 10.07 7.92
C VAL E 328 26.96 9.86 8.74
N GLU E 329 27.18 10.75 9.71
CA GLU E 329 28.37 10.64 10.54
C GLU E 329 28.18 9.60 11.63
N GLY E 330 29.29 8.97 12.01
CA GLY E 330 29.25 7.94 13.04
C GLY E 330 30.62 7.34 13.19
N GLU E 331 30.68 6.20 13.87
CA GLU E 331 31.93 5.46 14.01
C GLU E 331 31.69 3.99 13.78
N GLN E 332 32.53 3.38 12.94
CA GLN E 332 32.39 1.99 12.54
C GLN E 332 33.27 1.08 13.39
N HIS E 333 33.04 -0.23 13.25
CA HIS E 333 33.83 -1.25 13.91
C HIS E 333 33.79 -2.53 13.11
N VAL E 334 34.73 -3.42 13.38
CA VAL E 334 34.73 -4.76 12.80
C VAL E 334 35.01 -5.76 13.91
N ILE E 335 34.22 -6.83 13.94
CA ILE E 335 34.33 -7.85 14.97
C ILE E 335 34.76 -9.14 14.30
N LYS E 336 35.91 -9.67 14.68
CA LYS E 336 36.50 -10.80 13.99
C LYS E 336 35.72 -12.09 14.27
N GLY E 337 35.97 -13.09 13.44
CA GLY E 337 35.35 -14.38 13.60
C GLY E 337 35.51 -15.20 12.35
N ARG E 338 35.07 -16.45 12.44
CA ARG E 338 35.09 -17.40 11.33
C ARG E 338 33.65 -17.66 10.89
N PRO E 339 33.29 -17.42 9.64
CA PRO E 339 31.87 -17.48 9.27
C PRO E 339 31.28 -18.85 9.54
N VAL E 340 29.99 -18.86 9.92
CA VAL E 340 29.36 -20.10 10.33
C VAL E 340 29.29 -21.09 9.17
N SER E 341 29.08 -20.57 7.95
CA SER E 341 28.95 -21.44 6.78
C SER E 341 30.23 -22.19 6.46
N SER E 342 31.37 -21.80 7.02
CA SER E 342 32.59 -22.57 6.82
C SER E 342 32.59 -23.88 7.57
N SER E 343 31.62 -24.11 8.45
CA SER E 343 31.58 -25.32 9.26
C SER E 343 30.79 -26.45 8.62
N PHE E 344 30.10 -26.20 7.52
CA PHE E 344 29.23 -27.17 6.88
C PHE E 344 29.94 -27.82 5.71
N ASP E 345 29.87 -29.14 5.64
CA ASP E 345 30.27 -29.84 4.43
C ASP E 345 29.27 -29.53 3.33
N PRO E 346 29.71 -29.04 2.17
CA PRO E 346 28.73 -28.70 1.11
C PRO E 346 27.91 -29.88 0.67
N ILE E 347 28.48 -31.08 0.66
CA ILE E 347 27.69 -32.28 0.53
C ILE E 347 27.02 -32.59 1.87
N LYS E 348 25.89 -33.28 1.82
CA LYS E 348 25.15 -33.68 3.01
C LYS E 348 24.54 -32.51 3.76
N PHE E 349 24.37 -31.38 3.10
CA PHE E 349 23.65 -30.23 3.63
C PHE E 349 22.13 -30.48 3.51
N PRO E 350 21.35 -30.10 4.51
CA PRO E 350 19.91 -30.31 4.45
C PRO E 350 19.27 -29.52 3.33
N PRO E 351 18.05 -29.88 2.91
CA PRO E 351 17.37 -29.15 1.84
C PRO E 351 17.06 -27.70 2.19
N ASP E 352 16.37 -27.00 1.30
CA ASP E 352 16.03 -25.61 1.56
C ASP E 352 15.09 -25.51 2.75
N GLN E 353 15.35 -24.55 3.63
CA GLN E 353 14.56 -24.32 4.83
C GLN E 353 14.03 -22.89 4.84
N PHE E 354 13.12 -22.61 5.77
CA PHE E 354 12.48 -21.30 5.82
C PHE E 354 12.14 -20.98 7.27
N ASN E 355 12.93 -20.12 7.89
CA ASN E 355 12.74 -19.69 9.26
C ASN E 355 12.73 -20.87 10.22
N VAL E 356 13.88 -21.53 10.33
CA VAL E 356 14.11 -22.56 11.32
C VAL E 356 15.22 -22.09 12.24
N ALA E 357 15.23 -22.59 13.47
CA ALA E 357 16.30 -22.26 14.39
C ALA E 357 17.61 -22.88 13.92
N LEU E 358 18.72 -22.25 14.30
CA LEU E 358 20.01 -22.79 13.90
C LEU E 358 20.37 -24.07 14.65
N ASP E 359 19.72 -24.35 15.78
CA ASP E 359 20.02 -25.59 16.48
C ASP E 359 19.49 -26.80 15.73
N GLN E 360 18.46 -26.61 14.92
CA GLN E 360 17.83 -27.74 14.23
C GLN E 360 18.60 -28.15 12.98
N VAL E 361 19.28 -27.21 12.32
CA VAL E 361 20.14 -27.58 11.20
C VAL E 361 21.28 -28.45 11.67
N PHE E 362 21.89 -28.10 12.80
CA PHE E 362 22.98 -28.91 13.33
C PHE E 362 22.47 -30.25 13.82
N GLU E 363 21.24 -30.29 14.34
CA GLU E 363 20.65 -31.55 14.81
C GLU E 363 20.19 -32.40 13.64
N ASN E 364 19.74 -31.77 12.56
CA ASN E 364 19.32 -32.52 11.37
C ASN E 364 20.49 -33.26 10.74
N ILE E 365 21.64 -32.61 10.66
CA ILE E 365 22.81 -33.25 10.06
C ILE E 365 23.29 -34.39 10.94
N GLU E 366 23.37 -34.15 12.25
CA GLU E 366 23.89 -35.19 13.15
C GLU E 366 22.96 -36.39 13.23
N ASN E 367 21.64 -36.16 13.25
CA ASN E 367 20.72 -37.28 13.28
C ASN E 367 20.90 -38.20 12.08
N SER E 368 21.43 -37.67 10.98
CA SER E 368 21.55 -38.48 9.77
C SER E 368 22.73 -39.44 9.83
N GLN E 369 23.91 -38.97 10.26
CA GLN E 369 25.01 -39.90 10.40
C GLN E 369 24.90 -40.78 11.64
N ALA E 370 23.95 -40.52 12.53
CA ALA E 370 23.74 -41.44 13.63
C ALA E 370 23.24 -42.79 13.12
N TRP E 371 22.35 -42.76 12.13
CA TRP E 371 21.77 -43.99 11.61
C TRP E 371 22.72 -44.72 10.67
N VAL E 372 23.50 -44.00 9.89
CA VAL E 372 24.42 -44.65 8.94
C VAL E 372 25.48 -45.45 9.69
N ARG E 373 26.02 -44.90 10.78
CA ARG E 373 26.99 -45.65 11.56
C ARG E 373 26.33 -46.72 12.41
N LYS E 374 25.07 -46.52 12.78
CA LYS E 374 24.33 -47.58 13.46
C LYS E 374 24.16 -48.77 12.54
N PHE E 375 23.85 -48.52 11.28
CA PHE E 375 23.64 -49.60 10.32
C PHE E 375 24.94 -50.32 10.01
N ASP E 376 26.05 -49.58 9.91
CA ASP E 376 27.31 -50.22 9.53
C ASP E 376 27.80 -51.17 10.60
N GLU E 377 27.52 -50.89 11.87
CA GLU E 377 27.96 -51.78 12.94
C GLU E 377 27.10 -53.03 13.02
N ILE E 378 25.78 -52.90 12.85
CA ILE E 378 24.94 -54.09 12.84
C ILE E 378 25.23 -54.96 11.63
N LEU E 379 25.71 -54.36 10.54
CA LEU E 379 25.95 -55.12 9.32
C LEU E 379 27.09 -56.12 9.50
N SER E 380 28.14 -55.73 10.20
CA SER E 380 29.28 -56.64 10.37
C SER E 380 28.97 -57.73 11.37
N SER E 381 28.34 -57.39 12.49
CA SER E 381 28.15 -58.34 13.59
C SER E 381 27.24 -59.50 13.20
N ILE E 382 26.53 -59.41 12.09
CA ILE E 382 25.67 -60.51 11.67
C ILE E 382 26.48 -61.61 10.98
N GLU E 383 27.15 -61.25 9.88
CA GLU E 383 27.94 -62.24 9.15
C GLU E 383 29.22 -62.57 9.87
N LYS E 384 29.93 -61.56 10.39
CA LYS E 384 31.23 -61.77 11.00
C LYS E 384 31.15 -62.10 12.47
N GLY E 385 30.20 -61.54 13.20
CA GLY E 385 30.04 -61.85 14.60
C GLY E 385 29.50 -63.25 14.84
N PHE F 1 16.41 -20.12 -0.57
CA PHE F 1 15.88 -18.81 -0.20
C PHE F 1 14.58 -18.57 -0.96
N VAL F 2 13.76 -17.68 -0.44
CA VAL F 2 12.54 -17.23 -1.12
C VAL F 2 12.86 -15.87 -1.71
N LEU F 3 13.00 -15.80 -3.04
CA LEU F 3 13.45 -14.57 -3.67
C LEU F 3 12.42 -13.45 -3.58
N GLY F 4 11.15 -13.78 -3.39
CA GLY F 4 10.17 -12.72 -3.34
C GLY F 4 10.19 -11.90 -2.07
N ALA F 5 10.94 -12.34 -1.05
CA ALA F 5 11.03 -11.62 0.20
C ALA F 5 12.38 -10.99 0.46
N ILE F 6 13.44 -11.47 -0.19
CA ILE F 6 14.72 -10.76 -0.15
C ILE F 6 14.58 -9.39 -0.79
N ALA F 7 13.82 -9.32 -1.88
CA ALA F 7 13.35 -8.06 -2.47
C ALA F 7 12.19 -7.57 -1.62
N LEU F 8 11.29 -6.77 -2.19
CA LEU F 8 10.17 -6.21 -1.42
C LEU F 8 10.66 -5.23 -0.37
N GLY F 9 11.15 -4.08 -0.82
CA GLY F 9 11.50 -2.99 0.05
C GLY F 9 12.75 -2.30 -0.42
N ARG F 10 13.43 -2.90 -1.39
CA ARG F 10 14.68 -2.34 -1.89
C ARG F 10 14.46 -1.12 -2.75
N ALA F 11 13.37 -1.06 -3.50
CA ALA F 11 13.21 0.00 -4.48
C ALA F 11 12.92 1.34 -3.82
N THR F 12 12.06 1.35 -2.81
CA THR F 12 11.69 2.60 -2.13
C THR F 12 12.75 3.04 -1.12
N ALA F 13 13.41 2.09 -0.46
CA ALA F 13 14.42 2.46 0.52
C ALA F 13 15.68 2.99 -0.12
N ALA F 14 15.99 2.57 -1.35
CA ALA F 14 17.15 3.11 -2.03
C ALA F 14 16.90 4.47 -2.64
N ALA F 15 15.63 4.79 -2.93
CA ALA F 15 15.30 6.08 -3.52
C ALA F 15 15.30 7.19 -2.49
N VAL F 16 14.75 6.92 -1.29
CA VAL F 16 14.73 7.94 -0.25
C VAL F 16 16.12 8.18 0.32
N THR F 17 16.91 7.12 0.47
CA THR F 17 18.27 7.26 1.01
C THR F 17 19.13 8.15 0.14
N ALA F 18 18.98 8.04 -1.18
CA ALA F 18 19.76 8.86 -2.09
C ALA F 18 19.21 10.28 -2.25
N GLY F 19 18.05 10.56 -1.65
CA GLY F 19 17.50 11.89 -1.72
C GLY F 19 17.86 12.73 -0.51
N VAL F 20 17.74 12.16 0.68
CA VAL F 20 18.12 12.87 1.90
C VAL F 20 19.62 13.07 1.96
N ALA F 21 20.40 12.19 1.36
CA ALA F 21 21.85 12.31 1.36
C ALA F 21 22.34 13.51 0.56
N ILE F 22 21.52 14.06 -0.33
CA ILE F 22 21.93 15.20 -1.12
C ILE F 22 21.19 16.48 -0.73
N ALA F 23 20.12 16.38 0.06
CA ALA F 23 19.58 17.58 0.68
C ALA F 23 20.42 18.03 1.87
N LYS F 24 21.23 17.14 2.42
CA LYS F 24 22.13 17.48 3.51
C LYS F 24 23.25 18.41 3.06
N THR F 25 23.52 18.48 1.75
CA THR F 25 24.52 19.38 1.22
C THR F 25 23.94 20.71 0.78
N ILE F 26 22.74 20.70 0.20
CA ILE F 26 22.11 21.93 -0.24
C ILE F 26 21.63 22.77 0.94
N ARG F 27 21.53 22.16 2.12
CA ARG F 27 21.02 22.84 3.30
C ARG F 27 22.08 23.66 4.02
N LEU F 28 23.35 23.50 3.68
CA LEU F 28 24.38 24.31 4.30
C LEU F 28 24.19 25.78 3.95
N GLU F 29 24.51 26.66 4.89
CA GLU F 29 24.44 28.09 4.59
C GLU F 29 25.49 28.51 3.58
N SER F 30 26.51 27.67 3.34
CA SER F 30 27.52 28.00 2.34
C SER F 30 27.01 27.74 0.93
N GLU F 31 26.16 26.73 0.74
CA GLU F 31 25.66 26.40 -0.59
C GLU F 31 24.43 27.19 -0.97
N VAL F 32 23.59 27.55 0.01
CA VAL F 32 22.41 28.36 -0.30
C VAL F 32 22.83 29.74 -0.79
N THR F 33 23.92 30.28 -0.26
CA THR F 33 24.42 31.55 -0.76
C THR F 33 25.00 31.43 -2.16
N ALA F 34 25.52 30.26 -2.51
CA ALA F 34 26.09 30.09 -3.84
C ALA F 34 25.00 29.92 -4.89
N ILE F 35 23.90 29.25 -4.54
CA ILE F 35 22.81 29.08 -5.48
C ILE F 35 22.15 30.41 -5.79
N LYS F 36 21.82 31.20 -4.76
CA LYS F 36 21.14 32.47 -4.94
C LYS F 36 22.02 33.55 -5.54
N ASN F 37 23.32 33.32 -5.67
CA ASN F 37 24.18 34.23 -6.40
C ASN F 37 24.33 33.86 -7.87
N ALA F 38 23.74 32.76 -8.30
CA ALA F 38 23.67 32.47 -9.73
C ALA F 38 22.41 33.03 -10.35
N LEU F 39 21.34 33.16 -9.56
CA LEU F 39 20.05 33.63 -10.05
C LEU F 39 19.83 35.10 -9.78
N LYS F 40 20.87 35.92 -9.82
CA LYS F 40 20.70 37.33 -9.51
C LYS F 40 20.21 38.13 -10.70
N THR F 41 20.44 37.67 -11.92
CA THR F 41 19.97 38.36 -13.12
C THR F 41 19.12 37.51 -14.03
N THR F 42 19.18 36.19 -13.93
CA THR F 42 18.46 35.28 -14.81
C THR F 42 17.44 34.47 -13.99
N ASN F 43 16.84 33.48 -14.63
CA ASN F 43 15.89 32.61 -13.96
C ASN F 43 16.22 31.14 -14.04
N GLU F 44 17.38 30.78 -14.56
CA GLU F 44 17.76 29.37 -14.62
C GLU F 44 19.25 29.27 -14.92
N ALA F 45 19.98 28.58 -14.06
CA ALA F 45 21.40 28.39 -14.27
C ALA F 45 21.80 27.05 -13.70
N VAL F 46 22.85 26.47 -14.27
CA VAL F 46 23.32 25.13 -13.92
C VAL F 46 24.52 25.26 -13.01
N SER F 47 24.40 24.75 -11.79
CA SER F 47 25.38 25.01 -10.74
C SER F 47 25.91 23.69 -10.20
N THR F 48 27.18 23.69 -9.80
CA THR F 48 27.87 22.53 -9.28
C THR F 48 27.97 22.62 -7.77
N LEU F 49 27.53 21.58 -7.07
CA LEU F 49 27.53 21.60 -5.62
C LEU F 49 28.94 21.43 -5.08
N GLY F 50 29.03 21.30 -3.75
CA GLY F 50 30.32 21.20 -3.10
C GLY F 50 30.97 19.84 -3.20
N ASN F 51 30.20 18.79 -3.48
CA ASN F 51 30.75 17.45 -3.58
C ASN F 51 30.82 16.94 -5.01
N GLY F 52 30.80 17.84 -5.99
CA GLY F 52 31.01 17.46 -7.38
C GLY F 52 29.77 17.14 -8.18
N VAL F 53 28.60 17.12 -7.57
CA VAL F 53 27.36 16.85 -8.25
C VAL F 53 26.89 18.12 -8.97
N ARG F 54 26.18 17.96 -10.08
CA ARG F 54 25.56 19.07 -10.79
C ARG F 54 24.06 19.06 -10.58
N VAL F 55 23.50 20.25 -10.38
CA VAL F 55 22.07 20.44 -10.21
C VAL F 55 21.63 21.49 -11.23
N LEU F 56 20.33 21.76 -11.27
CA LEU F 56 19.77 22.84 -12.08
C LEU F 56 18.94 23.71 -11.15
N ALA F 57 19.26 25.00 -11.11
CA ALA F 57 18.62 25.91 -10.17
C ALA F 57 17.67 26.83 -10.93
N THR F 58 16.45 26.99 -10.43
CA THR F 58 15.45 27.82 -11.08
C THR F 58 14.66 28.60 -10.05
N ALA F 59 14.22 29.80 -10.42
CA ALA F 59 13.62 30.76 -9.50
C ALA F 59 12.23 31.18 -9.96
N VAL F 60 11.37 31.44 -8.98
CA VAL F 60 9.96 31.76 -9.23
C VAL F 60 9.68 33.13 -8.62
N ARG F 61 9.34 34.11 -9.47
CA ARG F 61 9.24 35.48 -9.03
C ARG F 61 7.90 36.12 -9.41
N GLU F 62 6.83 35.34 -9.46
CA GLU F 62 5.54 35.93 -9.83
C GLU F 62 4.88 36.65 -8.67
N LEU F 63 5.09 36.19 -7.44
CA LEU F 63 4.45 36.84 -6.29
C LEU F 63 5.30 37.97 -5.74
N LYS F 64 6.62 37.89 -5.84
CA LYS F 64 7.46 38.96 -5.33
C LYS F 64 7.29 40.23 -6.14
N ASP F 65 7.07 40.11 -7.44
CA ASP F 65 6.92 41.28 -8.28
C ASP F 65 5.61 42.02 -7.97
N PHE F 66 4.53 41.28 -7.72
CA PHE F 66 3.26 41.90 -7.39
C PHE F 66 3.33 42.65 -6.05
N VAL F 67 3.94 42.03 -5.04
CA VAL F 67 4.03 42.64 -3.72
C VAL F 67 4.95 43.85 -3.74
N SER F 68 5.99 43.82 -4.57
CA SER F 68 6.95 44.91 -4.59
C SER F 68 6.43 46.12 -5.36
N LYS F 69 5.78 45.89 -6.50
CA LYS F 69 5.35 46.99 -7.37
C LYS F 69 3.91 47.41 -7.10
N ASN F 70 2.96 46.47 -7.20
CA ASN F 70 1.55 46.80 -7.22
C ASN F 70 0.92 46.89 -5.84
N LEU F 71 1.23 45.96 -4.94
CA LEU F 71 0.49 45.92 -3.68
C LEU F 71 0.95 47.00 -2.72
N THR F 72 2.23 47.35 -2.71
CA THR F 72 2.72 48.25 -1.69
C THR F 72 2.32 49.70 -1.95
N ARG F 73 2.21 50.10 -3.21
CA ARG F 73 1.85 51.50 -3.46
C ARG F 73 0.41 51.80 -3.07
N ALA F 74 -0.50 50.83 -3.20
CA ALA F 74 -1.88 51.04 -2.82
C ALA F 74 -2.06 51.15 -1.31
N ILE F 75 -1.32 50.37 -0.55
CA ILE F 75 -1.40 50.37 0.91
C ILE F 75 -0.33 51.33 1.41
N ASN F 76 -0.68 52.61 1.55
CA ASN F 76 0.27 53.60 2.01
C ASN F 76 -0.06 54.18 3.37
N LYS F 77 -1.34 54.27 3.74
CA LYS F 77 -1.73 54.80 5.03
C LYS F 77 -2.10 53.70 6.02
N ASN F 78 -1.74 52.46 5.71
CA ASN F 78 -2.25 51.27 6.40
C ASN F 78 -3.76 51.17 6.27
N LYS F 79 -4.32 51.81 5.24
CA LYS F 79 -5.75 51.79 4.98
C LYS F 79 -6.02 50.84 3.83
N CYS F 80 -6.09 49.55 4.16
CA CYS F 80 -6.39 48.55 3.13
C CYS F 80 -7.87 48.19 3.11
N ASP F 81 -8.72 49.22 3.05
CA ASP F 81 -10.13 49.07 2.71
C ASP F 81 -10.44 49.89 1.48
N ILE F 82 -9.49 49.91 0.54
CA ILE F 82 -9.67 50.65 -0.70
C ILE F 82 -10.80 50.01 -1.51
N ASP F 83 -11.46 50.84 -2.30
CA ASP F 83 -12.57 50.39 -3.14
C ASP F 83 -12.08 50.19 -4.58
N ASP F 84 -11.26 49.16 -4.74
CA ASP F 84 -10.67 48.83 -6.04
C ASP F 84 -11.17 47.52 -6.60
N LEU F 85 -11.16 46.45 -5.82
CA LEU F 85 -11.71 45.16 -6.22
C LEU F 85 -10.93 44.51 -7.37
N LYS F 86 -9.93 45.20 -7.91
CA LYS F 86 -9.00 44.57 -8.82
C LYS F 86 -7.69 44.20 -8.14
N MET F 87 -7.32 44.92 -7.10
CA MET F 87 -6.17 44.53 -6.29
C MET F 87 -6.51 43.46 -5.27
N ALA F 88 -7.78 43.12 -5.13
CA ALA F 88 -8.18 42.08 -4.21
C ALA F 88 -8.58 40.80 -4.92
N VAL F 89 -8.80 40.86 -6.23
CA VAL F 89 -9.10 39.67 -7.03
C VAL F 89 -7.81 39.21 -7.70
N SER F 90 -6.91 40.16 -8.00
CA SER F 90 -5.59 39.79 -8.49
C SER F 90 -4.78 39.09 -7.43
N PHE F 91 -4.74 39.65 -6.22
CA PHE F 91 -3.88 39.14 -5.17
C PHE F 91 -4.31 37.77 -4.68
N SER F 92 -5.49 37.30 -5.08
CA SER F 92 -5.89 35.92 -4.81
C SER F 92 -5.63 34.99 -5.98
N GLN F 93 -5.17 35.51 -7.11
CA GLN F 93 -4.72 34.69 -8.23
C GLN F 93 -3.23 34.45 -8.22
N PHE F 94 -2.47 35.29 -7.53
CA PHE F 94 -1.02 35.19 -7.52
C PHE F 94 -0.48 34.29 -6.43
N ASN F 95 -1.19 34.16 -5.31
CA ASN F 95 -0.73 33.30 -4.23
C ASN F 95 -1.51 32.00 -4.13
N ARG F 96 -2.03 31.48 -5.24
CA ARG F 96 -2.55 30.12 -5.18
C ARG F 96 -1.43 29.10 -5.22
N ARG F 97 -0.35 29.39 -5.94
CA ARG F 97 0.75 28.44 -6.01
C ARG F 97 1.54 28.41 -4.70
N PHE F 98 1.75 29.58 -4.09
CA PHE F 98 2.50 29.60 -2.83
C PHE F 98 1.74 28.90 -1.72
N LEU F 99 0.43 29.08 -1.67
CA LEU F 99 -0.36 28.48 -0.60
C LEU F 99 -0.65 27.01 -0.82
N ASN F 100 -0.26 26.44 -1.95
CA ASN F 100 -0.41 25.02 -2.18
C ASN F 100 0.86 24.24 -1.91
N VAL F 101 2.03 24.87 -2.04
CA VAL F 101 3.27 24.23 -1.64
C VAL F 101 3.33 24.09 -0.13
N VAL F 102 2.95 25.14 0.60
CA VAL F 102 2.92 25.12 2.05
C VAL F 102 1.94 24.08 2.58
N ARG F 103 0.95 23.71 1.77
CA ARG F 103 -0.05 22.73 2.15
C ARG F 103 0.38 21.30 1.93
N GLN F 104 1.35 21.06 1.05
CA GLN F 104 1.77 19.70 0.74
C GLN F 104 2.98 19.27 1.55
N PHE F 105 3.83 20.20 1.94
CA PHE F 105 4.97 19.87 2.79
C PHE F 105 4.59 19.85 4.25
N SER F 106 3.41 20.33 4.61
CA SER F 106 3.00 20.44 6.00
C SER F 106 2.14 19.28 6.45
N GLU F 107 1.54 18.55 5.52
CA GLU F 107 0.77 17.36 5.83
C GLU F 107 1.56 16.09 5.62
N ASN F 108 2.59 16.12 4.77
CA ASN F 108 3.47 14.99 4.54
C ASN F 108 4.74 15.09 5.37
N ALA F 109 4.85 16.09 6.23
CA ALA F 109 5.95 16.24 7.18
C ALA F 109 7.29 16.37 6.48
N GLY F 110 7.32 17.06 5.35
CA GLY F 110 8.55 17.45 4.72
C GLY F 110 8.98 16.66 3.50
N ILE F 111 8.36 15.52 3.23
CA ILE F 111 8.70 14.69 2.08
C ILE F 111 7.42 14.31 1.36
N THR F 112 7.28 14.74 0.10
CA THR F 112 6.03 14.33 -0.51
C THR F 112 6.26 13.14 -1.44
N PRO F 113 5.28 12.25 -1.60
CA PRO F 113 5.51 11.04 -2.41
C PRO F 113 5.33 11.21 -3.92
N ALA F 114 4.91 12.38 -4.41
CA ALA F 114 4.81 12.58 -5.85
C ALA F 114 4.89 14.06 -6.16
N ILE F 115 5.24 14.37 -7.40
CA ILE F 115 5.35 15.74 -7.87
C ILE F 115 3.96 16.20 -8.34
N SER F 116 3.43 17.24 -7.72
CA SER F 116 2.15 17.78 -8.13
C SER F 116 2.39 18.81 -9.24
N LEU F 117 1.35 19.50 -9.67
CA LEU F 117 1.51 20.57 -10.64
C LEU F 117 1.86 21.90 -9.99
N ASP F 118 2.01 21.92 -8.67
CA ASP F 118 2.40 23.11 -7.92
C ASP F 118 3.88 23.14 -7.62
N LEU F 119 4.48 21.99 -7.26
CA LEU F 119 5.92 21.97 -7.10
C LEU F 119 6.61 22.25 -8.42
N MET F 120 6.25 21.51 -9.46
CA MET F 120 6.90 21.63 -10.76
C MET F 120 5.84 21.62 -11.84
N THR F 121 5.61 22.77 -12.48
CA THR F 121 4.62 22.87 -13.52
C THR F 121 5.06 22.08 -14.74
N ASP F 122 4.27 22.14 -15.81
CA ASP F 122 4.61 21.35 -17.00
C ASP F 122 5.63 22.03 -17.89
N ALA F 123 5.71 23.35 -17.89
CA ALA F 123 6.71 24.02 -18.70
C ALA F 123 8.10 23.92 -18.10
N GLU F 124 8.19 23.62 -16.81
CA GLU F 124 9.46 23.39 -16.13
C GLU F 124 9.82 21.92 -16.04
N LEU F 125 8.97 21.03 -16.53
CA LEU F 125 9.31 19.62 -16.64
C LEU F 125 9.93 19.30 -17.98
N ALA F 126 9.70 20.10 -19.00
CA ALA F 126 10.36 19.92 -20.28
C ALA F 126 11.65 20.69 -20.39
N ARG F 127 12.03 21.44 -19.36
CA ARG F 127 13.32 22.10 -19.28
C ARG F 127 14.34 21.32 -18.46
N ALA F 128 13.88 20.49 -17.52
CA ALA F 128 14.79 19.57 -16.86
C ALA F 128 15.14 18.41 -17.76
N ILE F 129 14.15 17.89 -18.49
CA ILE F 129 14.40 16.72 -19.35
C ILE F 129 15.35 17.07 -20.49
N SER F 130 15.31 18.30 -20.98
CA SER F 130 16.23 18.71 -22.03
C SER F 130 17.67 18.82 -21.55
N ASN F 131 17.90 18.75 -20.24
CA ASN F 131 19.21 18.96 -19.65
C ASN F 131 19.85 17.72 -19.05
N MET F 132 19.13 16.61 -18.95
CA MET F 132 19.67 15.46 -18.25
C MET F 132 20.93 14.95 -18.95
N PRO F 133 21.81 14.29 -18.22
CA PRO F 133 23.06 13.76 -18.79
C PRO F 133 22.94 12.36 -19.40
N THR F 134 22.40 12.30 -20.62
CA THR F 134 22.27 11.04 -21.34
C THR F 134 22.26 11.34 -22.83
N SER F 135 22.17 10.29 -23.65
CA SER F 135 22.28 10.45 -25.08
C SER F 135 21.03 11.09 -25.65
N ALA F 136 21.10 11.49 -26.92
CA ALA F 136 19.98 12.17 -27.55
C ALA F 136 18.87 11.21 -27.97
N GLY F 137 19.16 9.91 -28.07
CA GLY F 137 18.10 8.96 -28.35
C GLY F 137 17.15 8.78 -27.19
N GLN F 138 17.69 8.79 -25.97
CA GLN F 138 16.86 8.65 -24.78
C GLN F 138 16.15 9.94 -24.43
N ILE F 139 16.76 11.10 -24.67
CA ILE F 139 16.12 12.38 -24.31
C ILE F 139 14.86 12.56 -25.12
N LYS F 140 14.89 12.24 -26.40
CA LYS F 140 13.70 12.42 -27.24
C LYS F 140 12.56 11.53 -26.78
N LEU F 141 12.86 10.30 -26.36
CA LEU F 141 11.80 9.42 -25.87
C LEU F 141 11.16 9.97 -24.61
N MET F 142 11.94 10.60 -23.74
CA MET F 142 11.40 11.11 -22.49
C MET F 142 10.55 12.36 -22.68
N LEU F 143 10.62 13.03 -23.83
CA LEU F 143 9.83 14.23 -24.01
C LEU F 143 8.42 13.95 -24.53
N GLU F 144 8.22 12.88 -25.31
CA GLU F 144 6.84 12.59 -25.64
C GLU F 144 6.13 11.79 -24.57
N ASN F 145 6.81 11.45 -23.48
CA ASN F 145 6.23 10.67 -22.40
C ASN F 145 6.53 11.29 -21.05
N ARG F 146 6.27 12.60 -20.93
CA ARG F 146 6.62 13.29 -19.70
C ARG F 146 5.76 12.86 -18.54
N ALA F 147 4.56 12.35 -18.78
CA ALA F 147 3.68 11.99 -17.67
C ALA F 147 4.16 10.75 -16.94
N MET F 148 5.07 9.98 -17.53
CA MET F 148 5.67 8.80 -16.90
C MET F 148 7.00 9.11 -16.24
N VAL F 149 7.51 10.32 -16.37
CA VAL F 149 8.68 10.78 -15.66
C VAL F 149 8.30 11.54 -14.39
N ARG F 150 7.19 12.27 -14.43
CA ARG F 150 6.64 12.89 -13.24
C ARG F 150 6.12 11.86 -12.26
N ARG F 151 5.77 10.68 -12.74
CA ARG F 151 5.12 9.68 -11.91
C ARG F 151 6.07 9.03 -10.91
N LYS F 152 7.38 9.15 -11.11
CA LYS F 152 8.35 8.44 -10.30
C LYS F 152 9.36 9.36 -9.62
N GLY F 153 8.96 10.61 -9.33
CA GLY F 153 9.77 11.52 -8.56
C GLY F 153 9.25 11.69 -7.15
N PHE F 154 9.78 12.70 -6.48
CA PHE F 154 9.31 13.11 -5.16
C PHE F 154 10.03 14.40 -4.80
N GLY F 155 9.55 15.09 -3.76
CA GLY F 155 10.11 16.35 -3.36
C GLY F 155 10.50 16.34 -1.90
N ILE F 156 11.42 17.23 -1.53
CA ILE F 156 11.94 17.36 -0.18
C ILE F 156 12.09 18.84 0.14
N LEU F 157 11.90 19.20 1.40
CA LEU F 157 11.92 20.60 1.81
C LEU F 157 13.28 20.95 2.40
N ILE F 158 13.87 22.04 1.92
CA ILE F 158 15.16 22.48 2.41
C ILE F 158 15.01 23.52 3.52
N GLY F 159 14.14 24.50 3.36
CA GLY F 159 13.89 25.43 4.44
C GLY F 159 13.26 26.72 3.95
N VAL F 160 13.06 27.64 4.88
CA VAL F 160 12.59 28.99 4.58
C VAL F 160 13.71 29.94 4.97
N TYR F 161 14.47 30.40 3.99
CA TYR F 161 15.68 31.19 4.23
C TYR F 161 15.39 32.67 4.00
N GLY F 162 14.85 33.32 5.02
CA GLY F 162 14.49 34.71 4.91
C GLY F 162 13.03 34.90 4.55
N SER F 163 12.76 35.16 3.27
CA SER F 163 11.40 35.16 2.74
C SER F 163 11.37 34.46 1.41
N SER F 164 11.85 33.21 1.36
CA SER F 164 11.87 32.47 0.12
C SER F 164 11.95 30.98 0.41
N VAL F 165 10.90 30.25 0.13
CA VAL F 165 10.86 28.81 0.34
C VAL F 165 11.78 28.14 -0.67
N ILE F 166 12.65 27.26 -0.19
CA ILE F 166 13.57 26.50 -1.03
C ILE F 166 13.22 25.02 -0.93
N TYR F 167 13.16 24.34 -2.06
CA TYR F 167 12.89 22.90 -2.04
C TYR F 167 13.58 22.27 -3.25
N MET F 168 13.50 20.94 -3.34
CA MET F 168 14.18 20.22 -4.40
C MET F 168 13.32 19.07 -4.89
N VAL F 169 13.56 18.65 -6.13
CA VAL F 169 12.76 17.64 -6.81
C VAL F 169 13.69 16.61 -7.44
N GLN F 170 13.45 15.33 -7.17
CA GLN F 170 14.19 14.22 -7.77
C GLN F 170 13.43 13.67 -8.97
N LEU F 171 14.13 13.47 -10.07
CA LEU F 171 13.55 12.92 -11.28
C LEU F 171 14.36 11.72 -11.74
N PRO F 172 13.72 10.74 -12.39
CA PRO F 172 14.47 9.59 -12.87
C PRO F 172 15.11 9.82 -14.23
N ILE F 173 16.22 9.13 -14.45
CA ILE F 173 16.91 9.11 -15.74
C ILE F 173 16.72 7.73 -16.33
N PHE F 174 16.16 7.66 -17.52
CA PHE F 174 15.96 6.39 -18.20
C PHE F 174 17.10 6.22 -19.19
N GLY F 175 18.17 5.59 -18.75
CA GLY F 175 19.40 5.54 -19.51
C GLY F 175 19.55 4.39 -20.48
N VAL F 176 18.78 3.32 -20.32
CA VAL F 176 18.83 2.17 -21.20
C VAL F 176 17.43 1.92 -21.75
N ILE F 177 17.32 1.87 -23.08
CA ILE F 177 16.04 1.63 -23.71
C ILE F 177 16.20 0.54 -24.77
N ASP F 178 15.10 -0.14 -25.07
CA ASP F 178 15.01 -1.14 -26.14
C ASP F 178 15.96 -2.32 -25.89
N THR F 179 15.62 -3.11 -24.88
CA THR F 179 16.38 -4.31 -24.54
C THR F 179 15.37 -5.41 -24.16
N PRO F 180 15.53 -6.63 -24.68
CA PRO F 180 14.42 -7.60 -24.65
C PRO F 180 13.92 -7.95 -23.25
N CYS F 181 12.65 -8.33 -23.18
CA CYS F 181 12.00 -8.73 -21.93
C CYS F 181 11.02 -9.86 -22.20
N TRP F 182 10.48 -10.45 -21.12
CA TRP F 182 9.42 -11.45 -21.21
C TRP F 182 8.78 -11.61 -19.83
N ILE F 183 7.76 -12.46 -19.74
CA ILE F 183 6.99 -12.64 -18.51
C ILE F 183 6.47 -14.08 -18.42
N VAL F 184 6.44 -14.63 -17.21
CA VAL F 184 6.07 -16.03 -16.99
C VAL F 184 4.89 -16.10 -16.03
N LYS F 185 3.92 -16.96 -16.34
CA LYS F 185 2.75 -17.17 -15.50
C LYS F 185 2.54 -18.66 -15.28
N ALA F 186 1.80 -19.03 -14.24
CA ALA F 186 1.71 -20.44 -13.87
C ALA F 186 0.38 -20.74 -13.20
N ALA F 187 0.10 -22.04 -13.03
CA ALA F 187 -1.11 -22.54 -12.40
C ALA F 187 -0.83 -23.96 -11.91
N PRO F 188 -1.62 -24.47 -10.95
CA PRO F 188 -1.34 -25.80 -10.40
C PRO F 188 -1.49 -26.91 -11.44
N SER F 189 -0.75 -28.00 -11.24
CA SER F 189 -0.75 -29.13 -12.15
C SER F 189 -0.86 -30.43 -11.35
N CYS F 190 -2.06 -31.02 -11.31
CA CYS F 190 -2.38 -32.13 -10.43
C CYS F 190 -2.68 -33.39 -11.21
N SER F 191 -2.65 -34.54 -10.53
CA SER F 191 -2.96 -35.82 -11.13
C SER F 191 -3.57 -36.74 -10.08
N GLU F 192 -4.31 -37.76 -10.53
CA GLU F 192 -4.98 -38.65 -9.61
C GLU F 192 -4.69 -40.10 -9.94
N LYS F 193 -4.62 -40.93 -8.90
CA LYS F 193 -4.53 -42.38 -9.05
C LYS F 193 -5.37 -43.00 -7.93
N LYS F 194 -6.60 -43.35 -8.25
CA LYS F 194 -7.55 -43.93 -7.29
C LYS F 194 -7.88 -42.95 -6.16
N GLY F 195 -8.10 -41.69 -6.52
CA GLY F 195 -8.59 -40.71 -5.58
C GLY F 195 -7.54 -39.90 -4.84
N ASN F 196 -6.25 -40.23 -4.97
CA ASN F 196 -5.18 -39.48 -4.34
C ASN F 196 -4.51 -38.57 -5.35
N TYR F 197 -4.13 -37.37 -4.91
CA TYR F 197 -3.63 -36.33 -5.80
C TYR F 197 -2.15 -36.08 -5.57
N ALA F 198 -1.53 -35.39 -6.53
CA ALA F 198 -0.09 -35.10 -6.48
C ALA F 198 0.14 -33.77 -7.19
N CYS F 199 0.05 -32.68 -6.44
CA CYS F 199 0.05 -31.36 -7.01
C CYS F 199 1.47 -30.88 -7.30
N LEU F 200 1.58 -29.68 -7.88
CA LEU F 200 2.87 -29.08 -8.24
C LEU F 200 2.59 -27.69 -8.79
N LEU F 201 3.51 -26.75 -8.54
CA LEU F 201 3.33 -25.36 -8.98
C LEU F 201 4.70 -24.72 -9.16
N ARG F 202 4.81 -23.82 -10.14
CA ARG F 202 6.05 -23.10 -10.38
C ARG F 202 6.12 -21.86 -9.51
N GLU F 203 7.34 -21.38 -9.28
CA GLU F 203 7.55 -20.25 -8.40
C GLU F 203 8.40 -19.13 -8.98
N ASP F 204 8.87 -19.26 -10.21
CA ASP F 204 9.61 -18.17 -10.86
C ASP F 204 8.71 -17.44 -11.85
N GLN F 205 7.77 -16.67 -11.29
CA GLN F 205 6.81 -15.89 -12.05
C GLN F 205 7.11 -14.40 -11.89
N GLY F 206 7.13 -13.69 -13.00
CA GLY F 206 7.44 -12.28 -12.97
C GLY F 206 8.13 -11.86 -14.25
N TRP F 207 8.82 -10.73 -14.19
CA TRP F 207 9.46 -10.13 -15.36
C TRP F 207 10.94 -10.43 -15.37
N TYR F 208 11.49 -10.68 -16.55
CA TYR F 208 12.93 -10.82 -16.73
C TYR F 208 13.37 -9.83 -17.79
N CYS F 209 14.64 -9.43 -17.74
CA CYS F 209 15.19 -8.52 -18.73
C CYS F 209 16.60 -8.93 -19.09
N GLN F 210 17.05 -8.50 -20.25
CA GLN F 210 18.45 -8.56 -20.61
C GLN F 210 19.06 -7.18 -20.38
N ASN F 211 20.38 -7.14 -20.26
CA ASN F 211 21.08 -5.85 -20.22
C ASN F 211 22.55 -6.11 -20.55
N ALA F 212 22.92 -5.92 -21.81
CA ALA F 212 24.30 -6.09 -22.25
C ALA F 212 24.87 -7.44 -21.81
N GLY F 213 24.06 -8.50 -21.95
CA GLY F 213 24.51 -9.84 -21.68
C GLY F 213 24.17 -10.40 -20.32
N SER F 214 23.56 -9.63 -19.43
CA SER F 214 23.26 -10.06 -18.07
C SER F 214 21.77 -10.03 -17.83
N THR F 215 21.22 -11.14 -17.37
CA THR F 215 19.79 -11.29 -17.13
C THR F 215 19.46 -10.84 -15.71
N VAL F 216 18.32 -10.18 -15.55
CA VAL F 216 17.85 -9.73 -14.25
C VAL F 216 16.44 -10.28 -14.06
N TYR F 217 15.95 -10.30 -12.82
CA TYR F 217 14.68 -10.92 -12.51
C TYR F 217 13.94 -10.06 -11.49
N TYR F 218 12.76 -9.56 -11.85
CA TYR F 218 12.02 -8.65 -10.99
C TYR F 218 10.85 -9.37 -10.34
N PRO F 219 11.00 -9.86 -9.10
CA PRO F 219 10.01 -10.80 -8.55
C PRO F 219 8.70 -10.19 -8.12
N ASN F 220 8.74 -8.99 -7.54
CA ASN F 220 7.53 -8.33 -7.05
C ASN F 220 6.95 -7.49 -8.18
N GLU F 221 5.71 -7.79 -8.57
CA GLU F 221 5.12 -7.19 -9.76
C GLU F 221 4.50 -5.82 -9.50
N LYS F 222 4.84 -5.17 -8.41
CA LYS F 222 4.50 -3.77 -8.19
C LYS F 222 5.59 -2.84 -8.68
N ASP F 223 6.64 -3.38 -9.30
CA ASP F 223 7.78 -2.62 -9.77
C ASP F 223 7.72 -2.24 -11.24
N CYS F 224 7.16 -3.12 -12.07
CA CYS F 224 7.16 -2.96 -13.52
C CYS F 224 5.76 -2.65 -14.02
N GLU F 225 5.69 -1.88 -15.10
CA GLU F 225 4.42 -1.38 -15.59
C GLU F 225 4.48 -1.16 -17.09
N THR F 226 3.59 -1.80 -17.84
CA THR F 226 3.62 -1.73 -19.28
C THR F 226 2.73 -0.62 -19.79
N ARG F 227 3.16 0.02 -20.87
CA ARG F 227 2.36 0.97 -21.64
C ARG F 227 2.54 0.60 -23.10
N GLY F 228 1.70 -0.27 -23.61
CA GLY F 228 1.85 -0.74 -24.99
C GLY F 228 2.73 -1.99 -25.05
N ASP F 229 3.93 -1.84 -25.61
CA ASP F 229 4.97 -2.86 -25.50
C ASP F 229 6.00 -2.54 -24.44
N HIS F 230 6.29 -1.28 -24.20
CA HIS F 230 7.41 -0.94 -23.34
C HIS F 230 7.10 -1.27 -21.90
N VAL F 231 8.14 -1.60 -21.15
CA VAL F 231 8.04 -1.96 -19.74
C VAL F 231 8.91 -1.01 -18.94
N PHE F 232 8.33 -0.37 -17.92
CA PHE F 232 9.05 0.62 -17.13
C PHE F 232 9.48 -0.02 -15.82
N CYS F 233 10.73 -0.48 -15.77
CA CYS F 233 11.28 -1.19 -14.63
C CYS F 233 12.22 -0.29 -13.83
N ASP F 234 12.47 -0.69 -12.59
CA ASP F 234 13.40 0.00 -11.71
C ASP F 234 14.57 -0.93 -11.44
N THR F 235 15.78 -0.50 -11.79
CA THR F 235 16.91 -1.41 -11.75
C THR F 235 17.38 -1.76 -10.34
N ALA F 236 16.87 -1.10 -9.32
CA ALA F 236 17.32 -1.33 -7.95
C ALA F 236 16.47 -2.35 -7.21
N ALA F 237 15.57 -3.03 -7.90
CA ALA F 237 14.71 -4.03 -7.26
C ALA F 237 14.83 -5.41 -7.89
N GLY F 238 15.82 -5.65 -8.73
CA GLY F 238 16.00 -6.93 -9.38
C GLY F 238 17.08 -7.76 -8.74
N ILE F 239 17.23 -8.99 -9.24
CA ILE F 239 18.17 -9.96 -8.70
C ILE F 239 18.88 -10.63 -9.87
N ASN F 240 20.19 -10.46 -9.96
CA ASN F 240 20.94 -11.03 -11.08
C ASN F 240 20.86 -12.55 -11.02
N VAL F 241 20.29 -13.16 -12.07
CA VAL F 241 20.20 -14.61 -12.16
C VAL F 241 21.07 -15.09 -13.31
N ALA F 242 21.42 -16.37 -13.26
CA ALA F 242 22.31 -16.94 -14.25
C ALA F 242 21.63 -17.03 -15.60
N GLU F 243 22.45 -17.14 -16.64
CA GLU F 243 21.92 -17.18 -18.00
C GLU F 243 21.25 -18.50 -18.33
N GLN F 244 21.52 -19.55 -17.57
CA GLN F 244 20.88 -20.84 -17.80
C GLN F 244 19.44 -20.88 -17.33
N SER F 245 18.97 -19.84 -16.67
CA SER F 245 17.62 -19.83 -16.09
C SER F 245 16.53 -19.70 -17.13
N LYS F 246 16.84 -19.81 -18.42
CA LYS F 246 15.84 -19.95 -19.45
C LYS F 246 15.73 -21.37 -19.96
N GLU F 247 16.30 -22.33 -19.25
CA GLU F 247 16.10 -23.72 -19.59
C GLU F 247 14.91 -24.33 -18.87
N CYS F 248 14.31 -23.60 -17.93
CA CYS F 248 13.10 -24.05 -17.29
C CYS F 248 11.87 -23.89 -18.16
N ASN F 249 12.00 -23.21 -19.29
CA ASN F 249 10.93 -23.07 -20.27
C ASN F 249 11.04 -24.07 -21.41
N ILE F 250 12.03 -24.96 -21.38
CA ILE F 250 12.29 -25.91 -22.44
C ILE F 250 12.28 -27.35 -21.91
N ASN F 251 12.96 -27.57 -20.79
CA ASN F 251 13.03 -28.90 -20.19
C ASN F 251 13.14 -28.69 -18.68
N ILE F 252 12.09 -28.99 -17.94
CA ILE F 252 12.06 -28.63 -16.53
C ILE F 252 12.52 -29.81 -15.68
N SER F 253 12.35 -31.02 -16.19
CA SER F 253 12.68 -32.20 -15.39
C SER F 253 14.12 -32.64 -15.56
N THR F 254 14.58 -32.82 -16.81
CA THR F 254 15.90 -33.37 -17.07
C THR F 254 17.00 -32.31 -17.07
N THR F 255 16.69 -31.06 -16.76
CA THR F 255 17.71 -30.02 -16.73
C THR F 255 18.57 -30.19 -15.48
N ASN F 256 19.52 -29.27 -15.31
CA ASN F 256 20.37 -29.27 -14.13
C ASN F 256 20.36 -27.96 -13.35
N TYR F 257 19.76 -26.90 -13.87
CA TYR F 257 19.50 -25.72 -13.08
C TYR F 257 18.48 -26.04 -11.98
N PRO F 258 18.58 -25.39 -10.83
CA PRO F 258 17.57 -25.59 -9.76
C PRO F 258 16.27 -24.83 -9.94
N CYS F 259 15.34 -25.42 -10.68
CA CYS F 259 14.04 -24.80 -10.93
C CYS F 259 13.15 -24.91 -9.71
N LYS F 260 12.59 -23.78 -9.26
CA LYS F 260 11.86 -23.74 -8.01
C LYS F 260 10.41 -24.17 -8.20
N VAL F 261 9.90 -25.02 -7.30
CA VAL F 261 8.51 -25.43 -7.32
C VAL F 261 7.97 -25.42 -5.90
N SER F 262 6.63 -25.45 -5.80
CA SER F 262 5.92 -25.67 -4.55
C SER F 262 4.95 -26.83 -4.77
N THR F 263 4.84 -27.71 -3.79
CA THR F 263 4.05 -28.92 -3.96
C THR F 263 2.89 -28.94 -2.98
N GLY F 264 2.19 -30.06 -2.94
CA GLY F 264 0.99 -30.16 -2.13
C GLY F 264 0.38 -31.54 -2.25
N ARG F 265 -0.84 -31.67 -1.73
CA ARG F 265 -1.60 -32.91 -1.86
C ARG F 265 -3.09 -32.67 -2.02
N ASN F 266 -3.52 -31.43 -2.26
CA ASN F 266 -4.93 -31.13 -2.42
C ASN F 266 -5.09 -30.21 -3.63
N PRO F 267 -6.07 -30.43 -4.48
CA PRO F 267 -6.23 -29.59 -5.66
C PRO F 267 -6.60 -28.15 -5.29
N ILE F 268 -6.33 -27.25 -6.22
CA ILE F 268 -6.86 -25.90 -6.20
C ILE F 268 -7.39 -25.59 -7.60
N SER F 269 -8.49 -24.86 -7.66
CA SER F 269 -9.10 -24.45 -8.93
C SER F 269 -9.08 -22.94 -9.02
N MET F 270 -8.54 -22.42 -10.12
CA MET F 270 -8.32 -20.99 -10.28
C MET F 270 -8.26 -20.64 -11.75
N VAL F 271 -8.22 -19.34 -12.04
CA VAL F 271 -7.99 -18.81 -13.38
C VAL F 271 -6.89 -17.76 -13.29
N ALA F 272 -5.82 -17.96 -14.04
CA ALA F 272 -4.67 -17.06 -14.02
C ALA F 272 -4.58 -16.36 -15.36
N LEU F 273 -4.97 -15.09 -15.40
CA LEU F 273 -5.03 -14.36 -16.65
C LEU F 273 -3.63 -14.00 -17.13
N SER F 274 -3.33 -14.32 -18.37
CA SER F 274 -2.08 -14.02 -19.04
C SER F 274 -2.29 -12.92 -20.07
N PRO F 275 -1.21 -12.36 -20.65
CA PRO F 275 -1.37 -11.23 -21.57
C PRO F 275 -2.22 -11.51 -22.80
N LEU F 276 -2.23 -12.72 -23.34
CA LEU F 276 -3.01 -12.99 -24.55
C LEU F 276 -3.93 -14.19 -24.34
N GLY F 277 -4.56 -14.32 -23.19
CA GLY F 277 -5.40 -15.48 -22.95
C GLY F 277 -5.65 -15.66 -21.47
N ALA F 278 -5.79 -16.93 -21.07
CA ALA F 278 -5.99 -17.29 -19.67
C ALA F 278 -5.70 -18.77 -19.48
N LEU F 279 -5.32 -19.15 -18.27
CA LEU F 279 -5.04 -20.54 -17.92
C LEU F 279 -6.06 -20.99 -16.88
N VAL F 280 -6.85 -22.00 -17.22
CA VAL F 280 -8.00 -22.40 -16.42
C VAL F 280 -7.76 -23.80 -15.87
N ALA F 281 -7.67 -23.90 -14.55
CA ALA F 281 -7.43 -25.17 -13.86
C ALA F 281 -8.72 -25.63 -13.21
N CYS F 282 -9.36 -26.63 -13.79
CA CYS F 282 -10.64 -27.14 -13.31
C CYS F 282 -10.46 -28.55 -12.79
N TYR F 283 -10.83 -28.77 -11.53
CA TYR F 283 -10.56 -30.03 -10.85
C TYR F 283 -11.85 -30.56 -10.24
N LYS F 284 -11.71 -31.48 -9.28
CA LYS F 284 -12.76 -32.45 -8.95
C LYS F 284 -14.11 -31.82 -8.61
N GLY F 285 -14.12 -30.61 -8.06
CA GLY F 285 -15.40 -30.08 -7.60
C GLY F 285 -16.04 -28.96 -8.39
N VAL F 286 -15.31 -28.33 -9.30
CA VAL F 286 -15.72 -27.07 -9.90
C VAL F 286 -16.16 -27.30 -11.33
N SER F 287 -17.09 -26.47 -11.80
CA SER F 287 -17.61 -26.53 -13.16
C SER F 287 -17.27 -25.24 -13.89
N CYS F 288 -16.74 -25.37 -15.11
CA CYS F 288 -16.23 -24.23 -15.87
C CYS F 288 -16.87 -24.19 -17.25
N SER F 289 -16.86 -22.99 -17.83
CA SER F 289 -17.36 -22.78 -19.19
C SER F 289 -16.79 -21.45 -19.69
N ILE F 290 -16.94 -21.21 -20.98
CA ILE F 290 -16.48 -19.98 -21.60
C ILE F 290 -17.63 -19.38 -22.40
N GLY F 291 -17.54 -18.08 -22.63
CA GLY F 291 -18.62 -17.41 -23.32
C GLY F 291 -18.20 -16.28 -24.23
N SER F 292 -19.19 -15.50 -24.69
CA SER F 292 -18.95 -14.35 -25.54
C SER F 292 -19.87 -13.22 -25.09
N ASN F 293 -19.58 -12.02 -25.60
CA ASN F 293 -20.38 -10.85 -25.24
C ASN F 293 -21.73 -10.81 -25.93
N ARG F 294 -21.90 -11.60 -27.00
CA ARG F 294 -23.13 -11.58 -27.79
C ARG F 294 -23.90 -12.89 -27.68
N VAL F 295 -23.24 -14.03 -27.92
CA VAL F 295 -23.92 -15.29 -28.13
C VAL F 295 -23.88 -16.17 -26.87
N GLY F 296 -23.63 -15.57 -25.70
CA GLY F 296 -23.74 -16.31 -24.45
C GLY F 296 -22.72 -17.43 -24.35
N ILE F 297 -23.13 -18.54 -23.74
CA ILE F 297 -22.21 -19.65 -23.47
C ILE F 297 -21.78 -20.29 -24.77
N ILE F 298 -20.59 -20.89 -24.76
CA ILE F 298 -20.01 -21.55 -25.93
C ILE F 298 -19.87 -23.06 -25.70
N LYS F 299 -19.16 -23.45 -24.65
CA LYS F 299 -18.93 -24.87 -24.39
C LYS F 299 -18.48 -25.05 -22.95
N GLN F 300 -18.39 -26.31 -22.54
CA GLN F 300 -17.98 -26.71 -21.21
C GLN F 300 -16.63 -27.39 -21.27
N LEU F 301 -15.70 -26.97 -20.42
CA LEU F 301 -14.35 -27.50 -20.43
C LEU F 301 -14.29 -28.84 -19.69
N ASN F 302 -13.14 -29.50 -19.79
CA ASN F 302 -12.90 -30.78 -19.14
C ASN F 302 -12.06 -30.59 -17.89
N LYS F 303 -11.78 -31.69 -17.21
CA LYS F 303 -10.88 -31.66 -16.06
C LYS F 303 -9.43 -31.56 -16.55
N GLY F 304 -8.55 -31.11 -15.65
CA GLY F 304 -7.19 -30.80 -16.03
C GLY F 304 -7.06 -29.36 -16.44
N CYS F 305 -5.84 -28.96 -16.78
CA CYS F 305 -5.54 -27.58 -17.10
C CYS F 305 -5.55 -27.36 -18.61
N SER F 306 -6.08 -26.22 -19.03
CA SER F 306 -6.24 -25.93 -20.45
C SER F 306 -5.99 -24.45 -20.70
N TYR F 307 -5.68 -24.13 -21.96
CA TYR F 307 -5.30 -22.79 -22.38
C TYR F 307 -6.38 -22.25 -23.30
N ILE F 308 -6.84 -21.04 -23.02
CA ILE F 308 -7.98 -20.44 -23.71
C ILE F 308 -7.49 -19.18 -24.41
N THR F 309 -7.44 -19.23 -25.73
CA THR F 309 -6.99 -18.11 -26.53
C THR F 309 -7.97 -16.96 -26.42
N ASN F 310 -7.47 -15.73 -26.44
CA ASN F 310 -8.39 -14.61 -26.36
C ASN F 310 -9.01 -14.27 -27.69
N GLN F 311 -8.94 -15.17 -28.66
CA GLN F 311 -9.71 -15.07 -29.89
C GLN F 311 -10.89 -16.02 -29.93
N ASP F 312 -10.99 -16.93 -28.97
CA ASP F 312 -12.10 -17.85 -28.87
C ASP F 312 -13.19 -17.37 -27.93
N ALA F 313 -12.83 -16.61 -26.90
CA ALA F 313 -13.76 -16.31 -25.84
C ALA F 313 -13.51 -14.90 -25.32
N ASP F 314 -14.52 -14.34 -24.66
CA ASP F 314 -14.40 -13.07 -23.97
C ASP F 314 -14.57 -13.18 -22.47
N THR F 315 -15.19 -14.25 -21.99
CA THR F 315 -15.39 -14.45 -20.56
C THR F 315 -15.10 -15.90 -20.21
N VAL F 316 -14.61 -16.12 -18.99
CA VAL F 316 -14.35 -17.46 -18.47
C VAL F 316 -14.96 -17.55 -17.08
N THR F 317 -15.63 -18.67 -16.80
CA THR F 317 -16.46 -18.82 -15.61
C THR F 317 -15.95 -19.94 -14.72
N ILE F 318 -15.79 -19.67 -13.43
CA ILE F 318 -15.42 -20.67 -12.44
C ILE F 318 -16.57 -20.79 -11.45
N ASP F 319 -17.51 -21.66 -11.77
CA ASP F 319 -18.58 -22.14 -10.91
C ASP F 319 -19.61 -21.08 -10.52
N ASN F 320 -19.22 -19.80 -10.48
CA ASN F 320 -20.19 -18.72 -10.42
C ASN F 320 -19.68 -17.39 -10.98
N THR F 321 -18.46 -17.30 -11.45
CA THR F 321 -17.78 -16.03 -11.61
C THR F 321 -17.57 -15.74 -13.10
N VAL F 322 -17.23 -14.49 -13.43
CA VAL F 322 -16.95 -14.09 -14.80
C VAL F 322 -15.66 -13.28 -14.84
N TYR F 323 -14.73 -13.70 -15.68
CA TYR F 323 -13.45 -13.02 -15.88
C TYR F 323 -13.37 -12.50 -17.31
N GLN F 324 -12.80 -11.32 -17.48
CA GLN F 324 -12.73 -10.67 -18.78
C GLN F 324 -11.33 -10.85 -19.37
N LEU F 325 -11.25 -11.54 -20.51
CA LEU F 325 -9.98 -11.68 -21.20
C LEU F 325 -9.54 -10.34 -21.78
N SER F 326 -8.23 -10.17 -21.91
CA SER F 326 -7.67 -8.96 -22.48
C SER F 326 -7.65 -9.04 -24.00
N LYS F 327 -8.00 -7.93 -24.65
CA LYS F 327 -8.05 -7.85 -26.10
C LYS F 327 -6.77 -7.18 -26.60
N VAL F 328 -5.76 -8.01 -26.88
CA VAL F 328 -4.47 -7.57 -27.40
C VAL F 328 -4.07 -8.49 -28.52
N GLU F 329 -3.56 -7.94 -29.61
CA GLU F 329 -3.20 -8.73 -30.77
C GLU F 329 -1.84 -9.38 -30.60
N GLY F 330 -1.72 -10.63 -31.04
CA GLY F 330 -0.46 -11.33 -30.93
C GLY F 330 -0.49 -12.68 -31.62
N GLU F 331 0.42 -13.58 -31.23
CA GLU F 331 0.48 -14.93 -31.74
C GLU F 331 0.40 -15.92 -30.58
N GLN F 332 -0.18 -17.08 -30.85
CA GLN F 332 -0.32 -18.12 -29.84
C GLN F 332 0.28 -19.42 -30.37
N HIS F 333 1.00 -20.11 -29.51
CA HIS F 333 1.65 -21.37 -29.86
C HIS F 333 1.42 -22.36 -28.74
N VAL F 334 1.47 -23.65 -29.08
CA VAL F 334 1.30 -24.73 -28.12
C VAL F 334 2.47 -25.67 -28.23
N ILE F 335 3.13 -25.94 -27.12
CA ILE F 335 4.33 -26.77 -27.06
C ILE F 335 3.95 -28.07 -26.36
N LYS F 336 3.91 -29.17 -27.11
CA LYS F 336 3.40 -30.41 -26.58
C LYS F 336 4.33 -30.99 -25.51
N GLY F 337 3.80 -31.93 -24.75
CA GLY F 337 4.59 -32.58 -23.72
C GLY F 337 3.68 -33.31 -22.75
N ARG F 338 4.31 -34.07 -21.87
CA ARG F 338 3.57 -34.81 -20.86
C ARG F 338 3.86 -34.23 -19.49
N PRO F 339 2.84 -33.86 -18.72
CA PRO F 339 3.07 -33.06 -17.51
C PRO F 339 3.97 -33.75 -16.52
N VAL F 340 4.72 -32.96 -15.75
CA VAL F 340 5.70 -33.52 -14.84
C VAL F 340 5.01 -34.30 -13.74
N SER F 341 3.92 -33.76 -13.19
CA SER F 341 3.23 -34.37 -12.07
C SER F 341 2.49 -35.65 -12.43
N SER F 342 2.60 -36.12 -13.66
CA SER F 342 2.11 -37.44 -14.01
C SER F 342 3.17 -38.52 -13.84
N SER F 343 4.40 -38.15 -13.48
CA SER F 343 5.45 -39.12 -13.22
C SER F 343 5.58 -39.47 -11.74
N PHE F 344 4.83 -38.82 -10.86
CA PHE F 344 4.89 -39.09 -9.44
C PHE F 344 3.87 -40.16 -9.08
N ASP F 345 4.07 -40.76 -7.90
CA ASP F 345 3.11 -41.69 -7.34
C ASP F 345 2.36 -40.98 -6.23
N PRO F 346 1.03 -40.88 -6.28
CA PRO F 346 0.33 -40.12 -5.24
C PRO F 346 0.56 -40.64 -3.84
N ILE F 347 0.73 -41.94 -3.68
CA ILE F 347 1.28 -42.47 -2.43
C ILE F 347 2.79 -42.27 -2.45
N LYS F 348 3.38 -42.03 -1.29
CA LYS F 348 4.80 -41.77 -1.10
C LYS F 348 5.27 -40.45 -1.72
N PHE F 349 4.34 -39.60 -2.16
CA PHE F 349 4.68 -38.22 -2.46
C PHE F 349 5.08 -37.51 -1.16
N PRO F 350 6.12 -36.67 -1.19
CA PRO F 350 6.57 -36.00 0.03
C PRO F 350 5.55 -35.01 0.55
N PRO F 351 5.68 -34.56 1.80
CA PRO F 351 4.72 -33.58 2.34
C PRO F 351 4.78 -32.23 1.65
N ASP F 352 4.03 -31.26 2.15
CA ASP F 352 4.00 -29.94 1.54
C ASP F 352 5.35 -29.27 1.62
N GLN F 353 5.76 -28.61 0.53
CA GLN F 353 7.02 -27.90 0.43
C GLN F 353 6.75 -26.50 -0.08
N PHE F 354 7.66 -25.56 0.23
CA PHE F 354 7.48 -24.16 -0.11
C PHE F 354 8.78 -23.62 -0.68
N ASN F 355 8.82 -23.41 -2.00
CA ASN F 355 10.01 -22.94 -2.71
C ASN F 355 11.21 -23.86 -2.49
N VAL F 356 11.10 -25.08 -3.02
CA VAL F 356 12.22 -26.00 -3.06
C VAL F 356 12.51 -26.32 -4.51
N ALA F 357 13.77 -26.56 -4.83
CA ALA F 357 14.14 -26.91 -6.19
C ALA F 357 13.52 -28.24 -6.57
N LEU F 358 13.28 -28.43 -7.86
CA LEU F 358 12.71 -29.69 -8.32
C LEU F 358 13.71 -30.83 -8.31
N ASP F 359 15.00 -30.55 -8.14
CA ASP F 359 15.97 -31.63 -8.00
C ASP F 359 15.85 -32.34 -6.67
N GLN F 360 15.16 -31.73 -5.70
CA GLN F 360 15.11 -32.26 -4.34
C GLN F 360 13.82 -32.98 -4.04
N VAL F 361 12.74 -32.69 -4.76
CA VAL F 361 11.54 -33.50 -4.65
C VAL F 361 11.77 -34.86 -5.27
N PHE F 362 12.71 -34.98 -6.19
CA PHE F 362 13.08 -36.29 -6.72
C PHE F 362 14.06 -37.03 -5.81
N GLU F 363 14.94 -36.30 -5.12
CA GLU F 363 15.85 -36.94 -4.17
C GLU F 363 15.10 -37.45 -2.95
N ASN F 364 14.17 -36.65 -2.43
CA ASN F 364 13.45 -37.03 -1.23
C ASN F 364 12.71 -38.35 -1.45
N ILE F 365 12.19 -38.56 -2.66
CA ILE F 365 11.53 -39.81 -2.99
C ILE F 365 12.54 -40.95 -3.09
N GLU F 366 13.73 -40.66 -3.66
CA GLU F 366 14.71 -41.71 -3.87
C GLU F 366 15.36 -42.15 -2.57
N ASN F 367 15.68 -41.20 -1.68
CA ASN F 367 16.36 -41.56 -0.44
C ASN F 367 15.49 -42.47 0.42
N SER F 368 14.21 -42.14 0.55
CA SER F 368 13.34 -42.94 1.39
C SER F 368 13.13 -44.33 0.83
N GLN F 369 13.25 -44.50 -0.47
CA GLN F 369 13.10 -45.81 -1.09
C GLN F 369 14.36 -46.65 -0.93
N ALA F 370 15.53 -46.03 -0.89
CA ALA F 370 16.77 -46.78 -0.77
C ALA F 370 16.85 -47.51 0.57
N TRP F 371 16.39 -46.87 1.64
CA TRP F 371 16.43 -47.51 2.96
C TRP F 371 15.49 -48.71 3.01
N VAL F 372 14.31 -48.61 2.40
CA VAL F 372 13.39 -49.73 2.37
C VAL F 372 13.99 -50.92 1.64
N ARG F 373 14.63 -50.66 0.49
CA ARG F 373 15.28 -51.73 -0.25
C ARG F 373 16.48 -52.29 0.50
N LYS F 374 17.27 -51.42 1.14
CA LYS F 374 18.41 -51.89 1.90
C LYS F 374 17.96 -52.73 3.09
N PHE F 375 16.85 -52.37 3.70
CA PHE F 375 16.43 -53.01 4.94
C PHE F 375 15.90 -54.41 4.70
N ASP F 376 15.44 -54.71 3.49
CA ASP F 376 14.90 -56.04 3.21
C ASP F 376 15.97 -57.06 2.90
N GLU F 377 17.16 -56.63 2.48
CA GLU F 377 18.24 -57.58 2.24
C GLU F 377 18.88 -58.06 3.53
N ILE F 378 19.04 -57.14 4.50
CA ILE F 378 19.68 -57.51 5.76
C ILE F 378 18.89 -58.57 6.49
N LEU F 379 17.56 -58.51 6.42
CA LEU F 379 16.74 -59.48 7.13
C LEU F 379 16.95 -60.89 6.59
N SER F 380 17.11 -61.01 5.26
CA SER F 380 17.23 -62.34 4.67
C SER F 380 18.53 -63.02 5.08
N SER F 381 19.65 -62.32 4.97
CA SER F 381 20.95 -62.95 5.22
C SER F 381 21.11 -63.38 6.66
N ILE F 382 20.27 -62.88 7.57
CA ILE F 382 20.37 -63.26 8.97
C ILE F 382 20.06 -64.74 9.14
N GLU F 383 18.98 -65.21 8.53
CA GLU F 383 18.59 -66.61 8.63
C GLU F 383 18.54 -67.32 7.30
N LYS F 384 17.98 -66.69 6.27
CA LYS F 384 17.82 -67.37 4.99
C LYS F 384 19.17 -67.70 4.35
N GLY F 385 20.13 -66.78 4.46
CA GLY F 385 21.45 -66.99 3.90
C GLY F 385 22.21 -68.12 4.56
#